data_5VTW
#
_entry.id   5VTW
#
_cell.length_a   208.650
_cell.length_b   131.530
_cell.length_c   72.728
_cell.angle_alpha   90.00
_cell.angle_beta   98.05
_cell.angle_gamma   90.00
#
_symmetry.space_group_name_H-M   'C 1 2 1'
#
loop_
_entity.id
_entity.type
_entity.pdbx_description
1 polymer 'Hemagglutinin HA1 chain'
2 polymer 'Hemagglutinin HA2 chain'
3 branched beta-D-mannopyranose-(1-4)-2-acetamido-2-deoxy-beta-D-glucopyranose-(1-4)-2-acetamido-2-deoxy-beta-D-glucopyranose
4 branched 2-acetamido-2-deoxy-beta-D-glucopyranose-(1-4)-2-acetamido-2-deoxy-beta-D-glucopyranose
5 branched 'N-acetyl-alpha-neuraminic acid-(2-6)-beta-D-galactopyranose'
6 branched alpha-D-mannopyranose-(1-3)-beta-D-mannopyranose-(1-4)-2-acetamido-2-deoxy-beta-D-glucopyranose-(1-4)-2-acetamido-2-deoxy-beta-D-glucopyranose
7 non-polymer 2-acetamido-2-deoxy-beta-D-glucopyranose
8 non-polymer 'N-acetyl-alpha-neuraminic acid'
9 non-polymer TRIS(HYDROXYETHYL)AMINOMETHANE
10 water water
#
loop_
_entity_poly.entity_id
_entity_poly.type
_entity_poly.pdbx_seq_one_letter_code
_entity_poly.pdbx_strand_id
1 'polypeptide(L)'
;ADPGATLCLGHHAVPNGTLVKTITDDQIEVTNATELVQSSSTGKICNNPHRILDGIDCTLIDALLGDPHCDVFQNETWDL
FVERSKAFSNCYPYDVPDYASLRSLVASSGTLEFITEGFTWTGVTQNGGSNACKRGPGSGFFSRLNWLTKSGSTYPVLNV
TMPNNDNFDKLYIWGVHHPSTNQEQTSLYVQASGRVTVSTRRSQQTIIPNIGSRPWVRMTSARISIYWTIVKPGDVLVIN
SNGNLIAPRGYFKMRTGKSSIMRSDAPIDTCISECITPNGSIPNDKPFQNVNKITYGACPKYVKQNTLKLATGMRNVPEK
QTR
;
A,C,E
2 'polypeptide(L)'
;GLFGAIAGFIENGWEGMIDGWYGFRHQNSEGTGQAADLKSTQAAIDQINGKLNRVIEKTNEKFHQIEKEFSEVEGRIQDL
EKYVEDTKIDLWSYNAELLVALENQHTIDLTDSEMNKLFEKTGRQLRENAEDMGNGCFKIYHKCDNACIESIRNGTYDHD
VYRDEALNNRFQIK
;
B,D,F
#
# COMPACT_ATOMS: atom_id res chain seq x y z
N PRO A 3 54.86 -42.84 -6.53
CA PRO A 3 54.59 -41.74 -5.60
C PRO A 3 54.19 -40.46 -6.33
N GLY A 4 52.90 -40.10 -6.21
CA GLY A 4 52.31 -38.99 -6.97
C GLY A 4 52.08 -37.74 -6.13
N ALA A 5 50.90 -37.14 -6.26
CA ALA A 5 50.56 -35.90 -5.55
C ALA A 5 49.05 -35.74 -5.38
N THR A 6 48.65 -35.03 -4.33
CA THR A 6 47.24 -34.69 -4.10
C THR A 6 47.07 -33.19 -4.30
N LEU A 7 45.96 -32.81 -4.94
CA LEU A 7 45.59 -31.40 -5.10
C LEU A 7 44.17 -31.23 -4.64
N CYS A 8 44.00 -30.54 -3.51
CA CYS A 8 42.69 -30.34 -2.89
C CYS A 8 42.18 -28.92 -3.11
N LEU A 9 40.94 -28.83 -3.60
CA LEU A 9 40.23 -27.56 -3.74
C LEU A 9 39.44 -27.30 -2.47
N GLY A 10 39.36 -26.03 -2.08
CA GLY A 10 38.61 -25.66 -0.90
C GLY A 10 38.27 -24.19 -0.83
N HIS A 11 37.68 -23.82 0.30
CA HIS A 11 37.21 -22.45 0.54
C HIS A 11 37.50 -22.07 1.98
N HIS A 12 37.42 -20.77 2.25
CA HIS A 12 37.73 -20.26 3.57
C HIS A 12 36.60 -20.48 4.55
N ALA A 13 36.94 -20.35 5.82
CA ALA A 13 35.98 -20.30 6.92
C ALA A 13 36.53 -19.31 7.93
N VAL A 14 35.70 -18.88 8.86
CA VAL A 14 36.14 -17.96 9.91
C VAL A 14 35.77 -18.59 11.24
N PRO A 15 36.40 -18.12 12.34
CA PRO A 15 36.05 -18.71 13.64
C PRO A 15 34.67 -18.25 14.13
N ASN A 16 34.37 -16.96 13.94
CA ASN A 16 33.16 -16.32 14.42
C ASN A 16 32.25 -15.85 13.26
N GLY A 17 31.35 -16.72 12.80
CA GLY A 17 30.41 -16.37 11.71
C GLY A 17 29.20 -15.55 12.16
N THR A 18 28.26 -15.31 11.25
CA THR A 18 27.00 -14.57 11.52
C THR A 18 25.79 -15.34 11.00
N LEU A 19 24.70 -15.30 11.77
CA LEU A 19 23.45 -15.96 11.39
C LEU A 19 22.62 -15.04 10.49
N VAL A 20 22.11 -15.61 9.40
CA VAL A 20 21.19 -14.92 8.52
C VAL A 20 19.98 -15.79 8.21
N LYS A 21 18.96 -15.15 7.67
CA LYS A 21 17.75 -15.82 7.23
C LYS A 21 17.81 -16.04 5.72
N THR A 22 17.20 -17.13 5.26
CA THR A 22 17.12 -17.46 3.85
C THR A 22 15.69 -17.93 3.53
N ILE A 23 15.48 -18.42 2.31
CA ILE A 23 14.20 -19.03 1.91
C ILE A 23 13.91 -20.29 2.72
N THR A 24 14.93 -21.12 2.93
CA THR A 24 14.76 -22.42 3.58
C THR A 24 15.09 -22.45 5.07
N ASP A 25 15.90 -21.51 5.57
CA ASP A 25 16.36 -21.53 6.97
C ASP A 25 16.07 -20.20 7.64
N ASP A 26 15.42 -20.21 8.82
CA ASP A 26 15.34 -18.94 9.58
C ASP A 26 16.66 -18.53 10.25
N GLN A 27 17.62 -19.45 10.40
CA GLN A 27 18.98 -19.13 10.88
C GLN A 27 19.99 -20.06 10.21
N ILE A 28 20.94 -19.47 9.51
CA ILE A 28 22.04 -20.23 8.96
C ILE A 28 23.29 -19.35 8.97
N GLU A 29 24.43 -19.97 9.16
CA GLU A 29 25.66 -19.26 9.45
C GLU A 29 26.44 -18.97 8.17
N VAL A 30 26.83 -17.72 7.99
CA VAL A 30 27.67 -17.29 6.88
C VAL A 30 28.90 -16.59 7.43
N THR A 31 29.89 -16.35 6.57
CA THR A 31 31.17 -15.77 7.01
C THR A 31 31.05 -14.32 7.42
N ASN A 32 30.11 -13.59 6.84
CA ASN A 32 29.92 -12.17 7.16
C ASN A 32 28.55 -11.69 6.71
N ALA A 33 28.08 -10.61 7.30
CA ALA A 33 26.84 -9.97 6.89
C ALA A 33 26.86 -8.51 7.27
N THR A 34 25.86 -7.78 6.79
CA THR A 34 25.76 -6.35 7.01
C THR A 34 24.31 -5.99 7.36
N GLU A 35 24.18 -5.02 8.28
CA GLU A 35 22.89 -4.60 8.82
C GLU A 35 22.18 -3.69 7.83
N LEU A 36 20.94 -4.01 7.49
CA LEU A 36 20.11 -3.16 6.61
C LEU A 36 19.09 -2.28 7.34
N VAL A 37 18.95 -2.43 8.67
CA VAL A 37 18.02 -1.59 9.45
C VAL A 37 18.77 -0.64 10.37
N GLN A 38 18.56 0.67 10.18
CA GLN A 38 19.09 1.68 11.06
C GLN A 38 18.22 1.75 12.32
N SER A 39 18.79 1.45 13.48
CA SER A 39 18.02 1.36 14.73
C SER A 39 18.41 2.37 15.81
N SER A 40 19.42 3.18 15.57
CA SER A 40 19.85 4.18 16.55
C SER A 40 19.84 5.56 15.93
N SER A 41 19.80 6.55 16.82
CA SER A 41 19.88 7.96 16.49
C SER A 41 20.90 8.59 17.44
N THR A 42 21.51 9.69 17.04
CA THR A 42 22.29 10.53 17.96
C THR A 42 21.47 11.19 19.08
N GLY A 43 20.14 11.33 18.89
CA GLY A 43 19.32 12.07 19.84
C GLY A 43 19.26 13.58 19.58
N LYS A 44 19.90 14.01 18.48
CA LYS A 44 20.01 15.42 18.14
C LYS A 44 19.59 15.65 16.69
N ILE A 45 18.89 16.75 16.45
CA ILE A 45 18.49 17.17 15.11
C ILE A 45 19.62 17.99 14.53
N CYS A 46 20.24 17.48 13.46
CA CYS A 46 21.27 18.24 12.76
C CYS A 46 20.72 19.53 12.09
N ASN A 47 21.42 20.63 12.33
CA ASN A 47 21.02 21.94 11.79
C ASN A 47 21.31 22.17 10.30
N ASN A 48 22.02 21.25 9.64
CA ASN A 48 22.23 21.25 8.19
C ASN A 48 21.91 19.87 7.59
N PRO A 49 21.53 19.79 6.29
CA PRO A 49 21.38 20.91 5.36
C PRO A 49 19.99 21.54 5.29
N HIS A 50 19.02 21.08 6.08
CA HIS A 50 17.68 21.65 6.06
C HIS A 50 17.62 22.85 7.00
N ARG A 51 16.89 23.89 6.60
CA ARG A 51 16.62 25.03 7.49
C ARG A 51 15.61 24.64 8.59
N ILE A 52 16.14 24.44 9.81
CA ILE A 52 15.37 24.05 10.98
C ILE A 52 15.00 25.31 11.74
N LEU A 53 13.71 25.48 12.04
CA LEU A 53 13.27 26.58 12.86
C LEU A 53 12.65 25.98 14.12
N ASP A 54 13.30 26.27 15.24
CA ASP A 54 12.89 25.81 16.55
C ASP A 54 11.77 26.72 17.06
N GLY A 55 10.59 26.15 17.28
CA GLY A 55 9.45 26.91 17.79
C GLY A 55 9.61 27.38 19.21
N ILE A 56 10.54 26.78 19.95
CA ILE A 56 10.78 27.07 21.36
C ILE A 56 9.44 26.97 22.13
N ASP A 57 8.89 28.09 22.58
CA ASP A 57 7.65 28.13 23.36
C ASP A 57 6.41 28.33 22.48
N CYS A 58 6.55 28.28 21.17
CA CYS A 58 5.49 28.68 20.26
C CYS A 58 5.06 27.54 19.36
N THR A 59 3.74 27.37 19.20
CA THR A 59 3.19 26.56 18.12
C THR A 59 3.24 27.40 16.85
N LEU A 60 3.23 26.73 15.72
CA LEU A 60 3.15 27.42 14.43
C LEU A 60 1.94 28.36 14.35
N ILE A 61 0.80 27.92 14.86
CA ILE A 61 -0.43 28.73 14.77
C ILE A 61 -0.33 30.02 15.63
N ASP A 62 0.27 29.92 16.82
CA ASP A 62 0.50 31.11 17.65
C ASP A 62 1.50 32.08 17.01
N ALA A 63 2.52 31.55 16.35
CA ALA A 63 3.43 32.38 15.56
C ALA A 63 2.70 33.05 14.41
N LEU A 64 1.85 32.30 13.71
CA LEU A 64 1.02 32.82 12.61
C LEU A 64 0.13 33.98 13.08
N LEU A 65 -0.64 33.77 14.14
CA LEU A 65 -1.59 34.79 14.62
C LEU A 65 -0.87 36.02 15.20
N GLY A 66 0.30 35.78 15.81
CA GLY A 66 1.08 36.81 16.43
C GLY A 66 0.78 37.02 17.89
N ASP A 67 0.71 35.92 18.63
CA ASP A 67 0.80 35.89 20.11
C ASP A 67 2.10 36.64 20.52
N PRO A 68 2.03 37.61 21.46
CA PRO A 68 3.21 38.45 21.75
C PRO A 68 4.50 37.73 22.05
N HIS A 69 4.47 36.66 22.83
CA HIS A 69 5.71 35.90 23.08
C HIS A 69 6.24 35.16 21.85
N CYS A 70 5.46 35.14 20.75
CA CYS A 70 5.88 34.59 19.46
C CYS A 70 6.26 35.65 18.39
N ASP A 71 6.35 36.93 18.79
CA ASP A 71 6.67 37.99 17.83
C ASP A 71 8.02 37.82 17.15
N VAL A 72 8.98 37.19 17.83
CA VAL A 72 10.28 36.88 17.19
C VAL A 72 10.16 36.00 15.93
N PHE A 73 9.06 35.28 15.74
CA PHE A 73 8.86 34.48 14.52
C PHE A 73 8.29 35.25 13.32
N GLN A 74 7.97 36.53 13.47
CA GLN A 74 7.44 37.32 12.36
C GLN A 74 8.27 37.18 11.09
N ASN A 75 7.61 36.94 9.95
CA ASN A 75 8.27 36.76 8.65
C ASN A 75 9.29 35.62 8.54
N GLU A 76 9.31 34.70 9.49
CA GLU A 76 10.29 33.60 9.47
C GLU A 76 9.99 32.60 8.36
N THR A 77 11.00 31.80 8.03
CA THR A 77 10.85 30.75 7.04
C THR A 77 11.54 29.52 7.55
N TRP A 78 11.21 28.38 6.96
CA TRP A 78 11.74 27.08 7.38
C TRP A 78 11.59 26.04 6.30
N ASP A 79 12.45 25.03 6.36
CA ASP A 79 12.21 23.75 5.72
C ASP A 79 11.42 22.85 6.70
N LEU A 80 11.84 22.83 7.97
CA LEU A 80 11.17 22.06 9.00
C LEU A 80 10.98 22.91 10.24
N PHE A 81 9.72 23.18 10.59
CA PHE A 81 9.35 23.85 11.82
C PHE A 81 9.23 22.81 12.91
N VAL A 82 9.92 23.00 14.03
CA VAL A 82 9.94 22.02 15.10
C VAL A 82 9.11 22.54 16.29
N GLU A 83 7.99 21.88 16.57
CA GLU A 83 7.11 22.24 17.69
C GLU A 83 7.54 21.45 18.93
N ARG A 84 7.71 22.14 20.04
CA ARG A 84 8.15 21.56 21.31
C ARG A 84 6.97 21.28 22.25
N SER A 85 7.09 20.27 23.09
CA SER A 85 5.99 19.94 24.02
C SER A 85 5.80 20.99 25.12
N LYS A 86 6.83 21.77 25.40
CA LYS A 86 6.69 22.91 26.33
C LYS A 86 5.94 24.13 25.78
N ALA A 87 5.55 24.15 24.49
CA ALA A 87 4.91 25.32 23.92
C ALA A 87 3.61 25.66 24.65
N PHE A 88 3.29 26.95 24.70
CA PHE A 88 2.07 27.43 25.36
C PHE A 88 1.54 28.67 24.66
N SER A 89 0.24 28.88 24.79
CA SER A 89 -0.43 30.09 24.31
C SER A 89 -0.53 31.09 25.42
N ASN A 90 -0.44 32.37 25.10
CA ASN A 90 -0.51 33.43 26.11
C ASN A 90 -1.19 34.71 25.63
N CYS A 91 -2.24 34.54 24.84
CA CYS A 91 -2.99 35.65 24.28
C CYS A 91 -4.49 35.38 24.49
N TYR A 92 -5.36 35.98 23.68
CA TYR A 92 -6.79 35.77 23.84
C TYR A 92 -7.10 34.31 23.55
N PRO A 93 -7.97 33.69 24.36
CA PRO A 93 -8.24 32.28 24.09
C PRO A 93 -9.04 32.09 22.81
N TYR A 94 -8.64 31.09 22.04
CA TYR A 94 -9.17 30.92 20.70
C TYR A 94 -9.35 29.45 20.36
N ASP A 95 -10.24 29.16 19.40
CA ASP A 95 -10.20 27.87 18.73
C ASP A 95 -10.08 28.07 17.22
N VAL A 96 -9.62 27.03 16.54
CA VAL A 96 -9.57 27.01 15.10
C VAL A 96 -10.34 25.80 14.63
N PRO A 97 -11.56 26.00 14.11
CA PRO A 97 -12.20 24.87 13.43
C PRO A 97 -11.27 24.39 12.31
N ASP A 98 -11.02 23.11 12.27
CA ASP A 98 -10.03 22.58 11.34
C ASP A 98 -8.61 23.12 11.57
N TYR A 99 -8.26 23.24 12.85
CA TYR A 99 -6.91 23.54 13.29
C TYR A 99 -5.87 22.76 12.50
N ALA A 100 -6.04 21.45 12.42
CA ALA A 100 -5.06 20.59 11.77
C ALA A 100 -4.77 20.98 10.32
N SER A 101 -5.80 21.39 9.58
CA SER A 101 -5.65 21.81 8.18
C SER A 101 -4.90 23.14 8.05
N LEU A 102 -5.26 24.13 8.87
CA LEU A 102 -4.54 25.39 8.86
C LEU A 102 -3.06 25.18 9.20
N ARG A 103 -2.79 24.43 10.27
CA ARG A 103 -1.42 24.07 10.64
C ARG A 103 -0.69 23.41 9.49
N SER A 104 -1.37 22.48 8.80
CA SER A 104 -0.76 21.76 7.70
C SER A 104 -0.43 22.67 6.51
N LEU A 105 -1.37 23.51 6.10
CA LEU A 105 -1.17 24.33 4.92
C LEU A 105 -0.09 25.41 5.20
N VAL A 106 -0.05 25.97 6.41
CA VAL A 106 1.01 26.92 6.74
C VAL A 106 2.37 26.20 6.78
N ALA A 107 2.44 25.08 7.46
CA ALA A 107 3.69 24.30 7.58
C ALA A 107 4.28 23.99 6.22
N SER A 108 3.41 23.61 5.32
CA SER A 108 3.79 23.22 3.96
C SER A 108 4.23 24.40 3.09
N SER A 109 3.62 25.55 3.32
CA SER A 109 3.98 26.80 2.66
C SER A 109 5.38 27.31 3.05
N GLY A 110 5.84 27.01 4.27
CA GLY A 110 7.22 27.28 4.66
C GLY A 110 7.57 28.72 5.03
N THR A 111 6.57 29.59 5.16
CA THR A 111 6.79 31.00 5.42
C THR A 111 5.65 31.66 6.21
N LEU A 112 6.02 32.65 7.02
CA LEU A 112 5.08 33.54 7.69
C LEU A 112 5.18 35.00 7.19
N GLU A 113 5.74 35.21 5.99
CA GLU A 113 5.80 36.53 5.39
C GLU A 113 4.42 37.18 5.33
N PHE A 114 4.29 38.33 5.99
CA PHE A 114 3.03 39.03 6.10
C PHE A 114 3.14 40.39 5.42
N ILE A 115 2.14 40.71 4.59
CA ILE A 115 2.08 41.98 3.86
C ILE A 115 0.85 42.69 4.37
N THR A 116 1.07 43.82 5.03
CA THR A 116 -0.01 44.65 5.54
C THR A 116 -0.73 45.30 4.38
N GLU A 117 -2.06 45.39 4.49
CA GLU A 117 -2.91 46.00 3.45
C GLU A 117 -3.77 47.06 4.11
N GLY A 118 -4.10 48.10 3.36
CA GLY A 118 -4.84 49.24 3.90
C GLY A 118 -6.34 49.06 3.86
N PHE A 119 -6.86 48.22 4.75
CA PHE A 119 -8.31 48.09 4.91
C PHE A 119 -8.85 49.37 5.53
N THR A 120 -10.03 49.79 5.09
CA THR A 120 -10.70 50.97 5.64
C THR A 120 -11.94 50.48 6.38
N TRP A 121 -11.94 50.67 7.70
CA TRP A 121 -13.01 50.20 8.55
C TRP A 121 -13.77 51.43 9.04
N THR A 122 -14.65 51.93 8.19
CA THR A 122 -15.36 53.18 8.45
C THR A 122 -16.37 53.06 9.59
N GLY A 123 -16.21 53.89 10.63
CA GLY A 123 -17.18 54.02 11.71
C GLY A 123 -17.04 53.05 12.87
N VAL A 124 -15.88 52.39 12.98
CA VAL A 124 -15.58 51.50 14.12
C VAL A 124 -14.26 51.89 14.76
N THR A 125 -14.08 51.45 16.01
CA THR A 125 -12.82 51.61 16.72
C THR A 125 -11.93 50.42 16.37
N GLN A 126 -10.67 50.69 16.03
CA GLN A 126 -9.71 49.64 15.69
C GLN A 126 -8.76 49.37 16.85
N ASN A 127 -7.96 48.33 16.68
CA ASN A 127 -6.87 47.97 17.60
C ASN A 127 -7.29 47.64 19.03
N GLY A 128 -8.41 46.96 19.18
CA GLY A 128 -8.86 46.52 20.48
C GLY A 128 -7.90 45.51 21.07
N GLY A 129 -7.89 45.44 22.39
CA GLY A 129 -7.02 44.51 23.11
C GLY A 129 -7.60 44.07 24.45
N SER A 130 -6.82 43.26 25.15
CA SER A 130 -7.29 42.58 26.33
C SER A 130 -6.14 42.27 27.24
N ASN A 131 -6.43 42.20 28.53
CA ASN A 131 -5.47 41.75 29.52
C ASN A 131 -5.13 40.27 29.44
N ALA A 132 -5.94 39.52 28.70
CA ALA A 132 -5.60 38.14 28.34
C ALA A 132 -4.37 38.04 27.43
N CYS A 133 -4.00 39.16 26.81
CA CYS A 133 -2.93 39.19 25.82
C CYS A 133 -2.05 40.44 25.99
N LYS A 134 -1.29 40.47 27.09
CA LYS A 134 -0.40 41.57 27.41
C LYS A 134 0.75 41.74 26.43
N ARG A 135 0.97 42.99 26.06
CA ARG A 135 2.02 43.41 25.14
C ARG A 135 2.71 44.58 25.82
N GLY A 136 3.96 44.37 26.22
CA GLY A 136 4.58 45.25 27.20
C GLY A 136 3.75 45.26 28.48
N PRO A 137 3.62 46.42 29.14
CA PRO A 137 2.85 46.47 30.39
C PRO A 137 1.32 46.50 30.19
N GLY A 138 0.83 46.94 29.03
CA GLY A 138 -0.62 47.16 28.83
C GLY A 138 -1.32 46.05 28.09
N SER A 139 -2.63 46.18 27.95
CA SER A 139 -3.42 45.19 27.23
C SER A 139 -3.04 45.20 25.75
N GLY A 140 -3.21 44.05 25.10
CA GLY A 140 -2.89 43.91 23.68
C GLY A 140 -3.66 42.81 22.99
N PHE A 141 -3.14 42.38 21.85
CA PHE A 141 -3.82 41.44 20.98
C PHE A 141 -2.83 40.79 20.03
N PHE A 142 -3.32 39.79 19.31
CA PHE A 142 -2.58 39.14 18.21
C PHE A 142 -2.09 40.18 17.22
N SER A 143 -0.81 40.17 16.86
CA SER A 143 -0.27 41.21 15.98
C SER A 143 -0.88 41.27 14.59
N ARG A 144 -1.35 40.13 14.06
CA ARG A 144 -1.88 40.06 12.70
C ARG A 144 -3.39 40.24 12.60
N LEU A 145 -4.06 40.46 13.72
CA LEU A 145 -5.51 40.62 13.76
C LEU A 145 -5.87 41.98 14.34
N ASN A 146 -7.03 42.48 13.93
CA ASN A 146 -7.49 43.83 14.28
C ASN A 146 -8.89 43.74 14.88
N TRP A 147 -8.97 43.91 16.19
CA TRP A 147 -10.25 43.73 16.90
C TRP A 147 -11.02 45.04 16.75
N LEU A 148 -12.14 44.97 16.03
CA LEU A 148 -12.98 46.13 15.78
C LEU A 148 -14.15 46.17 16.76
N THR A 149 -14.44 47.35 17.28
CA THR A 149 -15.55 47.56 18.21
C THR A 149 -16.23 48.88 17.86
N LYS A 150 -17.34 49.18 18.53
CA LYS A 150 -18.13 50.36 18.21
C LYS A 150 -17.34 51.66 18.34
N SER A 151 -17.79 52.67 17.60
CA SER A 151 -17.30 54.04 17.72
C SER A 151 -18.49 54.92 18.05
N GLY A 152 -18.35 55.76 19.08
CA GLY A 152 -19.50 56.42 19.67
C GLY A 152 -20.47 55.36 20.19
N SER A 153 -21.71 55.40 19.70
CA SER A 153 -22.74 54.43 20.11
C SER A 153 -23.26 53.58 18.94
N THR A 154 -22.47 53.45 17.87
CA THR A 154 -22.88 52.74 16.67
C THR A 154 -21.75 51.84 16.12
N TYR A 155 -22.17 50.74 15.49
CA TYR A 155 -21.29 49.83 14.75
C TYR A 155 -22.02 49.60 13.42
N PRO A 156 -21.56 50.26 12.34
CA PRO A 156 -22.28 50.14 11.07
C PRO A 156 -22.00 48.83 10.36
N VAL A 157 -22.71 48.57 9.27
CA VAL A 157 -22.43 47.43 8.43
C VAL A 157 -21.09 47.69 7.77
N LEU A 158 -20.09 46.88 8.08
CA LEU A 158 -18.79 47.00 7.46
C LEU A 158 -18.85 46.25 6.15
N ASN A 159 -18.32 46.88 5.11
CA ASN A 159 -18.33 46.31 3.78
C ASN A 159 -17.06 46.74 3.08
N VAL A 160 -16.07 45.85 3.00
CA VAL A 160 -14.79 46.20 2.34
C VAL A 160 -14.34 45.16 1.36
N THR A 161 -13.46 45.60 0.47
CA THR A 161 -12.95 44.79 -0.63
C THR A 161 -11.46 44.93 -0.75
N MET A 162 -10.83 43.85 -1.20
CA MET A 162 -9.40 43.83 -1.45
C MET A 162 -9.15 42.87 -2.62
N PRO A 163 -8.93 43.42 -3.83
CA PRO A 163 -8.63 42.53 -4.94
C PRO A 163 -7.21 42.02 -4.87
N ASN A 164 -7.00 40.82 -5.41
CA ASN A 164 -5.69 40.28 -5.61
C ASN A 164 -5.27 40.57 -7.05
N ASN A 165 -4.46 41.62 -7.22
CA ASN A 165 -3.86 41.96 -8.51
C ASN A 165 -2.42 41.47 -8.63
N ASP A 166 -1.97 40.63 -7.70
CA ASP A 166 -0.64 40.03 -7.78
C ASP A 166 -0.73 38.72 -8.55
N ASN A 167 0.41 38.08 -8.78
CA ASN A 167 0.47 36.79 -9.49
C ASN A 167 0.72 35.59 -8.56
N PHE A 168 0.40 35.75 -7.28
CA PHE A 168 0.55 34.73 -6.25
C PHE A 168 -0.74 34.66 -5.41
N ASP A 169 -0.93 33.55 -4.70
CA ASP A 169 -2.09 33.39 -3.82
C ASP A 169 -1.88 34.11 -2.51
N LYS A 170 -2.93 34.72 -1.99
CA LYS A 170 -2.92 35.38 -0.70
C LYS A 170 -3.71 34.52 0.34
N LEU A 171 -3.12 34.31 1.52
CA LEU A 171 -3.81 33.70 2.66
C LEU A 171 -4.23 34.76 3.66
N TYR A 172 -5.52 34.88 3.91
CA TYR A 172 -6.04 35.79 4.91
C TYR A 172 -6.52 35.01 6.13
N ILE A 173 -6.03 35.42 7.31
CA ILE A 173 -6.47 34.88 8.57
C ILE A 173 -7.38 35.91 9.22
N TRP A 174 -8.56 35.49 9.63
CA TRP A 174 -9.52 36.38 10.26
C TRP A 174 -10.24 35.62 11.34
N GLY A 175 -11.11 36.29 12.07
CA GLY A 175 -11.81 35.64 13.14
C GLY A 175 -13.15 36.24 13.48
N VAL A 176 -13.79 35.57 14.43
CA VAL A 176 -15.06 35.96 14.97
C VAL A 176 -15.00 35.90 16.50
N HIS A 177 -15.50 36.94 17.15
CA HIS A 177 -15.49 37.00 18.59
C HIS A 177 -16.82 36.50 19.15
N HIS A 178 -16.74 35.63 20.15
CA HIS A 178 -17.90 35.05 20.80
C HIS A 178 -17.95 35.59 22.22
N PRO A 179 -18.74 36.65 22.47
CA PRO A 179 -18.84 37.15 23.85
C PRO A 179 -19.45 36.15 24.82
N SER A 180 -19.15 36.32 26.10
CA SER A 180 -19.72 35.47 27.15
C SER A 180 -21.16 35.86 27.54
N THR A 181 -21.50 37.14 27.45
CA THR A 181 -22.84 37.63 27.86
C THR A 181 -23.43 38.59 26.85
N ASN A 182 -24.75 38.77 26.91
CA ASN A 182 -25.47 39.72 26.05
C ASN A 182 -25.07 41.17 26.33
N GLN A 183 -24.74 41.45 27.59
CA GLN A 183 -24.26 42.77 27.99
C GLN A 183 -22.94 43.09 27.28
N GLU A 184 -22.06 42.08 27.20
CA GLU A 184 -20.78 42.20 26.50
C GLU A 184 -20.96 42.40 24.98
N GLN A 185 -21.84 41.61 24.38
CA GLN A 185 -22.18 41.73 22.96
C GLN A 185 -22.63 43.14 22.60
N THR A 186 -23.63 43.67 23.32
CA THR A 186 -24.18 44.99 22.99
C THR A 186 -23.23 46.11 23.36
N SER A 187 -22.52 45.95 24.47
CA SER A 187 -21.47 46.88 24.88
C SER A 187 -20.41 47.07 23.80
N LEU A 188 -19.95 45.96 23.22
CA LEU A 188 -18.88 46.00 22.20
C LEU A 188 -19.37 46.32 20.79
N TYR A 189 -20.50 45.76 20.39
CA TYR A 189 -20.92 45.79 18.98
C TYR A 189 -22.31 46.40 18.70
N VAL A 190 -22.99 46.91 19.73
CA VAL A 190 -24.34 47.50 19.64
C VAL A 190 -25.43 46.50 19.30
N GLN A 191 -25.34 45.89 18.11
CA GLN A 191 -26.31 44.90 17.64
C GLN A 191 -26.31 43.69 18.58
N ALA A 192 -27.50 43.18 18.87
CA ALA A 192 -27.69 42.05 19.80
C ALA A 192 -27.15 40.72 19.26
N SER A 193 -27.04 40.63 17.94
CA SER A 193 -26.43 39.49 17.30
C SER A 193 -25.59 39.96 16.11
N GLY A 194 -24.33 39.54 16.07
CA GLY A 194 -23.43 39.89 14.99
C GLY A 194 -23.46 38.88 13.87
N ARG A 195 -22.62 39.13 12.87
CA ARG A 195 -22.48 38.25 11.72
C ARG A 195 -21.23 38.64 10.96
N VAL A 196 -20.52 37.64 10.45
CA VAL A 196 -19.35 37.85 9.63
C VAL A 196 -19.46 37.00 8.37
N THR A 197 -19.35 37.66 7.22
CA THR A 197 -19.37 36.99 5.91
C THR A 197 -18.11 37.37 5.14
N VAL A 198 -17.29 36.37 4.84
CA VAL A 198 -16.07 36.57 4.07
C VAL A 198 -16.19 35.76 2.77
N SER A 199 -15.99 36.42 1.63
CA SER A 199 -16.23 35.76 0.36
C SER A 199 -15.25 36.14 -0.73
N THR A 200 -15.07 35.19 -1.66
CA THR A 200 -14.44 35.43 -2.94
C THR A 200 -15.51 35.23 -4.02
N ARG A 201 -15.13 35.26 -5.29
CA ARG A 201 -16.08 34.98 -6.37
C ARG A 201 -16.71 33.60 -6.32
N ARG A 202 -15.88 32.62 -5.95
CA ARG A 202 -16.22 31.20 -6.03
C ARG A 202 -16.82 30.62 -4.76
N SER A 203 -16.44 31.17 -3.61
CA SER A 203 -16.84 30.60 -2.32
C SER A 203 -17.15 31.65 -1.26
N GLN A 204 -17.72 31.18 -0.15
CA GLN A 204 -18.08 32.06 0.97
C GLN A 204 -18.16 31.30 2.28
N GLN A 205 -17.90 32.02 3.36
CA GLN A 205 -18.07 31.50 4.71
C GLN A 205 -18.89 32.53 5.45
N THR A 206 -19.95 32.10 6.13
CA THR A 206 -20.67 32.98 7.07
C THR A 206 -20.71 32.33 8.43
N ILE A 207 -20.35 33.12 9.44
CA ILE A 207 -20.27 32.67 10.81
C ILE A 207 -21.16 33.56 11.66
N ILE A 208 -22.07 32.94 12.41
CA ILE A 208 -22.88 33.64 13.41
C ILE A 208 -22.20 33.41 14.76
N PRO A 209 -21.90 34.50 15.52
CA PRO A 209 -21.36 34.30 16.86
C PRO A 209 -22.39 33.68 17.80
N ASN A 210 -21.89 33.02 18.83
CA ASN A 210 -22.68 32.33 19.85
C ASN A 210 -22.28 32.92 21.19
N ILE A 211 -23.24 33.56 21.82
CA ILE A 211 -23.00 34.20 23.11
C ILE A 211 -23.09 33.12 24.20
N GLY A 212 -22.19 33.17 25.19
CA GLY A 212 -22.21 32.22 26.31
C GLY A 212 -20.84 32.02 26.96
N SER A 213 -20.84 31.54 28.20
CA SER A 213 -19.60 31.29 28.92
C SER A 213 -18.94 30.03 28.41
N ARG A 214 -17.63 30.12 28.25
CA ARG A 214 -16.71 28.99 28.08
C ARG A 214 -15.82 28.98 29.32
N PRO A 215 -14.95 27.96 29.46
CA PRO A 215 -14.16 27.98 30.69
C PRO A 215 -13.22 29.15 30.68
N TRP A 216 -12.97 29.67 31.86
CA TRP A 216 -12.11 30.81 32.10
C TRP A 216 -10.68 30.47 31.70
N VAL A 217 -10.11 31.24 30.78
CA VAL A 217 -8.72 31.16 30.40
C VAL A 217 -8.17 32.58 30.38
N ARG A 218 -7.11 32.80 31.16
CA ARG A 218 -6.46 34.10 31.27
C ARG A 218 -7.45 35.25 31.31
N MET A 219 -8.31 35.25 32.31
CA MET A 219 -9.19 36.40 32.62
C MET A 219 -10.47 36.46 31.78
N THR A 220 -10.72 35.49 30.89
CA THR A 220 -11.91 35.58 30.06
C THR A 220 -12.65 34.26 29.75
N SER A 221 -13.97 34.37 29.76
CA SER A 221 -14.90 33.31 29.37
C SER A 221 -15.26 33.40 27.89
N ALA A 222 -14.95 34.52 27.25
CA ALA A 222 -15.22 34.67 25.84
C ALA A 222 -14.17 33.95 25.00
N ARG A 223 -14.41 33.91 23.70
CA ARG A 223 -13.52 33.24 22.75
C ARG A 223 -13.47 33.94 21.41
N ILE A 224 -12.41 33.61 20.67
CA ILE A 224 -12.29 33.96 19.28
C ILE A 224 -12.22 32.68 18.50
N SER A 225 -12.91 32.62 17.37
CA SER A 225 -12.76 31.50 16.44
C SER A 225 -12.02 32.00 15.22
N ILE A 226 -11.03 31.23 14.78
CA ILE A 226 -10.17 31.59 13.70
C ILE A 226 -10.54 30.86 12.41
N TYR A 227 -10.67 31.63 11.33
CA TYR A 227 -10.95 31.12 9.99
C TYR A 227 -9.93 31.65 9.01
N TRP A 228 -9.90 31.03 7.83
CA TRP A 228 -8.99 31.48 6.78
C TRP A 228 -9.62 31.39 5.40
N THR A 229 -9.09 32.20 4.48
CA THR A 229 -9.57 32.34 3.11
C THR A 229 -8.37 32.58 2.21
N ILE A 230 -8.25 31.79 1.15
CA ILE A 230 -7.21 31.97 0.14
C ILE A 230 -7.82 32.69 -1.06
N VAL A 231 -7.16 33.75 -1.51
CA VAL A 231 -7.61 34.53 -2.66
C VAL A 231 -6.60 34.36 -3.77
N LYS A 232 -7.04 33.84 -4.91
CA LYS A 232 -6.15 33.54 -6.03
C LYS A 232 -6.00 34.77 -6.92
N PRO A 233 -4.97 34.80 -7.77
CA PRO A 233 -4.79 35.93 -8.69
C PRO A 233 -6.04 36.18 -9.50
N GLY A 234 -6.45 37.43 -9.55
CA GLY A 234 -7.64 37.83 -10.27
C GLY A 234 -8.92 37.69 -9.48
N ASP A 235 -8.87 37.12 -8.29
CA ASP A 235 -10.05 37.03 -7.45
C ASP A 235 -10.09 38.26 -6.53
N VAL A 236 -11.12 38.35 -5.70
CA VAL A 236 -11.30 39.50 -4.82
C VAL A 236 -11.86 39.02 -3.49
N LEU A 237 -11.37 39.60 -2.39
CA LEU A 237 -11.87 39.30 -1.05
C LEU A 237 -12.91 40.35 -0.73
N VAL A 238 -14.03 39.93 -0.19
CA VAL A 238 -15.00 40.87 0.37
C VAL A 238 -15.30 40.44 1.79
N ILE A 239 -15.33 41.41 2.69
CA ILE A 239 -15.63 41.16 4.08
C ILE A 239 -16.83 42.03 4.43
N ASN A 240 -17.84 41.42 5.01
CA ASN A 240 -19.09 42.07 5.36
C ASN A 240 -19.49 41.68 6.78
N SER A 241 -19.74 42.67 7.63
CA SER A 241 -20.05 42.36 9.04
C SER A 241 -20.86 43.46 9.69
N ASN A 242 -21.80 43.08 10.56
CA ASN A 242 -22.48 44.06 11.42
C ASN A 242 -22.13 43.82 12.89
N GLY A 243 -20.97 43.20 13.15
CA GLY A 243 -20.51 42.97 14.50
C GLY A 243 -19.69 41.71 14.64
N ASN A 244 -18.75 41.72 15.59
CA ASN A 244 -17.99 40.55 16.04
C ASN A 244 -16.83 40.16 15.11
N LEU A 245 -16.51 41.01 14.14
CA LEU A 245 -15.40 40.75 13.24
C LEU A 245 -14.07 40.98 13.95
N ILE A 246 -13.21 39.98 13.85
CA ILE A 246 -11.78 40.11 14.15
C ILE A 246 -11.09 40.15 12.80
N ALA A 247 -10.76 41.36 12.35
CA ALA A 247 -10.36 41.63 10.98
C ALA A 247 -8.90 41.28 10.66
N PRO A 248 -8.62 40.90 9.41
CA PRO A 248 -7.21 40.75 9.02
C PRO A 248 -6.56 42.12 8.88
N ARG A 249 -5.25 42.17 9.08
CA ARG A 249 -4.45 43.36 8.81
C ARG A 249 -3.75 43.32 7.46
N GLY A 250 -3.89 42.20 6.76
CA GLY A 250 -3.15 41.93 5.54
C GLY A 250 -3.21 40.45 5.23
N TYR A 251 -2.24 39.96 4.47
CA TYR A 251 -2.23 38.57 4.04
C TYR A 251 -0.87 37.96 4.20
N PHE A 252 -0.87 36.63 4.25
CA PHE A 252 0.35 35.85 4.23
C PHE A 252 0.64 35.40 2.80
N LYS A 253 1.90 35.49 2.41
CA LYS A 253 2.32 35.06 1.09
C LYS A 253 2.51 33.55 1.12
N MET A 254 1.83 32.83 0.25
CA MET A 254 1.93 31.37 0.17
C MET A 254 2.97 30.90 -0.84
N ARG A 255 3.64 29.81 -0.54
CA ARG A 255 4.57 29.15 -1.45
C ARG A 255 4.25 27.67 -1.49
N THR A 256 4.90 26.97 -2.41
CA THR A 256 4.92 25.53 -2.40
C THR A 256 6.38 25.14 -2.41
N GLY A 257 6.69 23.94 -1.96
CA GLY A 257 8.08 23.48 -1.83
C GLY A 257 8.16 22.36 -0.81
N LYS A 258 9.36 22.18 -0.24
CA LYS A 258 9.68 21.04 0.64
C LYS A 258 9.39 21.23 2.14
N SER A 259 8.66 22.28 2.52
CA SER A 259 8.53 22.62 3.93
C SER A 259 7.54 21.72 4.67
N SER A 260 7.79 21.48 5.96
CA SER A 260 6.90 20.70 6.80
C SER A 260 7.03 21.12 8.27
N ILE A 261 6.45 20.32 9.15
CA ILE A 261 6.45 20.56 10.57
C ILE A 261 6.59 19.23 11.29
N MET A 262 7.21 19.24 12.45
CA MET A 262 7.44 18.03 13.25
C MET A 262 7.38 18.34 14.73
N ARG A 263 6.75 17.44 15.50
CA ARG A 263 6.73 17.51 16.95
C ARG A 263 7.92 16.74 17.49
N SER A 264 8.76 17.41 18.28
CA SER A 264 9.99 16.80 18.79
C SER A 264 10.56 17.64 19.90
N ASP A 265 11.16 16.96 20.87
CA ASP A 265 11.88 17.63 21.93
C ASP A 265 13.39 17.45 21.78
N ALA A 266 13.86 16.88 20.67
CA ALA A 266 15.29 16.66 20.49
C ALA A 266 15.98 18.03 20.31
N PRO A 267 17.16 18.21 20.92
CA PRO A 267 17.86 19.47 20.71
C PRO A 267 18.53 19.55 19.32
N ILE A 268 18.74 20.78 18.87
CA ILE A 268 19.36 21.05 17.56
C ILE A 268 20.86 21.23 17.76
N ASP A 269 21.64 20.55 16.93
CA ASP A 269 23.09 20.50 17.07
C ASP A 269 23.76 20.83 15.73
N THR A 270 25.04 21.21 15.77
CA THR A 270 25.84 21.44 14.60
C THR A 270 26.34 20.14 13.97
N CYS A 271 25.67 19.67 12.93
CA CYS A 271 26.09 18.49 12.16
C CYS A 271 25.31 18.47 10.85
N ILE A 272 25.59 17.49 10.01
CA ILE A 272 24.97 17.34 8.71
C ILE A 272 24.25 16.00 8.61
N SER A 273 22.95 16.05 8.36
CA SER A 273 22.15 14.85 8.15
C SER A 273 20.93 15.14 7.30
N GLU A 274 20.79 14.35 6.24
CA GLU A 274 19.66 14.45 5.34
C GLU A 274 18.34 14.05 5.99
N CYS A 275 18.37 13.08 6.90
CA CYS A 275 17.17 12.48 7.48
C CYS A 275 16.95 12.90 8.92
N ILE A 276 15.74 13.35 9.22
CA ILE A 276 15.37 13.82 10.54
C ILE A 276 14.16 13.02 11.03
N THR A 277 14.23 12.58 12.28
CA THR A 277 13.10 11.99 12.99
C THR A 277 12.88 12.79 14.28
N PRO A 278 11.74 12.60 14.94
CA PRO A 278 11.54 13.21 16.27
C PRO A 278 12.53 12.77 17.35
N ASN A 279 13.12 11.59 17.17
CA ASN A 279 14.19 11.07 18.05
C ASN A 279 15.53 11.74 17.80
N GLY A 280 15.65 12.43 16.67
CA GLY A 280 16.90 13.01 16.21
C GLY A 280 17.17 12.58 14.79
N SER A 281 18.28 13.07 14.26
CA SER A 281 18.72 12.70 12.93
C SER A 281 19.23 11.27 12.92
N ILE A 282 19.10 10.62 11.78
CA ILE A 282 19.64 9.28 11.59
C ILE A 282 20.41 9.23 10.28
N PRO A 283 21.47 8.41 10.23
CA PRO A 283 22.12 8.15 8.94
C PRO A 283 21.14 7.51 7.94
N ASN A 284 21.41 7.73 6.65
CA ASN A 284 20.63 7.12 5.58
C ASN A 284 21.44 6.24 4.63
N ASP A 285 22.50 5.62 5.11
CA ASP A 285 23.24 4.63 4.30
C ASP A 285 22.49 3.29 4.18
N LYS A 286 21.60 3.00 5.10
CA LYS A 286 20.83 1.75 5.08
C LYS A 286 19.44 1.96 4.47
N PRO A 287 18.88 0.93 3.83
CA PRO A 287 17.60 1.12 3.14
C PRO A 287 16.38 1.14 4.04
N PHE A 288 16.50 0.57 5.25
CA PHE A 288 15.39 0.50 6.19
C PHE A 288 15.76 1.13 7.53
N GLN A 289 14.75 1.52 8.29
CA GLN A 289 14.98 2.01 9.64
C GLN A 289 13.81 1.65 10.55
N ASN A 290 14.12 1.56 11.84
CA ASN A 290 13.19 1.16 12.87
C ASN A 290 13.10 2.23 13.97
N VAL A 291 13.60 3.43 13.67
CA VAL A 291 13.65 4.48 14.67
C VAL A 291 12.29 5.13 14.85
N ASN A 292 11.68 5.59 13.79
CA ASN A 292 10.40 6.28 13.89
C ASN A 292 9.74 6.33 12.54
N LYS A 293 8.44 6.05 12.53
CA LYS A 293 7.66 6.15 11.30
C LYS A 293 7.50 7.58 10.82
N ILE A 294 7.65 8.56 11.71
CA ILE A 294 7.68 9.97 11.36
C ILE A 294 9.10 10.34 10.94
N THR A 295 9.25 10.78 9.69
CA THR A 295 10.53 11.23 9.17
C THR A 295 10.37 12.41 8.22
N TYR A 296 11.49 13.11 7.99
CA TYR A 296 11.59 14.22 7.06
C TYR A 296 12.95 14.14 6.36
N GLY A 297 12.94 14.25 5.05
CA GLY A 297 14.15 14.26 4.23
C GLY A 297 14.42 12.93 3.58
N ALA A 298 15.66 12.73 3.15
CA ALA A 298 16.05 11.51 2.45
C ALA A 298 16.32 10.43 3.50
N CYS A 299 15.34 9.56 3.71
CA CYS A 299 15.33 8.63 4.84
C CYS A 299 15.23 7.18 4.39
N PRO A 300 15.81 6.25 5.18
CA PRO A 300 15.43 4.85 4.99
C PRO A 300 13.92 4.68 5.29
N LYS A 301 13.36 3.63 4.69
CA LYS A 301 11.94 3.33 4.86
C LYS A 301 11.70 2.69 6.22
N TYR A 302 10.63 3.09 6.91
CA TYR A 302 10.30 2.53 8.22
C TYR A 302 9.78 1.10 8.09
N VAL A 303 10.33 0.21 8.90
CA VAL A 303 9.92 -1.19 8.97
C VAL A 303 9.79 -1.58 10.44
N LYS A 304 9.09 -2.68 10.70
CA LYS A 304 8.91 -3.16 12.06
C LYS A 304 10.11 -3.94 12.62
N GLN A 305 10.92 -4.55 11.76
CA GLN A 305 12.05 -5.35 12.24
C GLN A 305 13.11 -4.44 12.86
N ASN A 306 13.73 -4.86 13.96
CA ASN A 306 14.87 -4.10 14.48
C ASN A 306 16.22 -4.53 13.89
N THR A 307 16.25 -5.65 13.18
CA THR A 307 17.46 -6.09 12.50
C THR A 307 17.12 -6.94 11.28
N LEU A 308 17.87 -6.74 10.19
CA LEU A 308 17.84 -7.59 9.03
C LEU A 308 19.23 -7.69 8.44
N LYS A 309 19.75 -8.90 8.33
CA LYS A 309 21.12 -9.12 7.94
C LYS A 309 21.20 -9.60 6.52
N LEU A 310 21.92 -8.86 5.69
CA LEU A 310 22.24 -9.27 4.33
C LEU A 310 23.58 -9.98 4.35
N ALA A 311 23.59 -11.24 3.95
CA ALA A 311 24.80 -12.05 3.87
C ALA A 311 25.76 -11.42 2.87
N THR A 312 27.01 -11.26 3.28
CA THR A 312 28.04 -10.70 2.41
C THR A 312 29.19 -11.70 2.28
N GLY A 313 28.89 -12.97 2.50
CA GLY A 313 29.88 -14.02 2.37
C GLY A 313 29.24 -15.38 2.25
N MET A 314 30.07 -16.37 1.96
CA MET A 314 29.61 -17.73 1.78
C MET A 314 29.18 -18.36 3.10
N ARG A 315 28.57 -19.52 2.96
CA ARG A 315 28.22 -20.38 4.07
C ARG A 315 29.47 -20.71 4.90
N ASN A 316 29.40 -20.55 6.23
CA ASN A 316 30.53 -20.78 7.12
C ASN A 316 30.51 -22.19 7.69
N VAL A 317 31.50 -23.00 7.30
CA VAL A 317 31.60 -24.40 7.72
C VAL A 317 32.95 -24.59 8.40
N PRO A 318 33.01 -24.50 9.75
CA PRO A 318 34.33 -24.67 10.39
C PRO A 318 34.71 -26.17 10.49
N GLU A 319 35.94 -26.48 10.84
CA GLU A 319 36.34 -27.90 10.94
C GLU A 319 35.48 -28.67 11.94
N LYS A 320 35.11 -29.90 11.57
CA LYS A 320 34.43 -30.87 12.47
C LYS A 320 35.10 -30.87 13.85
N GLN A 321 34.31 -30.70 14.90
CA GLN A 321 34.87 -30.31 16.19
C GLN A 321 35.24 -31.52 17.05
N THR A 322 36.51 -31.60 17.46
CA THR A 322 37.02 -32.71 18.32
C THR A 322 36.39 -32.73 19.72
N ARG A 323 35.98 -31.55 20.20
CA ARG A 323 35.33 -31.37 21.49
C ARG A 323 34.07 -30.53 21.27
N GLY B 1 23.95 -25.59 -0.44
CA GLY B 1 23.49 -24.94 -1.69
C GLY B 1 23.19 -25.88 -2.84
N LEU B 2 22.81 -25.28 -3.97
CA LEU B 2 22.33 -26.02 -5.12
C LEU B 2 23.39 -26.86 -5.83
N PHE B 3 24.68 -26.54 -5.64
CA PHE B 3 25.75 -27.25 -6.34
C PHE B 3 26.45 -28.32 -5.51
N GLY B 4 26.26 -28.26 -4.20
CA GLY B 4 26.70 -29.33 -3.32
C GLY B 4 28.20 -29.41 -3.12
N ALA B 5 28.91 -28.31 -3.31
CA ALA B 5 30.34 -28.26 -3.01
C ALA B 5 30.50 -27.80 -1.58
N ILE B 6 30.10 -26.56 -1.31
CA ILE B 6 30.24 -25.97 0.03
C ILE B 6 29.19 -26.59 0.95
N ALA B 7 29.64 -27.13 2.08
CA ALA B 7 28.83 -27.96 2.98
C ALA B 7 28.23 -29.17 2.27
N GLY B 8 28.99 -29.72 1.31
CA GLY B 8 28.55 -30.83 0.49
C GLY B 8 29.69 -31.81 0.37
N PHE B 9 30.23 -31.99 -0.83
CA PHE B 9 31.34 -32.92 -1.04
C PHE B 9 32.67 -32.40 -0.48
N ILE B 10 32.75 -31.08 -0.25
CA ILE B 10 33.85 -30.50 0.52
C ILE B 10 33.40 -30.42 1.96
N GLU B 11 34.01 -31.25 2.81
CA GLU B 11 33.61 -31.44 4.23
C GLU B 11 33.51 -30.14 5.00
N ASN B 12 34.50 -29.27 4.83
CA ASN B 12 34.54 -28.03 5.58
C ASN B 12 35.45 -26.98 4.97
N GLY B 13 35.40 -25.78 5.52
CA GLY B 13 36.25 -24.67 5.10
C GLY B 13 37.60 -24.68 5.80
N TRP B 14 38.47 -23.78 5.35
CA TRP B 14 39.80 -23.63 5.89
C TRP B 14 39.94 -22.29 6.57
N GLU B 15 39.98 -22.31 7.90
CA GLU B 15 40.25 -21.10 8.67
C GLU B 15 41.65 -20.54 8.39
N GLY B 16 42.59 -21.41 8.02
CA GLY B 16 43.95 -21.02 7.65
C GLY B 16 44.08 -20.12 6.43
N MET B 17 43.13 -20.18 5.51
CA MET B 17 43.18 -19.36 4.31
C MET B 17 42.64 -17.95 4.54
N ILE B 18 43.56 -17.02 4.79
CA ILE B 18 43.23 -15.61 5.08
C ILE B 18 43.46 -14.66 3.89
N ASP B 19 44.08 -15.14 2.83
CA ASP B 19 44.39 -14.32 1.64
C ASP B 19 43.43 -14.55 0.44
N GLY B 20 42.29 -15.20 0.68
CA GLY B 20 41.37 -15.55 -0.39
C GLY B 20 40.17 -16.35 0.09
N TRP B 21 39.15 -16.46 -0.76
CA TRP B 21 37.91 -17.15 -0.42
C TRP B 21 37.92 -18.59 -0.88
N TYR B 22 38.57 -18.86 -2.01
CA TYR B 22 38.71 -20.20 -2.56
C TYR B 22 40.18 -20.42 -2.85
N GLY B 23 40.60 -21.68 -2.93
CA GLY B 23 41.98 -21.98 -3.25
C GLY B 23 42.41 -23.43 -3.19
N PHE B 24 43.73 -23.62 -3.16
CA PHE B 24 44.34 -24.94 -3.32
C PHE B 24 45.21 -25.34 -2.13
N ARG B 25 45.14 -26.62 -1.77
CA ARG B 25 46.13 -27.28 -0.92
C ARG B 25 46.70 -28.49 -1.64
N HIS B 26 47.99 -28.75 -1.45
CA HIS B 26 48.65 -29.87 -2.12
C HIS B 26 49.57 -30.65 -1.19
N GLN B 27 49.75 -31.94 -1.52
CA GLN B 27 50.86 -32.73 -1.01
C GLN B 27 51.62 -33.28 -2.22
N ASN B 28 52.94 -33.09 -2.23
CA ASN B 28 53.85 -33.70 -3.21
C ASN B 28 55.14 -34.15 -2.52
N SER B 29 56.13 -34.59 -3.28
CA SER B 29 57.43 -35.02 -2.71
C SER B 29 58.11 -33.92 -1.87
N GLU B 30 58.00 -32.66 -2.32
CA GLU B 30 58.62 -31.51 -1.63
C GLU B 30 57.93 -30.97 -0.37
N GLY B 31 56.74 -31.47 -0.04
CA GLY B 31 56.02 -31.07 1.17
C GLY B 31 54.59 -30.64 0.87
N THR B 32 54.02 -29.83 1.76
CA THR B 32 52.66 -29.32 1.60
C THR B 32 52.64 -27.80 1.51
N GLY B 33 51.53 -27.26 1.02
CA GLY B 33 51.36 -25.82 0.89
C GLY B 33 49.97 -25.40 0.48
N GLN B 34 49.76 -24.09 0.51
CA GLN B 34 48.46 -23.49 0.33
C GLN B 34 48.55 -22.22 -0.52
N ALA B 35 47.58 -22.02 -1.41
CA ALA B 35 47.48 -20.79 -2.20
C ALA B 35 46.03 -20.44 -2.52
N ALA B 36 45.71 -19.15 -2.37
CA ALA B 36 44.43 -18.61 -2.78
C ALA B 36 44.34 -18.58 -4.29
N ASP B 37 43.12 -18.78 -4.81
CA ASP B 37 42.80 -18.53 -6.22
C ASP B 37 42.12 -17.15 -6.30
N LEU B 38 42.81 -16.21 -6.93
CA LEU B 38 42.38 -14.82 -6.97
C LEU B 38 41.11 -14.65 -7.81
N LYS B 39 41.00 -15.42 -8.89
CA LYS B 39 39.97 -15.22 -9.91
C LYS B 39 38.56 -15.58 -9.43
N SER B 40 38.43 -16.77 -8.84
CA SER B 40 37.17 -17.23 -8.26
C SER B 40 36.76 -16.36 -7.06
N THR B 41 37.74 -16.05 -6.20
CA THR B 41 37.54 -15.15 -5.06
C THR B 41 36.97 -13.81 -5.50
N GLN B 42 37.53 -13.25 -6.57
CA GLN B 42 37.10 -11.96 -7.08
C GLN B 42 35.71 -12.01 -7.72
N ALA B 43 35.44 -13.07 -8.49
CA ALA B 43 34.11 -13.28 -9.08
C ALA B 43 32.97 -13.28 -8.04
N ALA B 44 33.23 -13.88 -6.88
CA ALA B 44 32.25 -13.94 -5.80
C ALA B 44 32.10 -12.56 -5.15
N ILE B 45 33.23 -11.93 -4.82
CA ILE B 45 33.23 -10.62 -4.18
C ILE B 45 32.56 -9.58 -5.08
N ASP B 46 32.85 -9.60 -6.38
CA ASP B 46 32.25 -8.65 -7.32
C ASP B 46 30.73 -8.78 -7.39
N GLN B 47 30.24 -10.01 -7.41
CA GLN B 47 28.79 -10.26 -7.39
C GLN B 47 28.14 -9.82 -6.08
N ILE B 48 28.82 -10.06 -4.97
CA ILE B 48 28.29 -9.65 -3.68
C ILE B 48 28.29 -8.12 -3.54
N ASN B 49 29.37 -7.47 -3.99
CA ASN B 49 29.40 -6.01 -4.02
C ASN B 49 28.31 -5.44 -4.90
N GLY B 50 28.08 -6.10 -6.03
CA GLY B 50 27.03 -5.69 -6.94
C GLY B 50 25.68 -5.65 -6.25
N LYS B 51 25.32 -6.75 -5.58
CA LYS B 51 24.01 -6.83 -4.92
C LYS B 51 23.88 -5.89 -3.71
N LEU B 52 24.98 -5.73 -2.98
CA LEU B 52 25.02 -4.81 -1.87
C LEU B 52 24.75 -3.38 -2.33
N ASN B 53 25.43 -2.94 -3.40
CA ASN B 53 25.23 -1.60 -3.95
C ASN B 53 23.82 -1.37 -4.53
N ARG B 54 23.21 -2.40 -5.11
CA ARG B 54 21.81 -2.32 -5.55
C ARG B 54 20.86 -2.14 -4.38
N VAL B 55 21.11 -2.85 -3.29
CA VAL B 55 20.25 -2.80 -2.09
C VAL B 55 20.35 -1.46 -1.34
N ILE B 56 21.56 -0.89 -1.21
CA ILE B 56 21.73 0.38 -0.47
C ILE B 56 21.61 1.64 -1.35
N GLU B 57 20.99 1.49 -2.52
CA GLU B 57 20.78 2.55 -3.49
C GLU B 57 19.69 3.46 -2.94
N LYS B 58 20.04 4.71 -2.63
CA LYS B 58 19.10 5.68 -2.06
C LYS B 58 17.92 5.95 -3.01
N THR B 59 16.70 5.72 -2.55
CA THR B 59 15.52 5.93 -3.40
C THR B 59 14.41 6.79 -2.81
N ASN B 60 14.43 7.08 -1.51
CA ASN B 60 13.26 7.62 -0.84
C ASN B 60 13.56 8.96 -0.23
N GLU B 61 12.88 10.03 -0.66
CA GLU B 61 13.02 11.36 -0.09
C GLU B 61 11.62 11.95 0.03
N LYS B 62 11.16 12.15 1.25
CA LYS B 62 9.81 12.64 1.53
C LYS B 62 9.85 13.85 2.42
N PHE B 63 8.92 14.76 2.23
CA PHE B 63 8.88 16.00 2.95
C PHE B 63 7.60 16.09 3.75
N HIS B 64 6.67 16.96 3.39
CA HIS B 64 5.39 17.02 4.09
C HIS B 64 4.57 15.77 3.81
N GLN B 65 4.10 15.10 4.85
CA GLN B 65 3.33 13.84 4.74
C GLN B 65 2.05 13.97 5.57
N ILE B 66 1.49 12.89 6.05
CA ILE B 66 0.36 12.94 6.98
C ILE B 66 0.86 12.89 8.43
N GLU B 67 0.05 13.38 9.36
CA GLU B 67 0.26 13.14 10.77
C GLU B 67 0.11 11.64 11.11
N LYS B 68 0.94 11.18 12.03
CA LYS B 68 0.99 9.78 12.41
C LYS B 68 0.83 9.51 13.89
N GLU B 69 0.78 10.56 14.71
CA GLU B 69 0.47 10.48 16.15
C GLU B 69 -0.54 11.54 16.41
N PHE B 70 -1.41 11.32 17.37
CA PHE B 70 -2.55 12.18 17.60
C PHE B 70 -2.78 12.33 19.09
N SER B 71 -3.04 13.55 19.54
CA SER B 71 -3.29 13.83 20.94
C SER B 71 -4.78 13.75 21.34
N GLU B 72 -5.67 13.75 20.36
CA GLU B 72 -7.14 13.70 20.57
C GLU B 72 -7.76 12.49 19.89
N VAL B 73 -8.84 11.99 20.45
CA VAL B 73 -9.70 11.03 19.77
C VAL B 73 -10.58 11.81 18.80
N GLU B 74 -10.63 11.36 17.55
CA GLU B 74 -11.43 12.04 16.52
C GLU B 74 -12.38 11.17 15.72
N GLY B 75 -12.09 9.89 15.60
CA GLY B 75 -12.94 8.98 14.88
C GLY B 75 -12.47 8.69 13.47
N ARG B 76 -13.40 8.80 12.53
CA ARG B 76 -13.28 8.28 11.16
C ARG B 76 -12.02 8.70 10.37
N ILE B 77 -11.76 9.99 10.33
CA ILE B 77 -10.61 10.51 9.58
C ILE B 77 -9.29 9.97 10.15
N GLN B 78 -9.21 9.96 11.49
CA GLN B 78 -8.02 9.48 12.20
C GLN B 78 -7.87 7.97 12.04
N ASP B 79 -8.97 7.23 12.04
CA ASP B 79 -8.92 5.77 11.82
C ASP B 79 -8.27 5.50 10.47
N LEU B 80 -8.68 6.27 9.47
CA LEU B 80 -8.17 6.11 8.10
C LEU B 80 -6.67 6.48 7.96
N GLU B 81 -6.28 7.61 8.56
CA GLU B 81 -4.86 8.01 8.64
C GLU B 81 -3.98 6.94 9.27
N LYS B 82 -4.42 6.38 10.39
CA LYS B 82 -3.68 5.29 11.03
C LYS B 82 -3.62 4.02 10.21
N TYR B 83 -4.76 3.66 9.63
CA TYR B 83 -4.86 2.45 8.81
C TYR B 83 -3.94 2.54 7.61
N VAL B 84 -3.90 3.73 6.99
CA VAL B 84 -3.03 3.96 5.83
C VAL B 84 -1.58 3.74 6.23
N GLU B 85 -1.16 4.31 7.35
CA GLU B 85 0.23 4.20 7.79
C GLU B 85 0.60 2.78 8.19
N ASP B 86 -0.28 2.14 8.95
CA ASP B 86 -0.09 0.75 9.32
C ASP B 86 -0.02 -0.22 8.12
N THR B 87 -0.87 -0.01 7.12
CA THR B 87 -0.83 -0.77 5.88
C THR B 87 0.51 -0.63 5.13
N LYS B 88 0.95 0.62 5.01
CA LYS B 88 2.24 0.92 4.40
C LYS B 88 3.38 0.21 5.11
N ILE B 89 3.41 0.33 6.43
CA ILE B 89 4.51 -0.23 7.25
C ILE B 89 4.58 -1.75 7.12
N ASP B 90 3.43 -2.41 7.14
CA ASP B 90 3.39 -3.84 6.98
C ASP B 90 3.87 -4.29 5.60
N LEU B 91 3.47 -3.60 4.56
CA LEU B 91 3.91 -3.93 3.19
C LEU B 91 5.39 -3.73 3.02
N TRP B 92 5.90 -2.64 3.55
CA TRP B 92 7.34 -2.41 3.52
C TRP B 92 8.11 -3.42 4.37
N SER B 93 7.58 -3.78 5.54
CA SER B 93 8.23 -4.77 6.40
C SER B 93 8.30 -6.11 5.70
N TYR B 94 7.23 -6.46 5.00
CA TYR B 94 7.22 -7.68 4.19
C TYR B 94 8.28 -7.63 3.09
N ASN B 95 8.38 -6.51 2.40
CA ASN B 95 9.33 -6.37 1.32
C ASN B 95 10.75 -6.55 1.86
N ALA B 96 11.03 -5.94 3.00
CA ALA B 96 12.36 -6.05 3.62
C ALA B 96 12.68 -7.52 3.94
N GLU B 97 11.73 -8.22 4.55
CA GLU B 97 11.89 -9.62 4.91
C GLU B 97 12.15 -10.52 3.70
N LEU B 98 11.35 -10.35 2.67
CA LEU B 98 11.49 -11.14 1.45
C LEU B 98 12.81 -10.84 0.77
N LEU B 99 13.17 -9.56 0.71
CA LEU B 99 14.36 -9.14 0.00
C LEU B 99 15.57 -9.88 0.58
N VAL B 100 15.70 -9.86 1.90
CA VAL B 100 16.90 -10.45 2.52
C VAL B 100 16.91 -11.96 2.34
N ALA B 101 15.75 -12.58 2.48
CA ALA B 101 15.66 -14.02 2.33
C ALA B 101 16.12 -14.45 0.92
N LEU B 102 15.59 -13.80 -0.11
CA LEU B 102 15.97 -14.10 -1.51
C LEU B 102 17.43 -13.80 -1.78
N GLU B 103 17.86 -12.63 -1.34
CA GLU B 103 19.25 -12.22 -1.51
C GLU B 103 20.19 -13.23 -0.89
N ASN B 104 19.88 -13.67 0.34
CA ASN B 104 20.78 -14.55 1.09
C ASN B 104 20.81 -15.96 0.55
N GLN B 105 19.66 -16.47 0.13
CA GLN B 105 19.60 -17.76 -0.54
C GLN B 105 20.48 -17.75 -1.78
N HIS B 106 20.38 -16.67 -2.55
CA HIS B 106 21.14 -16.50 -3.76
C HIS B 106 22.65 -16.36 -3.52
N THR B 107 23.03 -15.62 -2.48
CA THR B 107 24.45 -15.45 -2.09
C THR B 107 25.09 -16.78 -1.69
N ILE B 108 24.36 -17.58 -0.91
CA ILE B 108 24.82 -18.92 -0.57
C ILE B 108 24.98 -19.77 -1.85
N ASP B 109 24.00 -19.72 -2.76
CA ASP B 109 24.07 -20.50 -4.00
C ASP B 109 25.18 -20.04 -4.96
N LEU B 110 25.41 -18.74 -5.10
CA LEU B 110 26.45 -18.26 -6.01
C LEU B 110 27.85 -18.53 -5.48
N THR B 111 28.04 -18.51 -4.16
CA THR B 111 29.34 -18.84 -3.59
C THR B 111 29.64 -20.33 -3.72
N ASP B 112 28.61 -21.16 -3.54
CA ASP B 112 28.67 -22.62 -3.77
C ASP B 112 29.00 -22.87 -5.23
N SER B 113 28.34 -22.11 -6.11
CA SER B 113 28.58 -22.17 -7.56
C SER B 113 30.03 -21.89 -7.94
N GLU B 114 30.63 -20.84 -7.37
CA GLU B 114 32.03 -20.50 -7.69
C GLU B 114 33.00 -21.59 -7.25
N MET B 115 32.73 -22.23 -6.11
CA MET B 115 33.55 -23.33 -5.64
C MET B 115 33.52 -24.46 -6.67
N ASN B 116 32.31 -24.82 -7.08
CA ASN B 116 32.08 -25.84 -8.08
C ASN B 116 32.74 -25.48 -9.42
N LYS B 117 32.62 -24.23 -9.85
CA LYS B 117 33.28 -23.77 -11.10
C LYS B 117 34.79 -24.02 -11.05
N LEU B 118 35.41 -23.70 -9.91
CA LEU B 118 36.86 -23.85 -9.77
C LEU B 118 37.24 -25.32 -9.81
N PHE B 119 36.45 -26.14 -9.11
CA PHE B 119 36.65 -27.58 -9.10
C PHE B 119 36.56 -28.22 -10.49
N GLU B 120 35.55 -27.85 -11.27
CA GLU B 120 35.37 -28.43 -12.61
C GLU B 120 36.43 -27.94 -13.59
N LYS B 121 36.87 -26.70 -13.41
CA LYS B 121 37.91 -26.10 -14.22
C LYS B 121 39.24 -26.83 -14.01
N THR B 122 39.53 -27.16 -12.75
CA THR B 122 40.75 -27.87 -12.39
C THR B 122 40.74 -29.29 -12.98
N GLY B 123 39.63 -30.00 -12.81
CA GLY B 123 39.47 -31.35 -13.36
C GLY B 123 39.68 -31.41 -14.86
N ARG B 124 39.06 -30.48 -15.58
CA ARG B 124 39.26 -30.33 -17.03
C ARG B 124 40.69 -30.00 -17.46
N GLN B 125 41.41 -29.26 -16.61
CA GLN B 125 42.79 -28.92 -16.85
C GLN B 125 43.68 -30.17 -16.80
N LEU B 126 43.45 -31.00 -15.79
CA LEU B 126 44.23 -32.23 -15.58
C LEU B 126 43.96 -33.36 -16.57
N ARG B 127 42.86 -33.27 -17.34
CA ARG B 127 42.54 -34.26 -18.38
C ARG B 127 42.60 -35.70 -17.83
N GLU B 128 43.46 -36.56 -18.39
CA GLU B 128 43.53 -37.96 -17.96
C GLU B 128 44.67 -38.23 -16.97
N ASN B 129 45.29 -37.18 -16.46
CA ASN B 129 46.43 -37.32 -15.56
C ASN B 129 46.05 -37.28 -14.06
N ALA B 130 44.74 -37.28 -13.75
CA ALA B 130 44.28 -37.25 -12.36
C ALA B 130 42.88 -37.84 -12.23
N GLU B 131 42.50 -38.19 -11.01
CA GLU B 131 41.16 -38.70 -10.74
C GLU B 131 40.51 -37.99 -9.56
N ASP B 132 39.20 -37.76 -9.68
CA ASP B 132 38.40 -37.15 -8.63
C ASP B 132 38.23 -38.14 -7.46
N MET B 133 38.82 -37.83 -6.30
CA MET B 133 38.65 -38.67 -5.11
C MET B 133 37.22 -38.62 -4.55
N GLY B 134 36.55 -37.47 -4.71
CA GLY B 134 35.16 -37.29 -4.27
C GLY B 134 34.95 -36.37 -3.07
N ASN B 135 36.05 -35.83 -2.55
CA ASN B 135 36.07 -34.99 -1.35
C ASN B 135 36.68 -33.61 -1.65
N GLY B 136 36.67 -33.24 -2.94
CA GLY B 136 37.30 -32.01 -3.39
C GLY B 136 38.78 -32.12 -3.73
N CYS B 137 39.33 -33.34 -3.70
CA CYS B 137 40.75 -33.56 -3.99
C CYS B 137 40.96 -34.41 -5.23
N PHE B 138 41.93 -34.03 -6.05
CA PHE B 138 42.39 -34.88 -7.15
C PHE B 138 43.65 -35.62 -6.74
N LYS B 139 43.67 -36.92 -7.01
CA LYS B 139 44.91 -37.69 -6.95
C LYS B 139 45.59 -37.56 -8.30
N ILE B 140 46.75 -36.93 -8.32
CA ILE B 140 47.52 -36.73 -9.55
C ILE B 140 48.50 -37.90 -9.68
N TYR B 141 48.49 -38.56 -10.83
CA TYR B 141 49.24 -39.81 -11.03
C TYR B 141 50.61 -39.59 -11.70
N HIS B 142 51.31 -38.55 -11.29
CA HIS B 142 52.68 -38.32 -11.75
C HIS B 142 53.41 -37.41 -10.78
N LYS B 143 54.73 -37.31 -10.95
CA LYS B 143 55.54 -36.46 -10.09
C LYS B 143 55.27 -35.00 -10.43
N CYS B 144 54.68 -34.30 -9.48
CA CYS B 144 54.33 -32.90 -9.65
C CYS B 144 55.04 -32.09 -8.59
N ASP B 145 56.24 -31.61 -8.97
CA ASP B 145 57.05 -30.70 -8.14
C ASP B 145 56.40 -29.32 -8.01
N ASN B 146 56.89 -28.52 -7.07
CA ASN B 146 56.30 -27.21 -6.77
C ASN B 146 56.05 -26.31 -7.99
N ALA B 147 56.95 -26.38 -8.97
CA ALA B 147 56.79 -25.67 -10.24
C ALA B 147 55.56 -26.13 -11.04
N CYS B 148 55.31 -27.45 -11.01
CA CYS B 148 54.17 -28.08 -11.69
C CYS B 148 52.85 -27.70 -11.01
N ILE B 149 52.82 -27.71 -9.68
CA ILE B 149 51.63 -27.31 -8.92
C ILE B 149 51.27 -25.85 -9.23
N GLU B 150 52.26 -24.96 -9.15
CA GLU B 150 52.03 -23.54 -9.52
C GLU B 150 51.52 -23.40 -10.97
N SER B 151 51.95 -24.29 -11.86
CA SER B 151 51.47 -24.32 -13.24
C SER B 151 49.97 -24.67 -13.33
N ILE B 152 49.52 -25.56 -12.44
CA ILE B 152 48.09 -25.90 -12.34
C ILE B 152 47.33 -24.68 -11.84
N ARG B 153 47.85 -24.04 -10.80
CA ARG B 153 47.16 -22.92 -10.15
C ARG B 153 47.09 -21.66 -11.03
N ASN B 154 48.13 -21.37 -11.83
CA ASN B 154 48.12 -20.19 -12.72
C ASN B 154 47.78 -20.49 -14.19
N GLY B 155 47.19 -21.66 -14.44
CA GLY B 155 46.60 -21.97 -15.74
C GLY B 155 47.53 -22.35 -16.89
N THR B 156 48.75 -22.82 -16.59
CA THR B 156 49.77 -23.13 -17.63
C THR B 156 50.24 -24.59 -17.63
N TYR B 157 49.47 -25.47 -16.98
CA TYR B 157 49.79 -26.89 -16.93
C TYR B 157 49.48 -27.54 -18.28
N ASP B 158 50.52 -27.97 -18.99
CA ASP B 158 50.38 -28.75 -20.21
C ASP B 158 50.21 -30.22 -19.83
N HIS B 159 49.03 -30.78 -20.09
CA HIS B 159 48.74 -32.17 -19.72
C HIS B 159 49.49 -33.18 -20.60
N ASP B 160 49.81 -32.82 -21.84
CA ASP B 160 50.52 -33.74 -22.76
C ASP B 160 51.91 -34.15 -22.28
N VAL B 161 52.60 -33.22 -21.61
CA VAL B 161 53.95 -33.47 -21.05
C VAL B 161 53.95 -34.70 -20.14
N TYR B 162 53.00 -34.76 -19.21
CA TYR B 162 52.95 -35.81 -18.18
C TYR B 162 51.98 -36.97 -18.48
N ARG B 163 51.34 -36.98 -19.64
CA ARG B 163 50.24 -37.94 -19.93
C ARG B 163 50.67 -39.43 -19.89
N ASP B 164 51.74 -39.78 -20.63
CA ASP B 164 52.25 -41.17 -20.66
C ASP B 164 52.66 -41.69 -19.28
N GLU B 165 53.42 -40.87 -18.54
CA GLU B 165 53.77 -41.17 -17.16
C GLU B 165 52.53 -41.49 -16.34
N ALA B 166 51.51 -40.64 -16.46
CA ALA B 166 50.29 -40.75 -15.65
C ALA B 166 49.36 -41.88 -16.09
N LEU B 167 49.17 -42.02 -17.39
CA LEU B 167 48.33 -43.09 -17.95
C LEU B 167 48.82 -44.47 -17.51
N ASN B 168 50.14 -44.66 -17.51
CA ASN B 168 50.75 -45.90 -17.07
C ASN B 168 50.49 -46.18 -15.57
N ASN B 169 50.74 -45.17 -14.74
CA ASN B 169 50.45 -45.25 -13.29
C ASN B 169 48.97 -45.51 -12.96
N ARG B 170 48.05 -45.03 -13.79
CA ARG B 170 46.60 -45.25 -13.58
C ARG B 170 46.11 -46.65 -13.99
N PHE B 171 46.54 -47.15 -15.15
CA PHE B 171 45.94 -48.38 -15.69
C PHE B 171 46.78 -49.66 -15.44
N GLN B 172 46.36 -50.38 -14.40
CA GLN B 172 47.07 -51.55 -13.85
C GLN B 172 46.23 -52.83 -14.03
N PRO C 3 43.79 -40.27 -36.88
CA PRO C 3 43.21 -39.05 -37.43
C PRO C 3 41.82 -38.75 -36.86
N GLY C 4 41.73 -37.74 -35.99
CA GLY C 4 40.53 -37.48 -35.21
C GLY C 4 39.60 -36.40 -35.71
N ALA C 5 38.83 -35.87 -34.78
CA ALA C 5 37.85 -34.81 -35.04
C ALA C 5 37.60 -33.98 -33.79
N THR C 6 37.23 -32.72 -33.99
CA THR C 6 36.82 -31.84 -32.90
C THR C 6 35.33 -31.57 -33.01
N LEU C 7 34.63 -31.58 -31.87
CA LEU C 7 33.21 -31.22 -31.80
C LEU C 7 33.05 -30.19 -30.70
N CYS C 8 32.75 -28.97 -31.09
CA CYS C 8 32.62 -27.84 -30.17
C CYS C 8 31.18 -27.46 -29.94
N LEU C 9 30.80 -27.38 -28.67
CA LEU C 9 29.48 -26.89 -28.25
C LEU C 9 29.57 -25.39 -28.02
N GLY C 10 28.51 -24.68 -28.38
CA GLY C 10 28.48 -23.24 -28.20
C GLY C 10 27.08 -22.65 -28.23
N HIS C 11 27.04 -21.32 -28.17
CA HIS C 11 25.81 -20.57 -28.13
C HIS C 11 25.94 -19.33 -28.99
N HIS C 12 24.80 -18.73 -29.31
CA HIS C 12 24.80 -17.57 -30.19
C HIS C 12 25.18 -16.30 -29.45
N ALA C 13 25.53 -15.29 -30.25
CA ALA C 13 25.77 -13.94 -29.79
C ALA C 13 25.26 -13.03 -30.88
N VAL C 14 25.12 -11.76 -30.55
CA VAL C 14 24.71 -10.76 -31.52
C VAL C 14 25.71 -9.61 -31.48
N PRO C 15 25.77 -8.80 -32.55
CA PRO C 15 26.74 -7.69 -32.52
C PRO C 15 26.30 -6.56 -31.58
N ASN C 16 25.00 -6.24 -31.58
CA ASN C 16 24.42 -5.14 -30.82
C ASN C 16 23.42 -5.65 -29.74
N GLY C 17 23.92 -5.93 -28.55
CA GLY C 17 23.09 -6.42 -27.43
C GLY C 17 22.32 -5.33 -26.69
N THR C 18 21.65 -5.70 -25.60
CA THR C 18 20.88 -4.77 -24.75
C THR C 18 21.28 -4.89 -23.28
N LEU C 19 21.36 -3.75 -22.59
CA LEU C 19 21.68 -3.73 -21.15
C LEU C 19 20.44 -3.94 -20.32
N VAL C 20 20.55 -4.82 -19.33
CA VAL C 20 19.50 -5.04 -18.35
C VAL C 20 20.05 -5.02 -16.95
N LYS C 21 19.15 -4.91 -15.98
CA LYS C 21 19.47 -4.95 -14.57
C LYS C 21 19.19 -6.34 -14.04
N THR C 22 19.98 -6.76 -13.06
CA THR C 22 19.81 -8.05 -12.40
C THR C 22 19.94 -7.84 -10.88
N ILE C 23 19.94 -8.93 -10.13
CA ILE C 23 20.20 -8.89 -8.68
C ILE C 23 21.62 -8.37 -8.40
N THR C 24 22.60 -8.83 -9.17
CA THR C 24 24.01 -8.51 -8.91
C THR C 24 24.58 -7.35 -9.73
N ASP C 25 23.98 -7.03 -10.87
CA ASP C 25 24.53 -6.02 -11.78
C ASP C 25 23.47 -4.97 -12.10
N ASP C 26 23.78 -3.69 -11.97
CA ASP C 26 22.86 -2.67 -12.48
C ASP C 26 22.86 -2.53 -14.01
N GLN C 27 23.89 -3.04 -14.69
CA GLN C 27 23.93 -3.08 -16.16
C GLN C 27 24.69 -4.32 -16.60
N ILE C 28 24.03 -5.20 -17.35
CA ILE C 28 24.71 -6.33 -17.96
C ILE C 28 24.05 -6.62 -19.31
N GLU C 29 24.86 -7.08 -20.25
CA GLU C 29 24.43 -7.17 -21.64
C GLU C 29 23.84 -8.55 -21.95
N VAL C 30 22.66 -8.55 -22.53
CA VAL C 30 21.99 -9.77 -23.00
C VAL C 30 21.68 -9.62 -24.49
N THR C 31 21.31 -10.73 -25.13
CA THR C 31 21.07 -10.73 -26.58
C THR C 31 19.82 -9.97 -26.98
N ASN C 32 18.82 -9.91 -26.09
CA ASN C 32 17.59 -9.21 -26.38
C ASN C 32 16.83 -8.91 -25.11
N ALA C 33 15.95 -7.91 -25.18
CA ALA C 33 15.07 -7.59 -24.08
C ALA C 33 13.83 -6.88 -24.59
N THR C 34 12.85 -6.73 -23.71
CA THR C 34 11.57 -6.14 -24.06
C THR C 34 11.16 -5.13 -22.97
N GLU C 35 10.54 -4.04 -23.40
CA GLU C 35 10.17 -2.93 -22.52
C GLU C 35 8.89 -3.27 -21.74
N LEU C 36 8.93 -3.13 -20.42
CA LEU C 36 7.76 -3.36 -19.56
C LEU C 36 7.05 -2.08 -19.11
N VAL C 37 7.59 -0.91 -19.43
CA VAL C 37 6.94 0.36 -19.08
C VAL C 37 6.44 1.08 -20.31
N GLN C 38 5.13 1.30 -20.38
CA GLN C 38 4.52 2.10 -21.43
C GLN C 38 4.76 3.58 -21.12
N SER C 39 5.49 4.29 -21.97
CA SER C 39 5.85 5.70 -21.71
C SER C 39 5.31 6.72 -22.71
N SER C 40 4.60 6.26 -23.74
CA SER C 40 4.03 7.16 -24.74
C SER C 40 2.54 6.94 -24.88
N SER C 41 1.88 7.96 -25.43
CA SER C 41 0.45 7.97 -25.71
C SER C 41 0.27 8.53 -27.09
N THR C 42 -0.83 8.16 -27.76
CA THR C 42 -1.22 8.80 -29.01
C THR C 42 -1.61 10.28 -28.87
N GLY C 43 -1.97 10.71 -27.65
CA GLY C 43 -2.47 12.07 -27.44
C GLY C 43 -3.96 12.20 -27.66
N LYS C 44 -4.64 11.08 -27.93
CA LYS C 44 -6.07 11.05 -28.25
C LYS C 44 -6.77 10.03 -27.37
N ILE C 45 -7.97 10.38 -26.92
CA ILE C 45 -8.84 9.46 -26.20
C ILE C 45 -9.69 8.67 -27.21
N CYS C 46 -9.48 7.36 -27.24
CA CYS C 46 -10.27 6.48 -28.10
C CYS C 46 -11.73 6.41 -27.65
N ASN C 47 -12.64 6.56 -28.62
CA ASN C 47 -14.08 6.56 -28.33
C ASN C 47 -14.73 5.19 -28.10
N ASN C 48 -13.97 4.10 -28.33
CA ASN C 48 -14.38 2.72 -28.01
C ASN C 48 -13.29 2.02 -27.17
N PRO C 49 -13.65 1.04 -26.32
CA PRO C 49 -15.02 0.53 -26.14
C PRO C 49 -15.81 1.18 -25.00
N HIS C 50 -15.25 2.19 -24.33
CA HIS C 50 -15.97 2.88 -23.26
C HIS C 50 -16.81 4.00 -23.86
N ARG C 51 -18.00 4.21 -23.32
CA ARG C 51 -18.82 5.36 -23.70
C ARG C 51 -18.24 6.68 -23.11
N ILE C 52 -17.62 7.48 -23.98
CA ILE C 52 -16.99 8.74 -23.61
C ILE C 52 -17.97 9.86 -23.89
N LEU C 53 -18.19 10.71 -22.89
CA LEU C 53 -19.02 11.88 -23.08
C LEU C 53 -18.15 13.10 -22.85
N ASP C 54 -17.98 13.88 -23.92
CA ASP C 54 -17.20 15.09 -23.90
C ASP C 54 -18.03 16.22 -23.32
N GLY C 55 -17.58 16.77 -22.20
CA GLY C 55 -18.28 17.88 -21.57
C GLY C 55 -18.25 19.17 -22.36
N ILE C 56 -17.31 19.28 -23.30
CA ILE C 56 -17.08 20.49 -24.08
C ILE C 56 -16.94 21.70 -23.14
N ASP C 57 -17.93 22.59 -23.10
CA ASP C 57 -17.89 23.81 -22.29
C ASP C 57 -18.53 23.60 -20.92
N CYS C 58 -18.88 22.36 -20.56
CA CYS C 58 -19.69 22.11 -19.37
C CYS C 58 -18.97 21.23 -18.36
N THR C 59 -19.03 21.61 -17.08
CA THR C 59 -18.69 20.70 -15.99
C THR C 59 -19.87 19.78 -15.78
N LEU C 60 -19.60 18.63 -15.16
CA LEU C 60 -20.65 17.69 -14.82
C LEU C 60 -21.73 18.35 -13.95
N ILE C 61 -21.33 19.18 -13.00
CA ILE C 61 -22.28 19.81 -12.07
C ILE C 61 -23.19 20.81 -12.80
N ASP C 62 -22.64 21.57 -13.74
CA ASP C 62 -23.45 22.49 -14.56
C ASP C 62 -24.44 21.74 -15.45
N ALA C 63 -24.02 20.60 -15.99
CA ALA C 63 -24.91 19.71 -16.74
C ALA C 63 -26.01 19.16 -15.83
N LEU C 64 -25.64 18.76 -14.62
CA LEU C 64 -26.58 18.27 -13.62
C LEU C 64 -27.64 19.33 -13.28
N LEU C 65 -27.22 20.53 -12.92
CA LEU C 65 -28.14 21.58 -12.51
C LEU C 65 -29.01 22.09 -13.67
N GLY C 66 -28.44 22.07 -14.87
CA GLY C 66 -29.10 22.51 -16.06
C GLY C 66 -28.87 23.97 -16.40
N ASP C 67 -27.61 24.39 -16.32
CA ASP C 67 -27.11 25.65 -16.93
C ASP C 67 -27.50 25.61 -18.42
N PRO C 68 -28.13 26.69 -18.95
CA PRO C 68 -28.68 26.63 -20.34
C PRO C 68 -27.72 26.15 -21.40
N HIS C 69 -26.47 26.61 -21.38
CA HIS C 69 -25.53 26.14 -22.41
C HIS C 69 -25.15 24.66 -22.27
N CYS C 70 -25.59 24.03 -21.16
CA CYS C 70 -25.43 22.59 -20.92
C CYS C 70 -26.70 21.76 -21.14
N ASP C 71 -27.77 22.35 -21.67
CA ASP C 71 -29.04 21.63 -21.87
C ASP C 71 -28.91 20.42 -22.78
N VAL C 72 -27.97 20.46 -23.72
CA VAL C 72 -27.68 19.32 -24.59
C VAL C 72 -27.31 18.04 -23.82
N PHE C 73 -26.82 18.17 -22.58
CA PHE C 73 -26.49 16.99 -21.75
C PHE C 73 -27.68 16.36 -21.00
N GLN C 74 -28.87 16.93 -21.08
CA GLN C 74 -30.02 16.36 -20.38
C GLN C 74 -30.18 14.87 -20.63
N ASN C 75 -30.41 14.11 -19.56
CA ASN C 75 -30.57 12.64 -19.65
C ASN C 75 -29.40 11.84 -20.27
N GLU C 76 -28.23 12.45 -20.41
CA GLU C 76 -27.09 11.75 -20.99
C GLU C 76 -26.53 10.68 -20.05
N THR C 77 -25.76 9.76 -20.61
CA THR C 77 -25.11 8.71 -19.86
C THR C 77 -23.69 8.59 -20.36
N TRP C 78 -22.85 7.94 -19.55
CA TRP C 78 -21.43 7.82 -19.84
C TRP C 78 -20.80 6.68 -19.03
N ASP C 79 -19.71 6.15 -19.56
CA ASP C 79 -18.74 5.40 -18.79
C ASP C 79 -17.69 6.37 -18.22
N LEU C 80 -17.22 7.30 -19.05
CA LEU C 80 -16.28 8.32 -18.64
C LEU C 80 -16.73 9.68 -19.14
N PHE C 81 -17.06 10.58 -18.22
CA PHE C 81 -17.34 11.97 -18.51
C PHE C 81 -16.00 12.73 -18.54
N VAL C 82 -15.75 13.47 -19.60
CA VAL C 82 -14.48 14.18 -19.76
C VAL C 82 -14.70 15.69 -19.59
N GLU C 83 -14.15 16.25 -18.51
CA GLU C 83 -14.25 17.69 -18.23
C GLU C 83 -13.06 18.42 -18.85
N ARG C 84 -13.34 19.49 -19.60
CA ARG C 84 -12.32 20.28 -20.30
C ARG C 84 -11.92 21.52 -19.50
N SER C 85 -10.68 21.96 -19.64
CA SER C 85 -10.22 23.16 -18.92
C SER C 85 -10.89 24.45 -19.41
N LYS C 86 -11.40 24.45 -20.64
CA LYS C 86 -12.17 25.59 -21.15
C LYS C 86 -13.59 25.71 -20.58
N ALA C 87 -14.06 24.76 -19.78
CA ALA C 87 -15.45 24.78 -19.31
C ALA C 87 -15.72 26.05 -18.51
N PHE C 88 -16.95 26.53 -18.59
CA PHE C 88 -17.35 27.74 -17.87
C PHE C 88 -18.80 27.64 -17.43
N SER C 89 -19.13 28.34 -16.36
CA SER C 89 -20.50 28.49 -15.89
C SER C 89 -21.09 29.75 -16.46
N ASN C 90 -22.39 29.72 -16.77
CA ASN C 90 -23.07 30.88 -17.34
C ASN C 90 -24.51 31.03 -16.88
N CYS C 91 -24.74 30.75 -15.60
CA CYS C 91 -26.06 30.84 -15.00
C CYS C 91 -25.93 31.60 -13.68
N TYR C 92 -26.85 31.40 -12.74
CA TYR C 92 -26.81 32.13 -11.48
C TYR C 92 -25.56 31.67 -10.71
N PRO C 93 -24.85 32.60 -10.08
CA PRO C 93 -23.64 32.17 -9.37
C PRO C 93 -23.97 31.34 -8.14
N TYR C 94 -23.23 30.24 -7.96
CA TYR C 94 -23.56 29.25 -6.95
C TYR C 94 -22.31 28.67 -6.33
N ASP C 95 -22.45 28.13 -5.12
CA ASP C 95 -21.46 27.23 -4.57
C ASP C 95 -22.12 25.90 -4.19
N VAL C 96 -21.30 24.87 -4.08
CA VAL C 96 -21.74 23.58 -3.58
C VAL C 96 -20.85 23.21 -2.40
N PRO C 97 -21.38 23.34 -1.17
CA PRO C 97 -20.62 22.76 -0.05
C PRO C 97 -20.42 21.27 -0.34
N ASP C 98 -19.19 20.82 -0.25
CA ASP C 98 -18.87 19.45 -0.65
C ASP C 98 -19.12 19.18 -2.15
N TYR C 99 -18.75 20.18 -2.95
CA TYR C 99 -18.71 20.07 -4.41
C TYR C 99 -18.11 18.74 -4.86
N ALA C 100 -16.92 18.43 -4.34
CA ALA C 100 -16.19 17.26 -4.76
C ALA C 100 -16.96 15.95 -4.58
N SER C 101 -17.74 15.84 -3.50
CA SER C 101 -18.55 14.66 -3.23
C SER C 101 -19.73 14.54 -4.19
N LEU C 102 -20.43 15.65 -4.43
CA LEU C 102 -21.55 15.62 -5.38
C LEU C 102 -21.04 15.23 -6.77
N ARG C 103 -19.96 15.88 -7.21
CA ARG C 103 -19.34 15.53 -8.49
C ARG C 103 -18.98 14.06 -8.56
N SER C 104 -18.41 13.54 -7.47
CA SER C 104 -18.00 12.15 -7.42
C SER C 104 -19.19 11.19 -7.51
N LEU C 105 -20.22 11.43 -6.73
CA LEU C 105 -21.35 10.50 -6.69
C LEU C 105 -22.12 10.52 -8.02
N VAL C 106 -22.26 11.69 -8.65
CA VAL C 106 -22.91 11.76 -9.96
C VAL C 106 -22.05 11.07 -11.00
N ALA C 107 -20.75 11.37 -11.03
CA ALA C 107 -19.82 10.75 -12.00
C ALA C 107 -19.87 9.24 -11.96
N SER C 108 -19.94 8.72 -10.74
CA SER C 108 -19.94 7.30 -10.49
C SER C 108 -21.28 6.62 -10.84
N SER C 109 -22.37 7.35 -10.66
CA SER C 109 -23.70 6.90 -11.07
C SER C 109 -23.85 6.77 -12.60
N GLY C 110 -23.13 7.57 -13.38
CA GLY C 110 -23.07 7.39 -14.84
C GLY C 110 -24.26 7.88 -15.65
N THR C 111 -25.17 8.61 -15.02
CA THR C 111 -26.39 9.07 -15.69
C THR C 111 -26.91 10.40 -15.14
N LEU C 112 -27.54 11.18 -16.01
CA LEU C 112 -28.29 12.39 -15.63
C LEU C 112 -29.79 12.25 -15.89
N GLU C 113 -30.28 11.01 -16.02
CA GLU C 113 -31.71 10.78 -16.17
C GLU C 113 -32.52 11.44 -15.09
N PHE C 114 -33.41 12.35 -15.50
CA PHE C 114 -34.21 13.15 -14.60
C PHE C 114 -35.68 12.81 -14.78
N ILE C 115 -36.38 12.60 -13.69
CA ILE C 115 -37.80 12.29 -13.69
C ILE C 115 -38.47 13.44 -12.95
N THR C 116 -39.29 14.19 -13.67
CA THR C 116 -40.06 15.29 -13.11
C THR C 116 -41.13 14.74 -12.19
N GLU C 117 -41.36 15.41 -11.08
CA GLU C 117 -42.38 15.01 -10.08
C GLU C 117 -43.28 16.19 -9.83
N GLY C 118 -44.53 15.92 -9.50
CA GLY C 118 -45.52 16.96 -9.30
C GLY C 118 -45.56 17.52 -7.90
N PHE C 119 -44.55 18.33 -7.56
CA PHE C 119 -44.57 19.05 -6.28
C PHE C 119 -45.65 20.12 -6.35
N THR C 120 -46.33 20.35 -5.23
CA THR C 120 -47.36 21.40 -5.13
C THR C 120 -46.84 22.45 -4.17
N TRP C 121 -46.58 23.65 -4.70
CA TRP C 121 -46.02 24.74 -3.93
C TRP C 121 -47.11 25.76 -3.74
N THR C 122 -47.97 25.50 -2.76
CA THR C 122 -49.16 26.32 -2.52
C THR C 122 -48.82 27.73 -2.03
N GLY C 123 -49.25 28.75 -2.77
CA GLY C 123 -49.18 30.15 -2.34
C GLY C 123 -47.88 30.88 -2.65
N VAL C 124 -47.05 30.33 -3.54
CA VAL C 124 -45.83 30.99 -4.02
C VAL C 124 -45.82 31.07 -5.54
N THR C 125 -44.99 31.97 -6.05
CA THR C 125 -44.75 32.09 -7.49
C THR C 125 -43.64 31.14 -7.85
N GLN C 126 -43.83 30.37 -8.91
CA GLN C 126 -42.82 29.44 -9.40
C GLN C 126 -42.07 30.00 -10.59
N ASN C 127 -41.02 29.29 -10.99
CA ASN C 127 -40.24 29.54 -12.22
C ASN C 127 -39.54 30.89 -12.30
N GLY C 128 -39.03 31.34 -11.17
CA GLY C 128 -38.25 32.57 -11.12
C GLY C 128 -36.98 32.45 -11.95
N GLY C 129 -36.50 33.59 -12.43
CA GLY C 129 -35.27 33.62 -13.23
C GLY C 129 -34.51 34.93 -13.10
N SER C 130 -33.41 35.00 -13.83
CA SER C 130 -32.46 36.08 -13.68
C SER C 130 -31.72 36.30 -14.98
N ASN C 131 -31.29 37.54 -15.18
CA ASN C 131 -30.43 37.89 -16.31
C ASN C 131 -29.02 37.34 -16.19
N ALA C 132 -28.65 36.88 -15.00
CA ALA C 132 -27.43 36.09 -14.84
C ALA C 132 -27.46 34.76 -15.58
N CYS C 133 -28.64 34.30 -15.97
CA CYS C 133 -28.86 32.99 -16.55
C CYS C 133 -29.87 33.04 -17.70
N LYS C 134 -29.44 33.67 -18.80
CA LYS C 134 -30.26 33.83 -19.99
C LYS C 134 -30.59 32.50 -20.68
N ARG C 135 -31.85 32.37 -21.05
CA ARG C 135 -32.39 31.22 -21.77
C ARG C 135 -33.17 31.78 -22.94
N GLY C 136 -32.67 31.56 -24.15
CA GLY C 136 -33.08 32.36 -25.31
C GLY C 136 -32.78 33.82 -25.02
N PRO C 137 -33.65 34.75 -25.46
CA PRO C 137 -33.40 36.16 -25.22
C PRO C 137 -33.72 36.63 -23.78
N GLY C 138 -34.57 35.93 -23.02
CA GLY C 138 -35.05 36.42 -21.72
C GLY C 138 -34.37 35.81 -20.52
N SER C 139 -34.71 36.31 -19.34
CA SER C 139 -34.12 35.80 -18.12
C SER C 139 -34.54 34.35 -17.90
N GLY C 140 -33.69 33.59 -17.23
CA GLY C 140 -33.97 32.19 -16.98
C GLY C 140 -33.26 31.67 -15.74
N PHE C 141 -33.14 30.34 -15.69
CA PHE C 141 -32.64 29.66 -14.53
C PHE C 141 -32.20 28.24 -14.90
N PHE C 142 -31.55 27.58 -13.95
CA PHE C 142 -31.20 26.17 -14.04
C PHE C 142 -32.44 25.34 -14.38
N SER C 143 -32.37 24.48 -15.38
CA SER C 143 -33.56 23.71 -15.81
C SER C 143 -34.12 22.77 -14.76
N ARG C 144 -33.29 22.24 -13.87
CA ARG C 144 -33.73 21.26 -12.88
C ARG C 144 -34.13 21.85 -11.53
N LEU C 145 -34.08 23.17 -11.39
CA LEU C 145 -34.39 23.87 -10.17
C LEU C 145 -35.52 24.85 -10.39
N ASN C 146 -36.28 25.12 -9.34
CA ASN C 146 -37.50 25.94 -9.40
C ASN C 146 -37.41 27.02 -8.35
N TRP C 147 -37.16 28.25 -8.79
CA TRP C 147 -36.94 29.36 -7.88
C TRP C 147 -38.31 29.87 -7.45
N LEU C 148 -38.62 29.69 -6.16
CA LEU C 148 -39.90 30.10 -5.63
C LEU C 148 -39.79 31.47 -4.97
N THR C 149 -40.78 32.31 -5.19
CA THR C 149 -40.83 33.64 -4.58
C THR C 149 -42.28 33.92 -4.18
N LYS C 150 -42.50 35.06 -3.52
CA LYS C 150 -43.81 35.39 -3.00
C LYS C 150 -44.88 35.47 -4.08
N SER C 151 -46.13 35.25 -3.66
CA SER C 151 -47.29 35.46 -4.49
C SER C 151 -48.16 36.47 -3.77
N GLY C 152 -48.58 37.51 -4.50
CA GLY C 152 -49.16 38.67 -3.86
C GLY C 152 -48.15 39.29 -2.92
N SER C 153 -48.52 39.42 -1.64
CA SER C 153 -47.63 39.98 -0.62
C SER C 153 -47.28 38.99 0.49
N THR C 154 -47.39 37.68 0.20
CA THR C 154 -47.16 36.63 1.20
C THR C 154 -46.33 35.48 0.64
N TYR C 155 -45.56 34.85 1.51
CA TYR C 155 -44.84 33.60 1.23
C TYR C 155 -45.13 32.70 2.43
N PRO C 156 -46.06 31.72 2.27
CA PRO C 156 -46.43 30.89 3.42
C PRO C 156 -45.38 29.83 3.75
N VAL C 157 -45.59 29.12 4.85
CA VAL C 157 -44.74 28.00 5.20
C VAL C 157 -45.00 26.91 4.18
N LEU C 158 -44.00 26.57 3.39
CA LEU C 158 -44.13 25.49 2.43
C LEU C 158 -43.86 24.21 3.16
N ASN C 159 -44.71 23.22 2.93
CA ASN C 159 -44.59 21.93 3.56
C ASN C 159 -45.04 20.87 2.58
N VAL C 160 -44.10 20.16 1.96
CA VAL C 160 -44.47 19.14 0.98
C VAL C 160 -43.75 17.83 1.17
N THR C 161 -44.31 16.79 0.57
CA THR C 161 -43.84 15.45 0.69
C THR C 161 -43.76 14.76 -0.64
N MET C 162 -42.83 13.82 -0.75
CA MET C 162 -42.72 12.97 -1.92
C MET C 162 -42.18 11.62 -1.49
N PRO C 163 -43.06 10.62 -1.40
CA PRO C 163 -42.55 9.31 -1.02
C PRO C 163 -41.85 8.61 -2.18
N ASN C 164 -40.89 7.76 -1.86
CA ASN C 164 -40.26 6.91 -2.84
C ASN C 164 -40.92 5.54 -2.76
N ASN C 165 -41.85 5.29 -3.68
CA ASN C 165 -42.50 4.00 -3.83
C ASN C 165 -41.91 3.17 -4.95
N ASP C 166 -40.76 3.58 -5.48
CA ASP C 166 -40.05 2.82 -6.49
C ASP C 166 -39.06 1.87 -5.81
N ASN C 167 -38.39 1.04 -6.60
CA ASN C 167 -37.40 0.09 -6.07
C ASN C 167 -35.94 0.51 -6.35
N PHE C 168 -35.73 1.81 -6.55
CA PHE C 168 -34.40 2.40 -6.80
C PHE C 168 -34.26 3.66 -5.93
N ASP C 169 -33.01 4.10 -5.74
CA ASP C 169 -32.73 5.32 -4.97
C ASP C 169 -32.95 6.55 -5.83
N LYS C 170 -33.51 7.59 -5.22
CA LYS C 170 -33.71 8.89 -5.87
C LYS C 170 -32.71 9.91 -5.34
N LEU C 171 -32.04 10.65 -6.25
CA LEU C 171 -31.19 11.79 -5.88
C LEU C 171 -31.95 13.10 -6.14
N TYR C 172 -32.14 13.90 -5.10
CA TYR C 172 -32.74 15.21 -5.23
C TYR C 172 -31.70 16.31 -5.06
N ILE C 173 -31.64 17.23 -6.03
CA ILE C 173 -30.79 18.40 -5.97
C ILE C 173 -31.68 19.59 -5.63
N TRP C 174 -31.29 20.36 -4.64
CA TRP C 174 -32.06 21.54 -4.24
C TRP C 174 -31.10 22.61 -3.78
N GLY C 175 -31.62 23.77 -3.41
CA GLY C 175 -30.74 24.85 -3.02
C GLY C 175 -31.36 25.87 -2.14
N VAL C 176 -30.53 26.83 -1.76
CA VAL C 176 -30.89 27.93 -0.91
C VAL C 176 -30.34 29.22 -1.49
N HIS C 177 -31.17 30.25 -1.55
CA HIS C 177 -30.78 31.53 -2.09
C HIS C 177 -30.32 32.46 -0.99
N HIS C 178 -29.19 33.10 -1.20
CA HIS C 178 -28.59 34.03 -0.27
C HIS C 178 -28.66 35.42 -0.88
N PRO C 179 -29.68 36.22 -0.51
CA PRO C 179 -29.73 37.59 -1.05
C PRO C 179 -28.57 38.47 -0.62
N SER C 180 -28.31 39.51 -1.40
CA SER C 180 -27.26 40.49 -1.06
C SER C 180 -27.70 41.52 -0.02
N THR C 181 -28.97 41.89 0.00
CA THR C 181 -29.49 42.92 0.92
C THR C 181 -30.79 42.49 1.57
N ASN C 182 -31.13 43.16 2.68
CA ASN C 182 -32.38 42.91 3.40
C ASN C 182 -33.60 43.33 2.57
N GLN C 183 -33.42 44.37 1.76
CA GLN C 183 -34.46 44.81 0.84
C GLN C 183 -34.80 43.69 -0.17
N GLU C 184 -33.77 43.02 -0.67
CA GLU C 184 -33.91 41.89 -1.58
C GLU C 184 -34.60 40.69 -0.91
N GLN C 185 -34.17 40.36 0.30
CA GLN C 185 -34.77 39.28 1.08
C GLN C 185 -36.27 39.48 1.27
N THR C 186 -36.69 40.65 1.75
CA THR C 186 -38.10 40.90 2.05
C THR C 186 -38.91 41.08 0.78
N SER C 187 -38.30 41.71 -0.23
CA SER C 187 -38.93 41.83 -1.53
C SER C 187 -39.27 40.49 -2.16
N LEU C 188 -38.36 39.52 -2.08
CA LEU C 188 -38.58 38.20 -2.67
C LEU C 188 -39.38 37.24 -1.81
N TYR C 189 -39.14 37.24 -0.50
CA TYR C 189 -39.68 36.20 0.39
C TYR C 189 -40.53 36.68 1.58
N VAL C 190 -40.76 37.99 1.68
CA VAL C 190 -41.53 38.63 2.77
C VAL C 190 -40.84 38.53 4.13
N GLN C 191 -40.64 37.33 4.63
CA GLN C 191 -39.99 37.11 5.93
C GLN C 191 -38.56 37.64 5.89
N ALA C 192 -38.15 38.29 6.99
CA ALA C 192 -36.82 38.92 7.09
C ALA C 192 -35.68 37.92 7.15
N SER C 193 -36.00 36.69 7.56
CA SER C 193 -35.05 35.61 7.52
C SER C 193 -35.74 34.32 7.08
N GLY C 194 -35.18 33.66 6.08
CA GLY C 194 -35.72 32.40 5.60
C GLY C 194 -35.14 31.20 6.31
N ARG C 195 -35.57 30.03 5.86
CA ARG C 195 -35.09 28.75 6.38
C ARG C 195 -35.53 27.65 5.43
N VAL C 196 -34.65 26.67 5.22
CA VAL C 196 -34.94 25.50 4.42
C VAL C 196 -34.56 24.25 5.18
N THR C 197 -35.53 23.34 5.35
CA THR C 197 -35.30 22.06 6.00
C THR C 197 -35.73 20.94 5.05
N VAL C 198 -34.79 20.09 4.68
CA VAL C 198 -35.05 18.93 3.83
C VAL C 198 -34.71 17.65 4.59
N SER C 199 -35.66 16.72 4.66
CA SER C 199 -35.48 15.55 5.53
C SER C 199 -36.06 14.28 4.97
N THR C 200 -35.45 13.17 5.39
CA THR C 200 -36.00 11.83 5.24
C THR C 200 -36.29 11.29 6.64
N ARG C 201 -36.68 10.02 6.75
CA ARG C 201 -36.89 9.42 8.08
C ARG C 201 -35.65 9.41 8.95
N ARG C 202 -34.50 9.16 8.32
CA ARG C 202 -33.22 8.92 8.98
C ARG C 202 -32.35 10.15 9.18
N SER C 203 -32.47 11.11 8.28
CA SER C 203 -31.57 12.28 8.29
C SER C 203 -32.24 13.59 7.90
N GLN C 204 -31.54 14.69 8.12
CA GLN C 204 -32.07 16.01 7.87
C GLN C 204 -30.95 17.02 7.65
N GLN C 205 -31.24 18.03 6.85
CA GLN C 205 -30.35 19.17 6.63
C GLN C 205 -31.21 20.41 6.85
N THR C 206 -30.72 21.36 7.64
CA THR C 206 -31.35 22.68 7.73
C THR C 206 -30.32 23.75 7.48
N ILE C 207 -30.70 24.68 6.59
CA ILE C 207 -29.84 25.73 6.13
C ILE C 207 -30.54 27.06 6.41
N ILE C 208 -29.84 27.96 7.08
CA ILE C 208 -30.28 29.34 7.25
C ILE C 208 -29.56 30.17 6.19
N PRO C 209 -30.29 30.95 5.39
CA PRO C 209 -29.62 31.86 4.46
C PRO C 209 -28.88 32.99 5.18
N ASN C 210 -27.87 33.50 4.51
CA ASN C 210 -27.00 34.54 5.00
C ASN C 210 -27.08 35.71 4.03
N ILE C 211 -27.59 36.84 4.50
CA ILE C 211 -27.75 38.01 3.67
C ILE C 211 -26.42 38.76 3.63
N GLY C 212 -26.04 39.28 2.46
CA GLY C 212 -24.80 40.08 2.30
C GLY C 212 -24.21 40.04 0.92
N SER C 213 -23.40 41.04 0.60
CA SER C 213 -22.77 41.10 -0.73
C SER C 213 -21.62 40.13 -0.84
N ARG C 214 -21.59 39.44 -1.98
CA ARG C 214 -20.46 38.68 -2.46
C ARG C 214 -19.94 39.43 -3.70
N PRO C 215 -18.79 39.01 -4.25
CA PRO C 215 -18.37 39.70 -5.46
C PRO C 215 -19.37 39.49 -6.60
N TRP C 216 -19.48 40.52 -7.42
CA TRP C 216 -20.34 40.56 -8.59
C TRP C 216 -19.91 39.48 -9.59
N VAL C 217 -20.83 38.59 -9.92
CA VAL C 217 -20.66 37.62 -11.01
C VAL C 217 -21.92 37.69 -11.85
N ARG C 218 -21.73 37.94 -13.14
CA ARG C 218 -22.82 38.07 -14.09
C ARG C 218 -24.01 38.83 -13.51
N MET C 219 -23.78 40.08 -13.11
CA MET C 219 -24.87 40.99 -12.73
C MET C 219 -25.40 40.82 -11.30
N THR C 220 -24.84 39.90 -10.51
CA THR C 220 -25.37 39.72 -9.16
C THR C 220 -24.33 39.49 -8.06
N SER C 221 -24.62 40.09 -6.91
CA SER C 221 -23.88 39.91 -5.65
C SER C 221 -24.45 38.77 -4.82
N ALA C 222 -25.66 38.32 -5.15
CA ALA C 222 -26.28 37.22 -4.42
C ALA C 222 -25.75 35.89 -4.88
N ARG C 223 -26.15 34.84 -4.18
CA ARG C 223 -25.68 33.47 -4.43
C ARG C 223 -26.74 32.43 -4.17
N ILE C 224 -26.51 31.26 -4.76
CA ILE C 224 -27.27 30.06 -4.46
C ILE C 224 -26.31 29.03 -3.90
N SER C 225 -26.73 28.32 -2.85
CA SER C 225 -25.96 27.19 -2.35
C SER C 225 -26.69 25.92 -2.68
N ILE C 226 -25.97 24.93 -3.22
CA ILE C 226 -26.55 23.69 -3.69
C ILE C 226 -26.33 22.55 -2.71
N TYR C 227 -27.42 21.85 -2.39
CA TYR C 227 -27.40 20.67 -1.52
C TYR C 227 -28.07 19.49 -2.20
N TRP C 228 -27.85 18.30 -1.67
CA TRP C 228 -28.48 17.10 -2.18
C TRP C 228 -28.93 16.13 -1.10
N THR C 229 -29.92 15.31 -1.43
CA THR C 229 -30.55 14.35 -0.54
C THR C 229 -30.89 13.09 -1.35
N ILE C 230 -30.47 11.92 -0.87
CA ILE C 230 -30.83 10.65 -1.47
C ILE C 230 -31.98 10.03 -0.68
N VAL C 231 -33.02 9.59 -1.37
CA VAL C 231 -34.17 8.96 -0.75
C VAL C 231 -34.24 7.51 -1.21
N LYS C 232 -34.15 6.58 -0.27
CA LYS C 232 -34.12 5.16 -0.59
C LYS C 232 -35.54 4.61 -0.69
N PRO C 233 -35.70 3.41 -1.31
CA PRO C 233 -37.02 2.81 -1.41
C PRO C 233 -37.68 2.69 -0.07
N GLY C 234 -38.94 3.12 0.01
CA GLY C 234 -39.70 3.09 1.24
C GLY C 234 -39.52 4.31 2.10
N ASP C 235 -38.57 5.19 1.78
CA ASP C 235 -38.36 6.41 2.57
C ASP C 235 -39.21 7.53 1.94
N VAL C 236 -39.17 8.71 2.54
CA VAL C 236 -39.99 9.82 2.13
C VAL C 236 -39.17 11.10 2.21
N LEU C 237 -39.30 11.98 1.23
CA LEU C 237 -38.71 13.29 1.27
C LEU C 237 -39.73 14.25 1.84
N VAL C 238 -39.31 15.13 2.75
CA VAL C 238 -40.14 16.25 3.18
C VAL C 238 -39.32 17.52 3.04
N ILE C 239 -39.94 18.55 2.48
CA ILE C 239 -39.31 19.85 2.31
C ILE C 239 -40.17 20.87 3.02
N ASN C 240 -39.53 21.68 3.86
CA ASN C 240 -40.20 22.66 4.69
C ASN C 240 -39.44 23.98 4.62
N SER C 241 -40.12 25.06 4.29
CA SER C 241 -39.46 26.35 4.12
C SER C 241 -40.38 27.52 4.31
N ASN C 242 -39.89 28.60 4.94
CA ASN C 242 -40.62 29.86 4.99
C ASN C 242 -39.90 30.94 4.19
N GLY C 243 -39.07 30.53 3.22
CA GLY C 243 -38.37 31.46 2.38
C GLY C 243 -37.03 30.94 1.91
N ASN C 244 -36.62 31.37 0.71
CA ASN C 244 -35.28 31.17 0.17
C ASN C 244 -35.04 29.77 -0.43
N LEU C 245 -36.09 28.98 -0.57
CA LEU C 245 -35.99 27.66 -1.16
C LEU C 245 -35.79 27.78 -2.68
N ILE C 246 -34.76 27.08 -3.16
CA ILE C 246 -34.63 26.77 -4.57
C ILE C 246 -34.99 25.30 -4.72
N ALA C 247 -36.22 25.05 -5.17
CA ALA C 247 -36.85 23.73 -5.08
C ALA C 247 -36.44 22.76 -6.17
N PRO C 248 -36.46 21.45 -5.88
CA PRO C 248 -36.26 20.47 -6.94
C PRO C 248 -37.49 20.39 -7.82
N ARG C 249 -37.29 20.02 -9.09
CA ARG C 249 -38.41 19.72 -10.00
C ARG C 249 -38.70 18.23 -10.11
N GLY C 250 -37.89 17.42 -9.45
CA GLY C 250 -37.93 15.97 -9.60
C GLY C 250 -36.64 15.39 -9.06
N TYR C 251 -36.30 14.19 -9.53
CA TYR C 251 -35.13 13.48 -9.02
C TYR C 251 -34.32 12.89 -10.14
N PHE C 252 -33.05 12.61 -9.81
CA PHE C 252 -32.16 11.89 -10.71
C PHE C 252 -32.15 10.42 -10.34
N LYS C 253 -32.19 9.58 -11.36
CA LYS C 253 -32.16 8.15 -11.14
C LYS C 253 -30.72 7.72 -10.93
N MET C 254 -30.41 7.06 -9.82
CA MET C 254 -29.04 6.62 -9.51
C MET C 254 -28.78 5.20 -9.95
N ARG C 255 -27.56 4.94 -10.38
CA ARG C 255 -27.10 3.59 -10.72
C ARG C 255 -25.76 3.35 -10.03
N THR C 256 -25.31 2.11 -10.09
CA THR C 256 -23.96 1.77 -9.73
C THR C 256 -23.40 1.04 -10.92
N GLY C 257 -22.09 1.06 -11.05
CA GLY C 257 -21.42 0.48 -12.22
C GLY C 257 -20.04 1.07 -12.37
N LYS C 258 -19.50 0.99 -13.60
CA LYS C 258 -18.11 1.39 -13.89
C LYS C 258 -17.90 2.86 -14.32
N SER C 259 -18.87 3.72 -14.08
CA SER C 259 -18.75 5.10 -14.56
C SER C 259 -17.81 5.97 -13.73
N SER C 260 -17.16 6.93 -14.37
CA SER C 260 -16.27 7.88 -13.67
C SER C 260 -16.18 9.20 -14.42
N ILE C 261 -15.22 10.04 -14.01
CA ILE C 261 -15.01 11.35 -14.61
C ILE C 261 -13.51 11.61 -14.66
N MET C 262 -13.06 12.36 -15.66
CA MET C 262 -11.67 12.68 -15.84
C MET C 262 -11.50 14.07 -16.41
N ARG C 263 -10.51 14.81 -15.89
CA ARG C 263 -10.11 16.10 -16.42
C ARG C 263 -9.07 15.88 -17.50
N SER C 264 -9.34 16.37 -18.71
CA SER C 264 -8.43 16.17 -19.84
C SER C 264 -8.78 17.13 -20.96
N ASP C 265 -7.75 17.55 -21.69
CA ASP C 265 -7.93 18.35 -22.90
C ASP C 265 -7.57 17.53 -24.14
N ALA C 266 -7.33 16.24 -24.01
CA ALA C 266 -7.04 15.41 -25.18
C ALA C 266 -8.30 15.30 -26.07
N PRO C 267 -8.14 15.39 -27.40
CA PRO C 267 -9.30 15.18 -28.27
C PRO C 267 -9.73 13.72 -28.38
N ILE C 268 -11.00 13.52 -28.71
CA ILE C 268 -11.60 12.18 -28.84
C ILE C 268 -11.51 11.75 -30.28
N ASP C 269 -11.09 10.51 -30.51
CA ASP C 269 -10.84 9.99 -31.85
C ASP C 269 -11.53 8.64 -32.02
N THR C 270 -11.76 8.24 -33.26
CA THR C 270 -12.33 6.92 -33.55
C THR C 270 -11.23 5.84 -33.55
N CYS C 271 -11.12 5.11 -32.46
CA CYS C 271 -10.18 3.99 -32.33
C CYS C 271 -10.63 3.14 -31.13
N ILE C 272 -9.88 2.08 -30.85
CA ILE C 272 -10.20 1.17 -29.76
C ILE C 272 -9.03 1.12 -28.77
N SER C 273 -9.32 1.45 -27.51
CA SER C 273 -8.35 1.32 -26.42
C SER C 273 -9.04 1.13 -25.08
N GLU C 274 -8.66 0.07 -24.38
CA GLU C 274 -9.18 -0.21 -23.05
C GLU C 274 -8.77 0.82 -21.99
N CYS C 275 -7.56 1.37 -22.12
CA CYS C 275 -6.98 2.24 -21.10
C CYS C 275 -6.96 3.70 -21.53
N ILE C 276 -7.43 4.58 -20.65
CA ILE C 276 -7.50 6.00 -20.92
C ILE C 276 -6.78 6.77 -19.82
N THR C 277 -5.97 7.74 -20.22
CA THR C 277 -5.34 8.69 -19.32
C THR C 277 -5.71 10.09 -19.78
N PRO C 278 -5.48 11.11 -18.94
CA PRO C 278 -5.65 12.49 -19.39
C PRO C 278 -4.75 12.92 -20.57
N ASN C 279 -3.62 12.24 -20.75
CA ASN C 279 -2.73 12.44 -21.90
C ASN C 279 -3.25 11.81 -23.17
N GLY C 280 -4.22 10.91 -23.03
CA GLY C 280 -4.78 10.14 -24.13
C GLY C 280 -4.79 8.68 -23.77
N SER C 281 -5.26 7.87 -24.69
CA SER C 281 -5.28 6.44 -24.53
C SER C 281 -3.86 5.90 -24.60
N ILE C 282 -3.62 4.80 -23.90
CA ILE C 282 -2.36 4.10 -23.99
C ILE C 282 -2.62 2.63 -24.21
N PRO C 283 -1.69 1.95 -24.91
CA PRO C 283 -1.79 0.49 -24.98
C PRO C 283 -1.66 -0.14 -23.61
N ASN C 284 -2.24 -1.33 -23.44
CA ASN C 284 -2.12 -2.08 -22.19
C ASN C 284 -1.50 -3.48 -22.37
N ASP C 285 -0.62 -3.64 -23.35
CA ASP C 285 0.14 -4.89 -23.47
C ASP C 285 1.27 -4.99 -22.42
N LYS C 286 1.72 -3.86 -21.87
CA LYS C 286 2.77 -3.85 -20.86
C LYS C 286 2.18 -3.78 -19.45
N PRO C 287 2.86 -4.36 -18.45
CA PRO C 287 2.32 -4.38 -17.08
C PRO C 287 2.43 -3.06 -16.33
N PHE C 288 3.35 -2.19 -16.74
CA PHE C 288 3.59 -0.92 -16.05
C PHE C 288 3.49 0.26 -17.02
N GLN C 289 3.23 1.44 -16.48
CA GLN C 289 3.24 2.66 -17.30
C GLN C 289 3.70 3.85 -16.50
N ASN C 290 4.24 4.82 -17.21
CA ASN C 290 4.80 6.02 -16.63
C ASN C 290 4.14 7.28 -17.21
N VAL C 291 2.99 7.11 -17.88
CA VAL C 291 2.33 8.21 -18.58
C VAL C 291 1.59 9.10 -17.58
N ASN C 292 0.74 8.51 -16.74
CA ASN C 292 -0.04 9.29 -15.80
C ASN C 292 -0.59 8.39 -14.72
N LYS C 293 -0.52 8.87 -13.48
CA LYS C 293 -1.09 8.13 -12.36
C LYS C 293 -2.62 8.10 -12.40
N ILE C 294 -3.23 9.05 -13.12
CA ILE C 294 -4.66 9.05 -13.37
C ILE C 294 -4.96 8.18 -14.58
N THR C 295 -5.74 7.13 -14.38
CA THR C 295 -6.16 6.24 -15.44
C THR C 295 -7.59 5.74 -15.23
N TYR C 296 -8.17 5.24 -16.33
CA TYR C 296 -9.50 4.65 -16.36
C TYR C 296 -9.45 3.43 -17.29
N GLY C 297 -9.97 2.30 -16.82
CA GLY C 297 -10.07 1.09 -17.63
C GLY C 297 -9.02 0.07 -17.28
N ALA C 298 -8.80 -0.88 -18.18
CA ALA C 298 -7.82 -1.93 -17.99
C ALA C 298 -6.44 -1.34 -18.35
N CYS C 299 -5.68 -0.95 -17.34
CA CYS C 299 -4.46 -0.16 -17.51
C CYS C 299 -3.25 -0.83 -16.89
N PRO C 300 -2.06 -0.55 -17.44
CA PRO C 300 -0.85 -0.92 -16.71
C PRO C 300 -0.80 -0.11 -15.43
N LYS C 301 -0.08 -0.62 -14.43
CA LYS C 301 0.07 0.06 -13.15
C LYS C 301 1.07 1.19 -13.29
N TYR C 302 0.77 2.33 -12.67
CA TYR C 302 1.67 3.48 -12.71
C TYR C 302 2.90 3.23 -11.84
N VAL C 303 4.07 3.50 -12.41
CA VAL C 303 5.34 3.41 -11.70
C VAL C 303 6.17 4.65 -12.04
N LYS C 304 7.19 4.89 -11.23
CA LYS C 304 8.07 6.05 -11.44
C LYS C 304 9.13 5.84 -12.52
N GLN C 305 9.51 4.60 -12.81
CA GLN C 305 10.56 4.35 -13.78
C GLN C 305 10.06 4.67 -15.18
N ASN C 306 10.89 5.28 -16.02
CA ASN C 306 10.49 5.48 -17.42
C ASN C 306 10.89 4.31 -18.33
N THR C 307 11.72 3.39 -17.83
CA THR C 307 12.07 2.18 -18.57
C THR C 307 12.42 1.04 -17.62
N LEU C 308 11.98 -0.16 -17.95
CA LEU C 308 12.42 -1.39 -17.29
C LEU C 308 12.48 -2.50 -18.31
N LYS C 309 13.65 -3.11 -18.46
CA LYS C 309 13.88 -4.08 -19.51
C LYS C 309 13.87 -5.47 -18.96
N LEU C 310 12.99 -6.31 -19.49
CA LEU C 310 12.96 -7.75 -19.18
C LEU C 310 13.79 -8.49 -20.23
N ALA C 311 14.85 -9.14 -19.78
CA ALA C 311 15.73 -9.92 -20.65
C ALA C 311 14.94 -11.03 -21.29
N THR C 312 15.09 -11.16 -22.61
CA THR C 312 14.41 -12.21 -23.37
C THR C 312 15.44 -13.05 -24.10
N GLY C 313 16.67 -13.03 -23.60
CA GLY C 313 17.74 -13.82 -24.17
C GLY C 313 18.87 -14.00 -23.20
N MET C 314 19.79 -14.86 -23.57
CA MET C 314 20.97 -15.13 -22.78
C MET C 314 21.94 -13.96 -22.71
N ARG C 315 22.90 -14.13 -21.83
CA ARG C 315 24.05 -13.23 -21.72
C ARG C 315 24.77 -13.12 -23.07
N ASN C 316 25.04 -11.89 -23.52
CA ASN C 316 25.67 -11.65 -24.79
C ASN C 316 27.19 -11.50 -24.65
N VAL C 317 27.92 -12.44 -25.22
CA VAL C 317 29.39 -12.47 -25.17
C VAL C 317 29.88 -12.49 -26.61
N PRO C 318 30.16 -11.30 -27.20
CA PRO C 318 30.47 -11.27 -28.63
C PRO C 318 31.86 -11.77 -28.99
N GLU C 319 32.08 -11.97 -30.30
CA GLU C 319 33.20 -12.70 -30.96
C GLU C 319 32.66 -14.02 -31.54
N GLY D 1 26.86 -16.75 -15.15
CA GLY D 1 25.79 -17.49 -14.43
C GLY D 1 26.27 -18.59 -13.51
N LEU D 2 25.31 -19.26 -12.90
CA LEU D 2 25.58 -20.26 -11.89
C LEU D 2 26.27 -21.53 -12.39
N PHE D 3 26.17 -21.83 -13.68
CA PHE D 3 26.73 -23.07 -14.25
C PHE D 3 28.08 -22.89 -14.93
N GLY D 4 28.43 -21.65 -15.25
CA GLY D 4 29.77 -21.34 -15.71
C GLY D 4 30.08 -21.81 -17.12
N ALA D 5 29.05 -22.00 -17.94
CA ALA D 5 29.26 -22.32 -19.35
C ALA D 5 29.31 -21.00 -20.13
N ILE D 6 28.18 -20.29 -20.15
CA ILE D 6 28.07 -19.02 -20.89
C ILE D 6 28.83 -17.95 -20.14
N ALA D 7 29.76 -17.28 -20.83
CA ALA D 7 30.73 -16.36 -20.23
C ALA D 7 31.57 -17.04 -19.15
N GLY D 8 31.86 -18.33 -19.37
CA GLY D 8 32.59 -19.14 -18.42
C GLY D 8 33.60 -19.96 -19.18
N PHE D 9 33.45 -21.30 -19.20
CA PHE D 9 34.39 -22.16 -19.91
C PHE D 9 34.21 -22.09 -21.43
N ILE D 10 33.06 -21.60 -21.88
CA ILE D 10 32.89 -21.23 -23.29
C ILE D 10 33.24 -19.75 -23.41
N GLU D 11 34.37 -19.48 -24.07
CA GLU D 11 34.97 -18.13 -24.17
C GLU D 11 34.00 -17.07 -24.66
N ASN D 12 33.24 -17.40 -25.69
CA ASN D 12 32.33 -16.44 -26.30
C ASN D 12 31.26 -17.09 -27.14
N GLY D 13 30.31 -16.27 -27.56
CA GLY D 13 29.23 -16.71 -28.43
C GLY D 13 29.61 -16.67 -29.90
N TRP D 14 28.72 -17.21 -30.74
CA TRP D 14 28.90 -17.24 -32.17
C TRP D 14 27.88 -16.34 -32.83
N GLU D 15 28.35 -15.20 -33.34
CA GLU D 15 27.50 -14.31 -34.13
C GLU D 15 26.99 -14.97 -35.42
N GLY D 16 27.77 -15.92 -35.94
CA GLY D 16 27.41 -16.69 -37.13
C GLY D 16 26.18 -17.58 -37.00
N MET D 17 25.85 -18.01 -35.79
CA MET D 17 24.71 -18.89 -35.59
C MET D 17 23.39 -18.12 -35.47
N ILE D 18 22.67 -18.04 -36.59
CA ILE D 18 21.42 -17.30 -36.69
C ILE D 18 20.16 -18.18 -36.68
N ASP D 19 20.35 -19.50 -36.78
CA ASP D 19 19.24 -20.47 -36.84
C ASP D 19 18.98 -21.20 -35.51
N GLY D 20 19.55 -20.69 -34.41
CA GLY D 20 19.44 -21.36 -33.13
C GLY D 20 20.20 -20.65 -32.05
N TRP D 21 19.92 -21.00 -30.80
CA TRP D 21 20.55 -20.37 -29.63
C TRP D 21 21.76 -21.14 -29.16
N TYR D 22 21.72 -22.47 -29.30
CA TYR D 22 22.82 -23.35 -28.92
C TYR D 22 23.10 -24.26 -30.11
N GLY D 23 24.31 -24.80 -30.18
CA GLY D 23 24.63 -25.73 -31.25
C GLY D 23 26.05 -26.22 -31.33
N PHE D 24 26.39 -26.79 -32.50
CA PHE D 24 27.64 -27.52 -32.70
C PHE D 24 28.48 -26.92 -33.83
N ARG D 25 29.79 -26.90 -33.61
CA ARG D 25 30.78 -26.71 -34.66
C ARG D 25 31.76 -27.87 -34.65
N HIS D 26 32.20 -28.30 -35.83
CA HIS D 26 33.12 -29.43 -35.94
C HIS D 26 34.24 -29.19 -36.92
N GLN D 27 35.36 -29.87 -36.67
CA GLN D 27 36.39 -30.08 -37.67
C GLN D 27 36.61 -31.58 -37.81
N ASN D 28 36.57 -32.09 -39.04
CA ASN D 28 36.94 -33.47 -39.36
C ASN D 28 37.72 -33.50 -40.68
N SER D 29 38.01 -34.69 -41.21
CA SER D 29 38.75 -34.81 -42.49
C SER D 29 38.05 -34.10 -43.66
N GLU D 30 36.71 -34.13 -43.68
CA GLU D 30 35.91 -33.52 -44.75
C GLU D 30 35.72 -31.99 -44.70
N GLY D 31 36.16 -31.33 -43.62
CA GLY D 31 36.08 -29.87 -43.50
C GLY D 31 35.43 -29.43 -42.21
N THR D 32 34.90 -28.21 -42.20
CA THR D 32 34.22 -27.66 -41.02
C THR D 32 32.77 -27.34 -41.32
N GLY D 33 32.00 -27.17 -40.25
CA GLY D 33 30.57 -26.86 -40.38
C GLY D 33 29.89 -26.54 -39.08
N GLN D 34 28.65 -26.09 -39.19
CA GLN D 34 27.87 -25.58 -38.07
C GLN D 34 26.42 -26.06 -38.14
N ALA D 35 25.85 -26.41 -36.98
CA ALA D 35 24.44 -26.75 -36.89
C ALA D 35 23.84 -26.35 -35.54
N ALA D 36 22.66 -25.75 -35.59
CA ALA D 36 21.88 -25.46 -34.39
C ALA D 36 21.37 -26.75 -33.77
N ASP D 37 21.25 -26.75 -32.44
CA ASP D 37 20.53 -27.80 -31.72
C ASP D 37 19.14 -27.25 -31.39
N LEU D 38 18.12 -27.84 -32.03
CA LEU D 38 16.75 -27.37 -31.90
C LEU D 38 16.20 -27.56 -30.49
N LYS D 39 16.55 -28.67 -29.84
CA LYS D 39 15.92 -29.10 -28.58
C LYS D 39 16.24 -28.19 -27.39
N SER D 40 17.53 -27.91 -27.20
CA SER D 40 18.00 -26.98 -26.17
C SER D 40 17.54 -25.56 -26.43
N THR D 41 17.62 -25.13 -27.69
CA THR D 41 17.13 -23.83 -28.12
C THR D 41 15.67 -23.65 -27.76
N GLN D 42 14.87 -24.68 -28.03
CA GLN D 42 13.44 -24.61 -27.77
C GLN D 42 13.12 -24.63 -26.26
N ALA D 43 13.82 -25.46 -25.50
CA ALA D 43 13.67 -25.48 -24.03
C ALA D 43 13.88 -24.10 -23.37
N ALA D 44 14.86 -23.34 -23.87
CA ALA D 44 15.14 -22.00 -23.37
C ALA D 44 14.03 -21.02 -23.78
N ILE D 45 13.68 -21.04 -25.05
CA ILE D 45 12.64 -20.17 -25.59
C ILE D 45 11.30 -20.43 -24.92
N ASP D 46 10.95 -21.69 -24.71
CA ASP D 46 9.68 -22.05 -24.05
C ASP D 46 9.59 -21.52 -22.62
N GLN D 47 10.68 -21.64 -21.88
CA GLN D 47 10.78 -21.07 -20.53
C GLN D 47 10.69 -19.54 -20.52
N ILE D 48 11.37 -18.90 -21.47
CA ILE D 48 11.32 -17.46 -21.56
C ILE D 48 9.94 -16.97 -21.96
N ASN D 49 9.31 -17.64 -22.92
CA ASN D 49 7.93 -17.32 -23.29
C ASN D 49 6.98 -17.49 -22.13
N GLY D 50 7.20 -18.54 -21.35
CA GLY D 50 6.41 -18.79 -20.15
C GLY D 50 6.45 -17.61 -19.20
N LYS D 51 7.66 -17.15 -18.89
CA LYS D 51 7.80 -16.03 -17.95
C LYS D 51 7.31 -14.69 -18.50
N LEU D 52 7.53 -14.48 -19.79
CA LEU D 52 7.05 -13.28 -20.46
C LEU D 52 5.53 -13.19 -20.40
N ASN D 53 4.85 -14.29 -20.69
CA ASN D 53 3.38 -14.33 -20.63
C ASN D 53 2.83 -14.15 -19.21
N ARG D 54 3.51 -14.68 -18.21
CA ARG D 54 3.13 -14.46 -16.80
C ARG D 54 3.27 -12.98 -16.42
N VAL D 55 4.32 -12.32 -16.89
CA VAL D 55 4.57 -10.91 -16.58
C VAL D 55 3.59 -9.97 -17.27
N ILE D 56 3.23 -10.22 -18.53
CA ILE D 56 2.32 -9.31 -19.27
C ILE D 56 0.83 -9.71 -19.15
N GLU D 57 0.52 -10.52 -18.13
CA GLU D 57 -0.83 -10.98 -17.84
C GLU D 57 -1.60 -9.78 -17.27
N LYS D 58 -2.60 -9.32 -18.00
CA LYS D 58 -3.36 -8.11 -17.62
C LYS D 58 -4.05 -8.33 -16.28
N THR D 59 -3.69 -7.51 -15.31
CA THR D 59 -4.00 -7.77 -13.89
C THR D 59 -5.13 -6.87 -13.41
N ASN D 60 -5.02 -5.58 -13.73
CA ASN D 60 -5.86 -4.59 -13.06
C ASN D 60 -6.74 -3.85 -14.05
N GLU D 61 -7.97 -3.67 -13.61
CA GLU D 61 -8.96 -2.91 -14.30
C GLU D 61 -9.67 -2.08 -13.24
N LYS D 62 -9.51 -0.77 -13.31
CA LYS D 62 -10.05 0.16 -12.30
C LYS D 62 -10.90 1.21 -12.96
N PHE D 63 -11.94 1.64 -12.26
CA PHE D 63 -12.89 2.59 -12.80
C PHE D 63 -12.87 3.84 -11.95
N HIS D 64 -13.92 4.13 -11.20
CA HIS D 64 -13.91 5.33 -10.37
C HIS D 64 -12.96 5.13 -9.21
N GLN D 65 -12.05 6.09 -9.00
CA GLN D 65 -11.02 6.02 -7.96
C GLN D 65 -11.05 7.34 -7.17
N ILE D 66 -9.94 7.75 -6.61
CA ILE D 66 -9.85 9.04 -5.94
C ILE D 66 -9.28 10.08 -6.89
N GLU D 67 -9.51 11.35 -6.59
CA GLU D 67 -8.82 12.43 -7.26
C GLU D 67 -7.33 12.41 -6.87
N LYS D 68 -6.49 12.75 -7.84
CA LYS D 68 -5.04 12.74 -7.69
C LYS D 68 -4.35 14.03 -8.08
N GLU D 69 -5.07 15.01 -8.58
CA GLU D 69 -4.57 16.38 -8.79
C GLU D 69 -5.60 17.30 -8.23
N PHE D 70 -5.19 18.46 -7.75
CA PHE D 70 -6.08 19.36 -7.02
C PHE D 70 -5.73 20.78 -7.39
N SER D 71 -6.75 21.60 -7.63
CA SER D 71 -6.56 22.99 -8.04
C SER D 71 -6.51 23.95 -6.85
N GLU D 72 -6.96 23.50 -5.66
CA GLU D 72 -7.01 24.30 -4.44
C GLU D 72 -6.20 23.65 -3.31
N VAL D 73 -5.66 24.48 -2.43
CA VAL D 73 -5.12 24.03 -1.16
C VAL D 73 -6.31 23.76 -0.21
N GLU D 74 -6.32 22.59 0.39
CA GLU D 74 -7.41 22.21 1.31
C GLU D 74 -6.97 21.74 2.69
N GLY D 75 -5.78 21.18 2.80
CA GLY D 75 -5.26 20.72 4.06
C GLY D 75 -5.41 19.21 4.22
N ARG D 76 -5.95 18.82 5.37
CA ARG D 76 -5.86 17.45 5.91
C ARG D 76 -6.34 16.32 4.97
N ILE D 77 -7.55 16.47 4.43
CA ILE D 77 -8.11 15.43 3.56
C ILE D 77 -7.24 15.24 2.29
N GLN D 78 -6.80 16.36 1.72
CA GLN D 78 -5.97 16.35 0.53
C GLN D 78 -4.59 15.79 0.82
N ASP D 79 -4.03 16.11 1.99
CA ASP D 79 -2.72 15.52 2.39
C ASP D 79 -2.82 14.02 2.39
N LEU D 80 -3.92 13.51 2.94
CA LEU D 80 -4.15 12.05 3.00
C LEU D 80 -4.33 11.39 1.62
N GLU D 81 -5.17 11.99 0.77
CA GLU D 81 -5.34 11.54 -0.61
C GLU D 81 -4.00 11.43 -1.34
N LYS D 82 -3.18 12.47 -1.24
CA LYS D 82 -1.86 12.47 -1.90
C LYS D 82 -0.92 11.43 -1.33
N TYR D 83 -0.91 11.33 0.00
CA TYR D 83 -0.06 10.38 0.68
C TYR D 83 -0.43 8.96 0.30
N VAL D 84 -1.73 8.68 0.20
CA VAL D 84 -2.22 7.36 -0.21
C VAL D 84 -1.69 7.02 -1.60
N GLU D 85 -1.83 7.93 -2.53
CA GLU D 85 -1.41 7.69 -3.90
C GLU D 85 0.12 7.55 -4.04
N ASP D 86 0.85 8.44 -3.38
CA ASP D 86 2.31 8.36 -3.36
C ASP D 86 2.84 7.04 -2.74
N THR D 87 2.21 6.59 -1.64
CA THR D 87 2.52 5.30 -1.03
C THR D 87 2.32 4.13 -2.00
N LYS D 88 1.16 4.12 -2.65
CA LYS D 88 0.85 3.12 -3.66
C LYS D 88 1.90 3.07 -4.78
N ILE D 89 2.20 4.24 -5.32
CA ILE D 89 3.12 4.35 -6.45
C ILE D 89 4.53 3.83 -6.10
N ASP D 90 5.02 4.20 -4.91
CA ASP D 90 6.32 3.73 -4.46
C ASP D 90 6.37 2.22 -4.26
N LEU D 91 5.31 1.65 -3.70
CA LEU D 91 5.24 0.21 -3.52
C LEU D 91 5.20 -0.53 -4.84
N TRP D 92 4.40 -0.03 -5.77
CA TRP D 92 4.35 -0.61 -7.12
C TRP D 92 5.67 -0.43 -7.85
N SER D 93 6.32 0.74 -7.71
CA SER D 93 7.62 0.97 -8.38
C SER D 93 8.67 0.00 -7.86
N TYR D 94 8.62 -0.25 -6.55
CA TYR D 94 9.51 -1.23 -5.95
C TYR D 94 9.25 -2.64 -6.50
N ASN D 95 7.97 -3.00 -6.61
CA ASN D 95 7.62 -4.33 -7.10
C ASN D 95 8.14 -4.50 -8.53
N ALA D 96 7.98 -3.47 -9.35
CA ALA D 96 8.44 -3.50 -10.73
C ALA D 96 9.97 -3.72 -10.79
N GLU D 97 10.70 -2.95 -10.00
CA GLU D 97 12.18 -3.04 -9.93
C GLU D 97 12.66 -4.42 -9.51
N LEU D 98 12.07 -4.95 -8.45
CA LEU D 98 12.44 -6.27 -7.95
C LEU D 98 12.09 -7.35 -8.97
N LEU D 99 10.90 -7.25 -9.56
CA LEU D 99 10.43 -8.26 -10.48
C LEU D 99 11.45 -8.44 -11.62
N VAL D 100 11.87 -7.34 -12.21
CA VAL D 100 12.75 -7.44 -13.37
C VAL D 100 14.12 -7.98 -12.96
N ALA D 101 14.61 -7.53 -11.82
CA ALA D 101 15.90 -7.99 -11.34
C ALA D 101 15.91 -9.51 -11.14
N LEU D 102 14.91 -10.03 -10.42
CA LEU D 102 14.76 -11.48 -10.19
C LEU D 102 14.57 -12.25 -11.51
N GLU D 103 13.67 -11.76 -12.34
CA GLU D 103 13.40 -12.39 -13.62
C GLU D 103 14.67 -12.48 -14.44
N ASN D 104 15.42 -11.39 -14.51
CA ASN D 104 16.60 -11.32 -15.38
C ASN D 104 17.77 -12.16 -14.87
N GLN D 105 17.97 -12.17 -13.56
CA GLN D 105 18.96 -13.05 -12.96
C GLN D 105 18.63 -14.51 -13.31
N HIS D 106 17.36 -14.87 -13.20
CA HIS D 106 16.91 -16.21 -13.49
C HIS D 106 17.03 -16.59 -14.97
N THR D 107 16.71 -15.65 -15.88
CA THR D 107 16.85 -15.86 -17.31
C THR D 107 18.30 -16.12 -17.73
N ILE D 108 19.22 -15.34 -17.17
CA ILE D 108 20.64 -15.54 -17.39
C ILE D 108 21.05 -16.94 -16.87
N ASP D 109 20.58 -17.31 -15.68
CA ASP D 109 20.92 -18.63 -15.13
C ASP D 109 20.32 -19.81 -15.89
N LEU D 110 19.07 -19.71 -16.33
CA LEU D 110 18.47 -20.83 -17.06
C LEU D 110 19.05 -21.01 -18.46
N THR D 111 19.47 -19.94 -19.11
CA THR D 111 20.11 -20.05 -20.42
C THR D 111 21.50 -20.66 -20.29
N ASP D 112 22.24 -20.26 -19.25
CA ASP D 112 23.54 -20.85 -18.88
C ASP D 112 23.33 -22.34 -18.60
N SER D 113 22.27 -22.65 -17.86
CA SER D 113 21.90 -24.02 -17.53
C SER D 113 21.66 -24.90 -18.77
N GLU D 114 20.91 -24.39 -19.75
CA GLU D 114 20.67 -25.17 -20.97
C GLU D 114 21.94 -25.47 -21.76
N MET D 115 22.87 -24.51 -21.79
CA MET D 115 24.17 -24.71 -22.45
C MET D 115 24.88 -25.88 -21.80
N ASN D 116 24.94 -25.81 -20.48
CA ASN D 116 25.56 -26.87 -19.67
C ASN D 116 24.86 -28.22 -19.87
N LYS D 117 23.53 -28.23 -19.90
CA LYS D 117 22.79 -29.47 -20.15
C LYS D 117 23.18 -30.12 -21.47
N LEU D 118 23.33 -29.31 -22.52
CA LEU D 118 23.68 -29.81 -23.83
C LEU D 118 25.09 -30.36 -23.83
N PHE D 119 26.00 -29.64 -23.19
CA PHE D 119 27.37 -30.08 -23.04
C PHE D 119 27.49 -31.43 -22.33
N GLU D 120 26.79 -31.59 -21.21
CA GLU D 120 26.89 -32.84 -20.44
C GLU D 120 26.22 -34.02 -21.16
N LYS D 121 25.16 -33.73 -21.90
CA LYS D 121 24.45 -34.72 -22.70
C LYS D 121 25.35 -35.25 -23.82
N THR D 122 26.10 -34.35 -24.45
CA THR D 122 27.02 -34.71 -25.54
C THR D 122 28.15 -35.59 -24.99
N GLY D 123 28.77 -35.16 -23.89
CA GLY D 123 29.83 -35.92 -23.23
C GLY D 123 29.43 -37.34 -22.87
N ARG D 124 28.25 -37.48 -22.27
CA ARG D 124 27.65 -38.79 -21.97
C ARG D 124 27.36 -39.67 -23.18
N GLN D 125 27.02 -39.03 -24.30
CA GLN D 125 26.77 -39.71 -25.57
C GLN D 125 28.06 -40.35 -26.11
N LEU D 126 29.14 -39.58 -26.06
CA LEU D 126 30.44 -40.02 -26.57
C LEU D 126 31.15 -41.08 -25.70
N ARG D 127 30.70 -41.29 -24.48
CA ARG D 127 31.26 -42.31 -23.58
C ARG D 127 32.79 -42.19 -23.51
N GLU D 128 33.53 -43.24 -23.87
CA GLU D 128 34.99 -43.25 -23.76
C GLU D 128 35.70 -42.92 -25.08
N ASN D 129 34.95 -42.46 -26.07
CA ASN D 129 35.50 -42.17 -27.39
C ASN D 129 35.89 -40.70 -27.57
N ALA D 130 35.83 -39.90 -26.51
CA ALA D 130 36.20 -38.48 -26.59
C ALA D 130 36.64 -37.96 -25.23
N GLU D 131 37.31 -36.80 -25.24
CA GLU D 131 37.75 -36.14 -24.00
C GLU D 131 37.39 -34.67 -24.01
N ASP D 132 36.99 -34.17 -22.84
CA ASP D 132 36.65 -32.76 -22.63
C ASP D 132 37.95 -31.93 -22.66
N MET D 133 38.10 -31.08 -23.67
CA MET D 133 39.26 -30.17 -23.75
C MET D 133 39.23 -29.09 -22.68
N GLY D 134 38.03 -28.66 -22.27
CA GLY D 134 37.86 -27.65 -21.21
C GLY D 134 37.38 -26.28 -21.67
N ASN D 135 37.17 -26.14 -22.98
CA ASN D 135 36.76 -24.89 -23.61
C ASN D 135 35.43 -25.06 -24.37
N GLY D 136 34.67 -26.08 -24.00
CA GLY D 136 33.45 -26.42 -24.69
C GLY D 136 33.60 -27.34 -25.89
N CYS D 137 34.82 -27.87 -26.11
CA CYS D 137 35.07 -28.78 -27.24
C CYS D 137 35.47 -30.16 -26.76
N PHE D 138 34.97 -31.18 -27.44
CA PHE D 138 35.46 -32.55 -27.28
C PHE D 138 36.44 -32.87 -28.40
N LYS D 139 37.57 -33.45 -28.03
CA LYS D 139 38.46 -34.10 -28.98
C LYS D 139 37.96 -35.54 -29.14
N ILE D 140 37.50 -35.87 -30.35
CA ILE D 140 37.02 -37.21 -30.65
C ILE D 140 38.18 -38.03 -31.22
N TYR D 141 38.43 -39.21 -30.65
CA TYR D 141 39.61 -40.01 -30.96
C TYR D 141 39.35 -41.09 -32.00
N HIS D 142 38.57 -40.77 -33.02
CA HIS D 142 38.37 -41.67 -34.15
C HIS D 142 37.93 -40.90 -35.39
N LYS D 143 37.94 -41.57 -36.54
CA LYS D 143 37.52 -40.94 -37.78
C LYS D 143 36.01 -40.75 -37.74
N CYS D 144 35.60 -39.48 -37.71
CA CYS D 144 34.18 -39.13 -37.66
C CYS D 144 33.85 -38.30 -38.88
N ASP D 145 33.42 -39.00 -39.93
CA ASP D 145 32.92 -38.39 -41.17
C ASP D 145 31.58 -37.66 -40.96
N ASN D 146 31.18 -36.84 -41.93
CA ASN D 146 29.98 -35.99 -41.79
C ASN D 146 28.73 -36.75 -41.34
N ALA D 147 28.58 -38.00 -41.79
CA ALA D 147 27.47 -38.87 -41.35
C ALA D 147 27.53 -39.18 -39.85
N CYS D 148 28.73 -39.38 -39.33
CA CYS D 148 28.98 -39.66 -37.90
C CYS D 148 28.68 -38.42 -37.05
N ILE D 149 29.11 -37.24 -37.49
CA ILE D 149 28.85 -35.99 -36.79
C ILE D 149 27.35 -35.75 -36.69
N GLU D 150 26.65 -35.84 -37.81
CA GLU D 150 25.18 -35.71 -37.82
C GLU D 150 24.52 -36.75 -36.88
N SER D 151 25.11 -37.93 -36.74
CA SER D 151 24.62 -38.95 -35.80
C SER D 151 24.75 -38.49 -34.33
N ILE D 152 25.82 -37.76 -34.03
CA ILE D 152 26.00 -37.17 -32.70
C ILE D 152 24.93 -36.11 -32.47
N ARG D 153 24.73 -35.24 -33.46
CA ARG D 153 23.83 -34.11 -33.33
C ARG D 153 22.34 -34.51 -33.26
N ASN D 154 21.94 -35.57 -33.99
CA ASN D 154 20.53 -36.05 -33.94
C ASN D 154 20.29 -37.29 -33.04
N GLY D 155 21.25 -37.57 -32.14
CA GLY D 155 21.06 -38.54 -31.06
C GLY D 155 21.13 -40.02 -31.41
N THR D 156 21.81 -40.37 -32.51
CA THR D 156 21.88 -41.77 -32.98
C THR D 156 23.30 -42.34 -33.06
N TYR D 157 24.25 -41.69 -32.40
CA TYR D 157 25.65 -42.14 -32.36
C TYR D 157 25.78 -43.35 -31.44
N ASP D 158 26.08 -44.51 -32.03
CA ASP D 158 26.38 -45.71 -31.28
C ASP D 158 27.87 -45.67 -30.93
N HIS D 159 28.18 -45.57 -29.63
CA HIS D 159 29.57 -45.48 -29.19
C HIS D 159 30.32 -46.82 -29.31
N ASP D 160 29.62 -47.95 -29.25
CA ASP D 160 30.26 -49.27 -29.34
C ASP D 160 30.96 -49.51 -30.68
N VAL D 161 30.39 -48.98 -31.75
CA VAL D 161 30.94 -49.11 -33.11
C VAL D 161 32.41 -48.63 -33.16
N TYR D 162 32.65 -47.44 -32.61
CA TYR D 162 33.95 -46.78 -32.68
C TYR D 162 34.85 -46.93 -31.44
N ARG D 163 34.42 -47.70 -30.43
CA ARG D 163 35.11 -47.74 -29.13
C ARG D 163 36.56 -48.26 -29.17
N ASP D 164 36.77 -49.42 -29.79
CA ASP D 164 38.12 -50.02 -29.93
C ASP D 164 39.09 -49.11 -30.67
N GLU D 165 38.65 -48.58 -31.81
CA GLU D 165 39.41 -47.60 -32.55
C GLU D 165 39.84 -46.44 -31.63
N ALA D 166 38.89 -45.91 -30.87
CA ALA D 166 39.12 -44.73 -30.04
C ALA D 166 39.92 -45.00 -28.78
N LEU D 167 39.61 -46.10 -28.11
CA LEU D 167 40.35 -46.52 -26.90
C LEU D 167 41.84 -46.68 -27.18
N ASN D 168 42.16 -47.27 -28.34
CA ASN D 168 43.54 -47.47 -28.77
C ASN D 168 44.26 -46.12 -29.00
N ASN D 169 43.62 -45.23 -29.75
CA ASN D 169 44.14 -43.86 -29.98
C ASN D 169 44.33 -43.04 -28.71
N ARG D 170 43.50 -43.26 -27.69
CA ARG D 170 43.60 -42.54 -26.41
C ARG D 170 44.70 -43.09 -25.50
N PHE D 171 44.74 -44.43 -25.39
CA PHE D 171 45.65 -45.16 -24.51
C PHE D 171 46.60 -46.04 -25.33
N PRO E 3 30.48 -60.57 -17.26
CA PRO E 3 29.10 -60.30 -16.82
C PRO E 3 29.05 -59.40 -15.58
N GLY E 4 28.63 -58.15 -15.78
CA GLY E 4 28.66 -57.11 -14.75
C GLY E 4 27.29 -56.81 -14.15
N ALA E 5 26.98 -55.52 -13.97
CA ALA E 5 25.77 -55.08 -13.28
C ALA E 5 25.37 -53.66 -13.67
N THR E 6 24.08 -53.36 -13.56
CA THR E 6 23.56 -52.00 -13.79
C THR E 6 23.12 -51.42 -12.47
N LEU E 7 23.41 -50.13 -12.25
CA LEU E 7 22.94 -49.39 -11.07
C LEU E 7 22.31 -48.12 -11.56
N CYS E 8 20.99 -48.03 -11.42
CA CYS E 8 20.20 -46.88 -11.88
C CYS E 8 19.78 -45.99 -10.72
N LEU E 9 20.06 -44.71 -10.86
CA LEU E 9 19.59 -43.66 -9.93
C LEU E 9 18.25 -43.14 -10.43
N GLY E 10 17.37 -42.84 -9.49
CA GLY E 10 16.07 -42.31 -9.83
C GLY E 10 15.37 -41.62 -8.68
N HIS E 11 14.13 -41.25 -8.93
CA HIS E 11 13.30 -40.52 -7.97
C HIS E 11 11.88 -41.02 -8.04
N HIS E 12 11.10 -40.68 -7.04
CA HIS E 12 9.73 -41.16 -6.94
C HIS E 12 8.80 -40.36 -7.85
N ALA E 13 7.62 -40.94 -8.08
CA ALA E 13 6.52 -40.30 -8.75
C ALA E 13 5.25 -40.82 -8.12
N VAL E 14 4.15 -40.15 -8.39
CA VAL E 14 2.86 -40.58 -7.88
C VAL E 14 1.91 -40.68 -9.07
N PRO E 15 0.82 -41.46 -8.95
CA PRO E 15 -0.12 -41.52 -10.08
C PRO E 15 -0.92 -40.21 -10.26
N ASN E 16 -1.35 -39.60 -9.15
CA ASN E 16 -2.22 -38.41 -9.17
C ASN E 16 -1.51 -37.19 -8.54
N GLY E 17 -0.80 -36.41 -9.35
CA GLY E 17 -0.07 -35.21 -8.88
C GLY E 17 -0.94 -33.97 -8.69
N THR E 18 -0.30 -32.84 -8.38
CA THR E 18 -0.99 -31.54 -8.18
C THR E 18 -0.36 -30.45 -9.03
N LEU E 19 -1.20 -29.57 -9.57
CA LEU E 19 -0.72 -28.46 -10.41
C LEU E 19 -0.35 -27.28 -9.55
N VAL E 20 0.81 -26.68 -9.83
CA VAL E 20 1.22 -25.42 -9.20
C VAL E 20 1.69 -24.43 -10.26
N LYS E 21 1.77 -23.18 -9.84
CA LYS E 21 2.30 -22.11 -10.66
C LYS E 21 3.76 -21.84 -10.30
N THR E 22 4.53 -21.43 -11.29
CA THR E 22 5.94 -21.09 -11.10
C THR E 22 6.24 -19.78 -11.85
N ILE E 23 7.50 -19.40 -11.89
CA ILE E 23 7.96 -18.24 -12.69
C ILE E 23 7.70 -18.46 -14.19
N THR E 24 7.99 -19.67 -14.69
CA THR E 24 7.91 -19.96 -16.10
C THR E 24 6.62 -20.67 -16.55
N ASP E 25 5.90 -21.35 -15.65
CA ASP E 25 4.71 -22.12 -16.03
C ASP E 25 3.51 -21.70 -15.19
N ASP E 26 2.38 -21.39 -15.80
CA ASP E 26 1.13 -21.21 -15.04
C ASP E 26 0.56 -22.49 -14.45
N GLN E 27 0.92 -23.63 -15.00
CA GLN E 27 0.50 -24.93 -14.47
C GLN E 27 1.60 -25.92 -14.72
N ILE E 28 2.11 -26.51 -13.65
CA ILE E 28 3.06 -27.60 -13.77
C ILE E 28 2.83 -28.56 -12.63
N GLU E 29 3.04 -29.85 -12.90
CA GLU E 29 2.63 -30.90 -12.01
C GLU E 29 3.77 -31.28 -11.06
N VAL E 30 3.46 -31.30 -9.77
CA VAL E 30 4.39 -31.74 -8.73
C VAL E 30 3.74 -32.87 -7.93
N THR E 31 4.55 -33.55 -7.11
CA THR E 31 4.05 -34.72 -6.37
C THR E 31 3.07 -34.36 -5.26
N ASN E 32 3.20 -33.16 -4.71
CA ASN E 32 2.34 -32.71 -3.64
C ASN E 32 2.39 -31.20 -3.49
N ALA E 33 1.36 -30.64 -2.88
CA ALA E 33 1.32 -29.23 -2.55
C ALA E 33 0.36 -29.00 -1.40
N THR E 34 0.40 -27.78 -0.88
CA THR E 34 -0.43 -27.40 0.25
C THR E 34 -1.09 -26.05 -0.04
N GLU E 35 -2.33 -25.91 0.41
CA GLU E 35 -3.13 -24.72 0.17
C GLU E 35 -2.73 -23.59 1.11
N LEU E 36 -2.43 -22.42 0.56
CA LEU E 36 -2.10 -21.23 1.34
C LEU E 36 -3.25 -20.23 1.51
N VAL E 37 -4.39 -20.45 0.84
CA VAL E 37 -5.55 -19.56 0.98
C VAL E 37 -6.70 -20.25 1.69
N GLN E 38 -7.12 -19.69 2.82
CA GLN E 38 -8.29 -20.17 3.53
C GLN E 38 -9.53 -19.64 2.84
N SER E 39 -10.37 -20.53 2.32
CA SER E 39 -11.55 -20.13 1.54
C SER E 39 -12.90 -20.54 2.13
N SER E 40 -12.91 -21.24 3.25
CA SER E 40 -14.16 -21.64 3.89
C SER E 40 -14.22 -21.15 5.32
N SER E 41 -15.44 -21.10 5.83
CA SER E 41 -15.74 -20.73 7.22
C SER E 41 -16.73 -21.76 7.75
N THR E 42 -16.78 -21.96 9.06
CA THR E 42 -17.86 -22.72 9.70
C THR E 42 -19.25 -22.07 9.59
N GLY E 43 -19.30 -20.76 9.35
CA GLY E 43 -20.57 -20.03 9.37
C GLY E 43 -20.99 -19.55 10.76
N LYS E 44 -20.12 -19.77 11.76
CA LYS E 44 -20.41 -19.42 13.14
C LYS E 44 -19.26 -18.60 13.71
N ILE E 45 -19.61 -17.61 14.51
CA ILE E 45 -18.63 -16.83 15.27
C ILE E 45 -18.33 -17.54 16.61
N CYS E 46 -17.09 -17.99 16.78
CA CYS E 46 -16.65 -18.60 18.02
C CYS E 46 -16.64 -17.61 19.20
N ASN E 47 -17.23 -18.01 20.31
CA ASN E 47 -17.35 -17.15 21.50
C ASN E 47 -16.06 -17.04 22.37
N ASN E 48 -15.03 -17.82 22.05
CA ASN E 48 -13.70 -17.71 22.66
C ASN E 48 -12.62 -17.60 21.55
N PRO E 49 -11.48 -16.95 21.82
CA PRO E 49 -11.14 -16.33 23.10
C PRO E 49 -11.49 -14.86 23.25
N HIS E 50 -12.12 -14.25 22.26
CA HIS E 50 -12.52 -12.86 22.34
C HIS E 50 -13.88 -12.73 23.00
N ARG E 51 -14.07 -11.70 23.80
CA ARG E 51 -15.39 -11.40 24.38
C ARG E 51 -16.35 -10.82 23.31
N ILE E 52 -17.29 -11.65 22.88
CA ILE E 52 -18.26 -11.28 21.85
C ILE E 52 -19.52 -10.81 22.52
N LEU E 53 -20.02 -9.64 22.14
CA LEU E 53 -21.29 -9.15 22.64
C LEU E 53 -22.23 -9.02 21.45
N ASP E 54 -23.29 -9.82 21.49
CA ASP E 54 -24.29 -9.85 20.46
C ASP E 54 -25.28 -8.70 20.70
N GLY E 55 -25.37 -7.79 19.75
CA GLY E 55 -26.28 -6.66 19.87
C GLY E 55 -27.74 -7.03 19.79
N ILE E 56 -28.03 -8.22 19.24
CA ILE E 56 -29.40 -8.70 19.02
C ILE E 56 -30.21 -7.65 18.25
N ASP E 57 -31.15 -6.96 18.90
CA ASP E 57 -32.00 -5.95 18.28
C ASP E 57 -31.44 -4.53 18.39
N CYS E 58 -30.22 -4.37 18.88
CA CYS E 58 -29.70 -3.05 19.21
C CYS E 58 -28.43 -2.72 18.43
N THR E 59 -28.36 -1.50 17.91
CA THR E 59 -27.11 -0.94 17.43
C THR E 59 -26.34 -0.49 18.64
N LEU E 60 -25.03 -0.36 18.45
CA LEU E 60 -24.17 0.18 19.52
C LEU E 60 -24.63 1.58 19.97
N ILE E 61 -25.02 2.42 19.02
CA ILE E 61 -25.42 3.78 19.36
C ILE E 61 -26.73 3.82 20.19
N ASP E 62 -27.68 2.97 19.85
CA ASP E 62 -28.92 2.87 20.64
C ASP E 62 -28.66 2.34 22.06
N ALA E 63 -27.73 1.40 22.18
CA ALA E 63 -27.25 0.94 23.50
C ALA E 63 -26.58 2.06 24.27
N LEU E 64 -25.75 2.83 23.58
CA LEU E 64 -25.09 3.99 24.17
C LEU E 64 -26.09 5.01 24.69
N LEU E 65 -27.03 5.45 23.86
CA LEU E 65 -27.98 6.50 24.24
C LEU E 65 -28.96 6.04 25.32
N GLY E 66 -29.27 4.74 25.28
CA GLY E 66 -30.18 4.13 26.24
C GLY E 66 -31.62 4.11 25.79
N ASP E 67 -31.82 3.70 24.53
CA ASP E 67 -33.13 3.29 23.98
C ASP E 67 -33.67 2.17 24.90
N PRO E 68 -34.95 2.26 25.38
CA PRO E 68 -35.44 1.31 26.39
C PRO E 68 -35.24 -0.18 26.09
N HIS E 69 -35.50 -0.62 24.86
CA HIS E 69 -35.27 -2.02 24.54
C HIS E 69 -33.78 -2.42 24.54
N CYS E 70 -32.88 -1.45 24.66
CA CYS E 70 -31.44 -1.67 24.79
C CYS E 70 -30.90 -1.47 26.22
N ASP E 71 -31.77 -1.30 27.21
CA ASP E 71 -31.34 -1.11 28.60
C ASP E 71 -30.51 -2.26 29.14
N VAL E 72 -30.75 -3.47 28.66
CA VAL E 72 -29.94 -4.63 29.03
C VAL E 72 -28.44 -4.48 28.74
N PHE E 73 -28.07 -3.61 27.79
CA PHE E 73 -26.65 -3.37 27.48
C PHE E 73 -25.95 -2.36 28.42
N GLN E 74 -26.66 -1.72 29.36
CA GLN E 74 -26.04 -0.76 30.27
C GLN E 74 -24.77 -1.29 30.89
N ASN E 75 -23.72 -0.47 30.89
CA ASN E 75 -22.40 -0.86 31.45
C ASN E 75 -21.75 -2.14 30.86
N GLU E 76 -22.21 -2.64 29.71
CA GLU E 76 -21.62 -3.84 29.10
C GLU E 76 -20.24 -3.55 28.53
N THR E 77 -19.48 -4.61 28.29
CA THR E 77 -18.16 -4.52 27.70
C THR E 77 -18.01 -5.59 26.64
N TRP E 78 -17.01 -5.42 25.78
CA TRP E 78 -16.76 -6.33 24.65
C TRP E 78 -15.34 -6.17 24.10
N ASP E 79 -14.87 -7.24 23.46
CA ASP E 79 -13.78 -7.16 22.51
C ASP E 79 -14.36 -6.88 21.12
N LEU E 80 -15.42 -7.59 20.74
CA LEU E 80 -16.10 -7.38 19.47
C LEU E 80 -17.60 -7.29 19.70
N PHE E 81 -18.16 -6.12 19.42
CA PHE E 81 -19.61 -5.91 19.41
C PHE E 81 -20.15 -6.32 18.03
N VAL E 82 -21.17 -7.18 18.01
CA VAL E 82 -21.72 -7.69 16.76
C VAL E 82 -23.09 -7.08 16.50
N GLU E 83 -23.18 -6.24 15.45
CA GLU E 83 -24.43 -5.58 15.07
C GLU E 83 -25.17 -6.45 14.05
N ARG E 84 -26.45 -6.69 14.30
CA ARG E 84 -27.29 -7.55 13.44
C ARG E 84 -28.14 -6.70 12.49
N SER E 85 -28.45 -7.25 11.32
CA SER E 85 -29.26 -6.52 10.34
C SER E 85 -30.70 -6.33 10.80
N LYS E 86 -31.21 -7.19 11.69
CA LYS E 86 -32.53 -6.99 12.28
C LYS E 86 -32.64 -5.86 13.33
N ALA E 87 -31.54 -5.20 13.70
CA ALA E 87 -31.60 -4.18 14.74
C ALA E 87 -32.55 -3.05 14.37
N PHE E 88 -33.18 -2.45 15.36
CA PHE E 88 -34.11 -1.34 15.14
C PHE E 88 -34.06 -0.36 16.30
N SER E 89 -34.41 0.90 16.00
CA SER E 89 -34.59 1.95 16.99
C SER E 89 -36.04 2.02 17.41
N ASN E 90 -36.28 2.35 18.68
CA ASN E 90 -37.63 2.46 19.21
C ASN E 90 -37.81 3.55 20.27
N CYS E 91 -37.15 4.68 20.06
CA CYS E 91 -37.20 5.80 20.99
C CYS E 91 -37.43 7.08 20.17
N TYR E 92 -37.02 8.24 20.67
CA TYR E 92 -37.24 9.50 19.96
C TYR E 92 -36.41 9.48 18.69
N PRO E 93 -36.97 9.95 17.57
CA PRO E 93 -36.20 9.91 16.35
C PRO E 93 -35.03 10.90 16.38
N TYR E 94 -33.87 10.45 15.92
CA TYR E 94 -32.64 11.20 16.07
C TYR E 94 -31.72 11.02 14.88
N ASP E 95 -30.83 11.97 14.69
CA ASP E 95 -29.69 11.75 13.81
C ASP E 95 -28.39 12.04 14.58
N VAL E 96 -27.29 11.49 14.09
CA VAL E 96 -25.96 11.78 14.63
C VAL E 96 -25.11 12.31 13.48
N PRO E 97 -24.85 13.62 13.42
CA PRO E 97 -23.85 14.09 12.47
C PRO E 97 -22.54 13.39 12.80
N ASP E 98 -21.92 12.81 11.80
CA ASP E 98 -20.74 11.98 12.03
C ASP E 98 -21.05 10.75 12.92
N TYR E 99 -22.20 10.14 12.65
CA TYR E 99 -22.58 8.83 13.20
C TYR E 99 -21.41 7.85 13.19
N ALA E 100 -20.80 7.68 12.03
CA ALA E 100 -19.75 6.69 11.86
C ALA E 100 -18.59 6.87 12.82
N SER E 101 -18.21 8.12 13.10
CA SER E 101 -17.12 8.43 14.04
C SER E 101 -17.49 8.10 15.48
N LEU E 102 -18.69 8.50 15.91
CA LEU E 102 -19.14 8.16 17.26
C LEU E 102 -19.20 6.63 17.45
N ARG E 103 -19.81 5.94 16.50
CA ARG E 103 -19.84 4.48 16.50
C ARG E 103 -18.43 3.89 16.62
N SER E 104 -17.48 4.44 15.85
CA SER E 104 -16.12 3.95 15.85
C SER E 104 -15.42 4.16 17.17
N LEU E 105 -15.52 5.36 17.73
CA LEU E 105 -14.79 5.64 18.96
C LEU E 105 -15.39 4.87 20.15
N VAL E 106 -16.71 4.70 20.21
CA VAL E 106 -17.31 3.86 21.24
C VAL E 106 -16.91 2.39 21.06
N ALA E 107 -17.02 1.87 19.83
CA ALA E 107 -16.64 0.48 19.54
C ALA E 107 -15.22 0.17 19.98
N SER E 108 -14.34 1.12 19.73
CA SER E 108 -12.92 1.00 20.03
C SER E 108 -12.60 1.08 21.54
N SER E 109 -13.38 1.88 22.24
CA SER E 109 -13.28 1.98 23.70
C SER E 109 -13.70 0.70 24.44
N GLY E 110 -14.62 -0.08 23.87
CA GLY E 110 -14.92 -1.40 24.41
C GLY E 110 -15.84 -1.48 25.61
N THR E 111 -16.45 -0.35 25.99
CA THR E 111 -17.25 -0.27 27.20
C THR E 111 -18.36 0.78 27.08
N LEU E 112 -19.45 0.54 27.77
CA LEU E 112 -20.53 1.51 27.96
C LEU E 112 -20.67 1.95 29.44
N GLU E 113 -19.63 1.74 30.23
CA GLU E 113 -19.65 2.18 31.62
C GLU E 113 -19.97 3.66 31.78
N PHE E 114 -21.06 3.94 32.48
CA PHE E 114 -21.60 5.28 32.63
C PHE E 114 -21.52 5.72 34.08
N ILE E 115 -21.00 6.92 34.31
CA ILE E 115 -20.84 7.48 35.63
C ILE E 115 -21.72 8.75 35.66
N THR E 116 -22.76 8.72 36.49
CA THR E 116 -23.67 9.84 36.65
C THR E 116 -22.94 10.96 37.37
N GLU E 117 -23.20 12.19 36.95
CA GLU E 117 -22.59 13.39 37.56
C GLU E 117 -23.71 14.35 37.94
N GLY E 118 -23.49 15.13 38.98
CA GLY E 118 -24.53 15.99 39.53
C GLY E 118 -24.58 17.35 38.88
N PHE E 119 -25.08 17.40 37.64
CA PHE E 119 -25.34 18.67 36.97
C PHE E 119 -26.53 19.35 37.68
N THR E 120 -26.44 20.66 37.82
CA THR E 120 -27.50 21.46 38.42
C THR E 120 -28.11 22.32 37.32
N TRP E 121 -29.38 22.07 37.01
CA TRP E 121 -30.06 22.74 35.91
C TRP E 121 -31.09 23.67 36.55
N THR E 122 -30.62 24.83 37.00
CA THR E 122 -31.45 25.77 37.74
C THR E 122 -32.52 26.43 36.87
N GLY E 123 -33.78 26.27 37.27
CA GLY E 123 -34.89 26.99 36.66
C GLY E 123 -35.54 26.32 35.46
N VAL E 124 -35.26 25.04 35.24
CA VAL E 124 -35.88 24.27 34.15
C VAL E 124 -36.50 22.99 34.69
N THR E 125 -37.41 22.43 33.91
CA THR E 125 -38.02 21.14 34.21
C THR E 125 -37.12 20.06 33.62
N GLN E 126 -36.81 19.02 34.39
CA GLN E 126 -35.99 17.91 33.94
C GLN E 126 -36.82 16.70 33.59
N ASN E 127 -36.16 15.69 33.01
CA ASN E 127 -36.73 14.35 32.74
C ASN E 127 -37.92 14.31 31.79
N GLY E 128 -37.87 15.17 30.76
CA GLY E 128 -38.89 15.17 29.74
C GLY E 128 -38.91 13.85 28.99
N GLY E 129 -40.08 13.51 28.45
CA GLY E 129 -40.25 12.28 27.69
C GLY E 129 -41.31 12.39 26.61
N SER E 130 -41.53 11.28 25.93
CA SER E 130 -42.39 11.25 24.77
C SER E 130 -42.95 9.87 24.55
N ASN E 131 -44.11 9.81 23.93
CA ASN E 131 -44.72 8.54 23.55
C ASN E 131 -43.98 7.85 22.43
N ALA E 132 -43.10 8.57 21.75
CA ALA E 132 -42.17 7.95 20.80
C ALA E 132 -41.19 6.99 21.46
N CYS E 133 -41.07 7.06 22.79
CA CYS E 133 -40.07 6.33 23.54
C CYS E 133 -40.66 5.81 24.89
N LYS E 134 -41.58 4.87 24.78
CA LYS E 134 -42.29 4.29 25.93
C LYS E 134 -41.42 3.57 26.94
N ARG E 135 -41.72 3.85 28.21
CA ARG E 135 -41.13 3.16 29.37
C ARG E 135 -42.28 2.78 30.29
N GLY E 136 -42.51 1.49 30.51
CA GLY E 136 -43.55 1.04 31.43
C GLY E 136 -44.90 1.52 30.94
N PRO E 137 -45.75 2.05 31.84
CA PRO E 137 -47.06 2.57 31.39
C PRO E 137 -46.99 3.96 30.73
N GLY E 138 -45.92 4.71 30.97
CA GLY E 138 -45.82 6.09 30.47
C GLY E 138 -44.97 6.36 29.25
N SER E 139 -44.89 7.64 28.96
CA SER E 139 -43.90 8.19 28.05
C SER E 139 -42.54 8.16 28.72
N GLY E 140 -41.49 8.16 27.90
CA GLY E 140 -40.12 8.10 28.41
C GLY E 140 -39.10 8.67 27.43
N PHE E 141 -37.84 8.32 27.65
CA PHE E 141 -36.74 8.92 26.91
C PHE E 141 -35.49 8.04 27.03
N PHE E 142 -34.47 8.38 26.26
CA PHE E 142 -33.14 7.77 26.36
C PHE E 142 -32.65 7.82 27.79
N SER E 143 -32.19 6.70 28.34
CA SER E 143 -31.78 6.68 29.75
C SER E 143 -30.60 7.60 30.10
N ARG E 144 -29.70 7.84 29.15
CA ARG E 144 -28.49 8.65 29.42
C ARG E 144 -28.61 10.13 29.09
N LEU E 145 -29.79 10.56 28.65
CA LEU E 145 -30.04 11.94 28.28
C LEU E 145 -31.16 12.53 29.11
N ASN E 146 -31.13 13.85 29.31
CA ASN E 146 -32.03 14.57 30.18
C ASN E 146 -32.68 15.71 29.41
N TRP E 147 -33.93 15.54 29.04
CA TRP E 147 -34.62 16.52 28.22
C TRP E 147 -35.12 17.65 29.12
N LEU E 148 -34.56 18.83 28.94
CA LEU E 148 -34.89 20.00 29.76
C LEU E 148 -35.90 20.88 29.04
N THR E 149 -36.87 21.38 29.78
CA THR E 149 -37.91 22.27 29.25
C THR E 149 -38.20 23.34 30.29
N LYS E 150 -39.03 24.32 29.93
CA LYS E 150 -39.30 25.45 30.79
C LYS E 150 -39.92 25.05 32.13
N SER E 151 -39.72 25.91 33.12
CA SER E 151 -40.34 25.79 34.43
C SER E 151 -41.10 27.08 34.67
N GLY E 152 -42.37 26.97 35.05
CA GLY E 152 -43.28 28.10 35.02
C GLY E 152 -43.40 28.61 33.59
N SER E 153 -43.07 29.88 33.39
CA SER E 153 -43.11 30.50 32.06
C SER E 153 -41.74 31.00 31.56
N THR E 154 -40.67 30.44 32.10
CA THR E 154 -39.31 30.90 31.79
C THR E 154 -38.34 29.71 31.61
N TYR E 155 -37.35 29.94 30.74
CA TYR E 155 -36.23 29.02 30.52
C TYR E 155 -35.00 29.93 30.55
N PRO E 156 -34.25 29.91 31.67
CA PRO E 156 -33.13 30.85 31.80
C PRO E 156 -31.91 30.38 31.02
N VAL E 157 -30.88 31.21 30.96
CA VAL E 157 -29.62 30.82 30.38
C VAL E 157 -29.00 29.77 31.30
N LEU E 158 -28.87 28.55 30.83
CA LEU E 158 -28.24 27.50 31.58
C LEU E 158 -26.75 27.61 31.40
N ASN E 159 -26.02 27.51 32.51
CA ASN E 159 -24.59 27.69 32.50
C ASN E 159 -24.01 26.78 33.55
N VAL E 160 -23.43 25.65 33.15
CA VAL E 160 -22.85 24.69 34.11
C VAL E 160 -21.47 24.21 33.71
N THR E 161 -20.76 23.70 34.71
CA THR E 161 -19.37 23.28 34.56
C THR E 161 -19.12 21.94 35.23
N MET E 162 -18.20 21.17 34.67
CA MET E 162 -17.81 19.89 35.23
C MET E 162 -16.34 19.62 34.89
N PRO E 163 -15.44 19.78 35.86
CA PRO E 163 -14.02 19.51 35.57
C PRO E 163 -13.72 18.03 35.58
N ASN E 164 -12.73 17.63 34.78
CA ASN E 164 -12.21 16.27 34.81
C ASN E 164 -10.95 16.23 35.67
N ASN E 165 -11.12 15.78 36.92
CA ASN E 165 -10.00 15.56 37.84
C ASN E 165 -9.58 14.11 37.94
N ASP E 166 -10.06 13.27 37.03
CA ASP E 166 -9.66 11.87 36.97
C ASP E 166 -8.46 11.74 36.03
N ASN E 167 -7.91 10.54 35.91
CA ASN E 167 -6.76 10.27 35.04
C ASN E 167 -7.14 9.51 33.75
N PHE E 168 -8.41 9.61 33.37
CA PHE E 168 -8.96 8.98 32.18
C PHE E 168 -9.79 10.01 31.43
N ASP E 169 -10.01 9.77 30.15
CA ASP E 169 -10.82 10.65 29.33
C ASP E 169 -12.30 10.38 29.58
N LYS E 170 -13.10 11.44 29.63
CA LYS E 170 -14.54 11.36 29.77
C LYS E 170 -15.20 11.64 28.45
N LEU E 171 -16.15 10.79 28.06
CA LEU E 171 -16.98 11.01 26.88
C LEU E 171 -18.37 11.48 27.31
N TYR E 172 -18.76 12.67 26.87
CA TYR E 172 -20.09 13.17 27.13
C TYR E 172 -20.92 13.14 25.86
N ILE E 173 -22.10 12.53 25.96
CA ILE E 173 -23.08 12.51 24.87
C ILE E 173 -24.17 13.48 25.22
N TRP E 174 -24.47 14.38 24.30
CA TRP E 174 -25.51 15.37 24.52
C TRP E 174 -26.23 15.60 23.22
N GLY E 175 -27.25 16.43 23.24
CA GLY E 175 -28.02 16.65 22.04
C GLY E 175 -28.70 17.98 21.98
N VAL E 176 -29.36 18.19 20.83
CA VAL E 176 -30.14 19.35 20.55
C VAL E 176 -31.49 18.91 19.97
N HIS E 177 -32.57 19.51 20.46
CA HIS E 177 -33.91 19.21 20.00
C HIS E 177 -34.34 20.19 18.93
N HIS E 178 -34.89 19.65 17.84
CA HIS E 178 -35.33 20.41 16.69
C HIS E 178 -36.85 20.31 16.64
N PRO E 179 -37.58 21.31 17.17
CA PRO E 179 -39.04 21.25 17.10
C PRO E 179 -39.57 21.31 15.67
N SER E 180 -40.79 20.81 15.48
CA SER E 180 -41.45 20.88 14.18
C SER E 180 -42.08 22.22 13.87
N THR E 181 -42.55 22.96 14.89
CA THR E 181 -43.22 24.27 14.69
C THR E 181 -42.73 25.30 15.68
N ASN E 182 -42.96 26.57 15.35
CA ASN E 182 -42.62 27.69 16.24
C ASN E 182 -43.43 27.68 17.52
N GLN E 183 -44.68 27.20 17.42
CA GLN E 183 -45.54 27.05 18.59
C GLN E 183 -44.92 26.05 19.57
N GLU E 184 -44.37 24.96 19.04
CA GLU E 184 -43.67 23.92 19.83
C GLU E 184 -42.40 24.49 20.48
N GLN E 185 -41.60 25.22 19.71
CA GLN E 185 -40.37 25.86 20.21
C GLN E 185 -40.67 26.77 21.41
N THR E 186 -41.62 27.68 21.27
CA THR E 186 -41.92 28.65 22.34
C THR E 186 -42.63 27.99 23.50
N SER E 187 -43.51 27.04 23.19
CA SER E 187 -44.17 26.25 24.23
C SER E 187 -43.19 25.52 25.13
N LEU E 188 -42.15 24.90 24.55
CA LEU E 188 -41.16 24.13 25.31
C LEU E 188 -40.05 24.96 25.92
N TYR E 189 -39.55 25.95 25.21
CA TYR E 189 -38.35 26.67 25.60
C TYR E 189 -38.46 28.19 25.76
N VAL E 190 -39.66 28.75 25.59
CA VAL E 190 -39.94 30.19 25.68
C VAL E 190 -39.30 31.01 24.57
N GLN E 191 -37.97 31.01 24.51
CA GLN E 191 -37.22 31.76 23.49
C GLN E 191 -37.56 31.22 22.10
N ALA E 192 -37.72 32.13 21.14
CA ALA E 192 -38.12 31.79 19.76
C ALA E 192 -37.03 31.02 18.98
N SER E 193 -35.80 31.17 19.42
CA SER E 193 -34.68 30.42 18.88
C SER E 193 -33.72 30.03 20.00
N GLY E 194 -33.42 28.75 20.07
CA GLY E 194 -32.51 28.24 21.09
C GLY E 194 -31.07 28.25 20.62
N ARG E 195 -30.20 27.78 21.49
CA ARG E 195 -28.78 27.66 21.19
C ARG E 195 -28.14 26.76 22.25
N VAL E 196 -27.20 25.94 21.80
CA VAL E 196 -26.45 25.07 22.68
C VAL E 196 -24.97 25.22 22.36
N THR E 197 -24.19 25.57 23.38
CA THR E 197 -22.74 25.71 23.27
C THR E 197 -22.08 24.81 24.30
N VAL E 198 -21.31 23.83 23.83
CA VAL E 198 -20.57 22.90 24.68
C VAL E 198 -19.08 23.07 24.41
N SER E 199 -18.29 23.33 25.46
CA SER E 199 -16.87 23.67 25.26
C SER E 199 -15.94 23.11 26.30
N THR E 200 -14.70 22.90 25.87
CA THR E 200 -13.58 22.64 26.75
C THR E 200 -12.65 23.85 26.67
N ARG E 201 -11.48 23.78 27.29
CA ARG E 201 -10.54 24.89 27.20
C ARG E 201 -10.11 25.22 25.78
N ARG E 202 -9.86 24.19 24.99
CA ARG E 202 -9.23 24.39 23.67
C ARG E 202 -10.20 24.30 22.49
N SER E 203 -11.40 23.74 22.68
CA SER E 203 -12.35 23.62 21.57
C SER E 203 -13.80 23.86 21.98
N GLN E 204 -14.68 23.98 20.99
CA GLN E 204 -16.08 24.27 21.21
C GLN E 204 -16.97 23.84 20.05
N GLN E 205 -18.23 23.54 20.38
CA GLN E 205 -19.25 23.26 19.38
C GLN E 205 -20.43 24.12 19.72
N THR E 206 -20.98 24.81 18.74
CA THR E 206 -22.23 25.55 18.93
C THR E 206 -23.23 25.15 17.86
N ILE E 207 -24.43 24.78 18.31
CA ILE E 207 -25.47 24.26 17.44
C ILE E 207 -26.69 25.15 17.59
N ILE E 208 -27.22 25.63 16.46
CA ILE E 208 -28.48 26.35 16.42
C ILE E 208 -29.55 25.34 15.98
N PRO E 209 -30.64 25.20 16.76
CA PRO E 209 -31.73 24.34 16.30
C PRO E 209 -32.43 24.90 15.06
N ASN E 210 -33.03 23.99 14.31
CA ASN E 210 -33.73 24.28 13.09
C ASN E 210 -35.18 23.80 13.20
N ILE E 211 -36.11 24.74 13.15
CA ILE E 211 -37.52 24.43 13.33
C ILE E 211 -38.09 23.97 12.00
N GLY E 212 -38.94 22.94 12.00
CA GLY E 212 -39.60 22.44 10.78
C GLY E 212 -40.03 20.99 10.83
N SER E 213 -41.00 20.61 9.99
CA SER E 213 -41.47 19.21 9.96
C SER E 213 -40.50 18.33 9.22
N ARG E 214 -40.23 17.17 9.83
CA ARG E 214 -39.56 16.05 9.20
C ARG E 214 -40.63 14.95 9.03
N PRO E 215 -40.30 13.85 8.33
CA PRO E 215 -41.29 12.80 8.28
C PRO E 215 -41.60 12.21 9.65
N TRP E 216 -42.84 11.83 9.80
CA TRP E 216 -43.39 11.25 11.02
C TRP E 216 -42.70 9.92 11.31
N VAL E 217 -42.08 9.83 12.47
CA VAL E 217 -41.51 8.57 12.99
C VAL E 217 -42.01 8.42 14.41
N ARG E 218 -42.69 7.31 14.67
CA ARG E 218 -43.27 7.01 15.95
C ARG E 218 -43.91 8.24 16.59
N MET E 219 -44.89 8.81 15.90
CA MET E 219 -45.75 9.86 16.47
C MET E 219 -45.15 11.28 16.43
N THR E 220 -43.95 11.47 15.88
CA THR E 220 -43.37 12.82 15.91
C THR E 220 -42.65 13.25 14.63
N SER E 221 -42.84 14.52 14.30
CA SER E 221 -42.16 15.21 13.19
C SER E 221 -40.89 15.88 13.66
N ALA E 222 -40.72 16.05 14.97
CA ALA E 222 -39.54 16.68 15.51
C ALA E 222 -38.38 15.68 15.55
N ARG E 223 -37.19 16.20 15.87
CA ARG E 223 -35.96 15.40 15.92
C ARG E 223 -35.02 15.82 17.03
N ILE E 224 -34.11 14.91 17.37
CA ILE E 224 -32.97 15.22 18.20
C ILE E 224 -31.70 15.00 17.39
N SER E 225 -30.73 15.89 17.51
CA SER E 225 -29.40 15.67 16.93
C SER E 225 -28.43 15.39 18.05
N ILE E 226 -27.61 14.35 17.87
CA ILE E 226 -26.69 13.89 18.89
C ILE E 226 -25.27 14.35 18.60
N TYR E 227 -24.63 14.93 19.61
CA TYR E 227 -23.24 15.35 19.57
C TYR E 227 -22.47 14.77 20.73
N TRP E 228 -21.14 14.83 20.64
CA TRP E 228 -20.30 14.36 21.70
C TRP E 228 -19.05 15.22 21.90
N THR E 229 -18.50 15.14 23.11
CA THR E 229 -17.36 15.92 23.54
C THR E 229 -16.53 15.05 24.45
N ILE E 230 -15.25 14.94 24.18
CA ILE E 230 -14.30 14.26 25.05
C ILE E 230 -13.56 15.29 25.89
N VAL E 231 -13.50 15.05 27.20
CA VAL E 231 -12.80 15.93 28.12
C VAL E 231 -11.63 15.14 28.69
N LYS E 232 -10.42 15.63 28.44
CA LYS E 232 -9.21 14.96 28.89
C LYS E 232 -8.88 15.33 30.33
N PRO E 233 -8.04 14.52 31.00
CA PRO E 233 -7.59 14.86 32.34
C PRO E 233 -7.04 16.26 32.43
N GLY E 234 -7.52 17.01 33.41
CA GLY E 234 -7.11 18.39 33.61
C GLY E 234 -7.90 19.39 32.81
N ASP E 235 -8.79 18.96 31.91
CA ASP E 235 -9.64 19.89 31.16
C ASP E 235 -10.97 20.06 31.90
N VAL E 236 -11.88 20.87 31.36
CA VAL E 236 -13.16 21.14 31.99
C VAL E 236 -14.25 21.22 30.90
N LEU E 237 -15.44 20.72 31.18
CA LEU E 237 -16.59 20.86 30.31
C LEU E 237 -17.39 22.08 30.77
N VAL E 238 -17.84 22.91 29.83
CA VAL E 238 -18.85 23.92 30.12
C VAL E 238 -20.01 23.74 29.13
N ILE E 239 -21.23 23.82 29.64
CA ILE E 239 -22.44 23.74 28.81
C ILE E 239 -23.22 25.01 29.04
N ASN E 240 -23.62 25.65 27.95
CA ASN E 240 -24.33 26.91 27.97
C ASN E 240 -25.48 26.86 26.99
N SER E 241 -26.69 27.18 27.43
CA SER E 241 -27.86 27.07 26.55
C SER E 241 -28.99 27.98 27.01
N ASN E 242 -29.69 28.56 26.05
CA ASN E 242 -30.94 29.29 26.34
C ASN E 242 -32.13 28.57 25.71
N GLY E 243 -32.00 27.27 25.48
CA GLY E 243 -33.09 26.46 24.94
C GLY E 243 -32.62 25.32 24.07
N ASN E 244 -33.42 24.25 24.08
CA ASN E 244 -33.28 23.10 23.16
C ASN E 244 -32.15 22.12 23.55
N LEU E 245 -31.58 22.28 24.74
CA LEU E 245 -30.55 21.37 25.21
C LEU E 245 -31.17 20.02 25.61
N ILE E 246 -30.58 18.96 25.08
CA ILE E 246 -30.79 17.61 25.57
C ILE E 246 -29.51 17.27 26.34
N ALA E 247 -29.59 17.38 27.66
CA ALA E 247 -28.41 17.39 28.53
C ALA E 247 -27.84 16.00 28.85
N PRO E 248 -26.52 15.93 29.07
CA PRO E 248 -25.95 14.67 29.56
C PRO E 248 -26.33 14.45 30.99
N ARG E 249 -26.43 13.19 31.42
CA ARG E 249 -26.60 12.84 32.83
C ARG E 249 -25.27 12.51 33.52
N GLY E 250 -24.19 12.49 32.75
CA GLY E 250 -22.90 12.01 33.21
C GLY E 250 -22.02 11.71 32.02
N TYR E 251 -21.04 10.84 32.21
CA TYR E 251 -20.08 10.57 31.17
C TYR E 251 -19.83 9.09 31.04
N PHE E 252 -19.32 8.71 29.87
CA PHE E 252 -18.86 7.36 29.62
C PHE E 252 -17.36 7.29 29.87
N LYS E 253 -16.92 6.25 30.56
CA LYS E 253 -15.52 6.06 30.83
C LYS E 253 -14.86 5.44 29.62
N MET E 254 -13.85 6.11 29.07
CA MET E 254 -13.16 5.64 27.87
C MET E 254 -11.96 4.80 28.20
N ARG E 255 -11.72 3.79 27.36
CA ARG E 255 -10.51 2.96 27.44
C ARG E 255 -9.88 2.92 26.07
N THR E 256 -8.67 2.40 26.01
CA THR E 256 -8.06 2.04 24.76
C THR E 256 -7.71 0.58 24.91
N GLY E 257 -7.59 -0.11 23.80
CA GLY E 257 -7.34 -1.54 23.79
C GLY E 257 -7.77 -2.13 22.46
N LYS E 258 -8.05 -3.44 22.46
CA LYS E 258 -8.31 -4.21 21.25
C LYS E 258 -9.77 -4.24 20.74
N SER E 259 -10.64 -3.41 21.28
CA SER E 259 -12.08 -3.58 21.02
C SER E 259 -12.48 -3.04 19.65
N SER E 260 -13.49 -3.64 19.04
CA SER E 260 -14.03 -3.19 17.76
C SER E 260 -15.51 -3.59 17.60
N ILE E 261 -16.03 -3.44 16.39
CA ILE E 261 -17.40 -3.71 16.07
C ILE E 261 -17.44 -4.34 14.69
N MET E 262 -18.42 -5.21 14.46
CA MET E 262 -18.60 -5.88 13.18
C MET E 262 -20.07 -6.08 12.89
N ARG E 263 -20.44 -5.90 11.62
CA ARG E 263 -21.79 -6.19 11.13
C ARG E 263 -21.79 -7.64 10.65
N SER E 264 -22.69 -8.44 11.20
CA SER E 264 -22.77 -9.86 10.84
C SER E 264 -24.08 -10.44 11.31
N ASP E 265 -24.57 -11.40 10.55
CA ASP E 265 -25.73 -12.17 10.96
C ASP E 265 -25.34 -13.61 11.29
N ALA E 266 -24.04 -13.92 11.37
CA ALA E 266 -23.62 -15.26 11.75
C ALA E 266 -23.97 -15.53 13.22
N PRO E 267 -24.45 -16.73 13.54
CA PRO E 267 -24.71 -17.03 14.96
C PRO E 267 -23.43 -17.26 15.77
N ILE E 268 -23.50 -17.02 17.07
CA ILE E 268 -22.40 -17.21 18.01
C ILE E 268 -22.47 -18.65 18.55
N ASP E 269 -21.34 -19.33 18.59
CA ASP E 269 -21.27 -20.74 18.99
C ASP E 269 -20.15 -20.93 20.03
N THR E 270 -20.21 -22.02 20.79
CA THR E 270 -19.15 -22.37 21.75
C THR E 270 -18.01 -23.10 21.05
N CYS E 271 -16.94 -22.37 20.75
CA CYS E 271 -15.73 -22.94 20.13
C CYS E 271 -14.60 -21.91 20.31
N ILE E 272 -13.42 -22.24 19.82
CA ILE E 272 -12.25 -21.39 19.94
C ILE E 272 -11.71 -21.04 18.56
N SER E 273 -11.63 -19.73 18.28
CA SER E 273 -11.01 -19.24 17.05
C SER E 273 -10.48 -17.82 17.22
N GLU E 274 -9.22 -17.63 16.90
CA GLU E 274 -8.57 -16.33 16.97
C GLU E 274 -9.13 -15.33 15.96
N CYS E 275 -9.51 -15.82 14.78
CA CYS E 275 -9.91 -14.97 13.66
C CYS E 275 -11.41 -15.00 13.41
N ILE E 276 -12.01 -13.81 13.31
CA ILE E 276 -13.44 -13.68 13.09
C ILE E 276 -13.69 -12.84 11.85
N THR E 277 -14.61 -13.31 11.00
CA THR E 277 -15.12 -12.56 9.86
C THR E 277 -16.64 -12.48 9.98
N PRO E 278 -17.28 -11.60 9.18
CA PRO E 278 -18.76 -11.59 9.17
C PRO E 278 -19.43 -12.88 8.70
N ASN E 279 -18.70 -13.68 7.93
CA ASN E 279 -19.14 -15.00 7.50
C ASN E 279 -19.04 -16.05 8.59
N GLY E 280 -18.28 -15.72 9.64
CA GLY E 280 -18.01 -16.64 10.73
C GLY E 280 -16.51 -16.65 10.98
N SER E 281 -16.12 -17.45 11.95
CA SER E 281 -14.74 -17.65 12.28
C SER E 281 -14.05 -18.45 11.20
N ILE E 282 -12.75 -18.22 11.03
CA ILE E 282 -11.93 -19.00 10.11
C ILE E 282 -10.67 -19.44 10.80
N PRO E 283 -10.14 -20.61 10.43
CA PRO E 283 -8.81 -20.99 10.91
C PRO E 283 -7.73 -20.01 10.43
N ASN E 284 -6.64 -19.90 11.17
CA ASN E 284 -5.53 -19.04 10.82
C ASN E 284 -4.19 -19.76 10.69
N ASP E 285 -4.23 -21.04 10.29
CA ASP E 285 -2.98 -21.76 9.99
C ASP E 285 -2.39 -21.35 8.62
N LYS E 286 -3.21 -20.79 7.73
CA LYS E 286 -2.75 -20.35 6.41
C LYS E 286 -2.46 -18.87 6.39
N PRO E 287 -1.49 -18.42 5.58
CA PRO E 287 -1.11 -17.01 5.58
C PRO E 287 -2.08 -16.08 4.86
N PHE E 288 -2.90 -16.60 3.94
CA PHE E 288 -3.83 -15.80 3.18
C PHE E 288 -5.26 -16.33 3.32
N GLN E 289 -6.24 -15.47 3.06
CA GLN E 289 -7.63 -15.89 3.06
C GLN E 289 -8.44 -15.10 2.05
N ASN E 290 -9.50 -15.71 1.57
CA ASN E 290 -10.36 -15.16 0.54
C ASN E 290 -11.81 -15.09 1.04
N VAL E 291 -12.01 -15.20 2.34
CA VAL E 291 -13.34 -15.26 2.89
C VAL E 291 -13.96 -13.87 2.96
N ASN E 292 -13.26 -12.93 3.56
CA ASN E 292 -13.79 -11.58 3.70
C ASN E 292 -12.68 -10.64 4.06
N LYS E 293 -12.71 -9.47 3.42
CA LYS E 293 -11.73 -8.42 3.70
C LYS E 293 -11.94 -7.80 5.07
N ILE E 294 -13.14 -7.96 5.64
CA ILE E 294 -13.42 -7.56 7.01
C ILE E 294 -13.03 -8.70 7.94
N THR E 295 -12.08 -8.43 8.84
CA THR E 295 -11.67 -9.41 9.84
C THR E 295 -11.34 -8.75 11.17
N TYR E 296 -11.31 -9.58 12.21
CA TYR E 296 -10.94 -9.20 13.56
C TYR E 296 -10.11 -10.32 14.18
N GLY E 297 -8.97 -9.96 14.77
CA GLY E 297 -8.11 -10.89 15.48
C GLY E 297 -6.89 -11.30 14.67
N ALA E 298 -6.29 -12.43 15.05
CA ALA E 298 -5.10 -12.92 14.38
C ALA E 298 -5.55 -13.68 13.13
N CYS E 299 -5.47 -13.02 11.97
CA CYS E 299 -6.09 -13.50 10.76
C CYS E 299 -5.09 -13.65 9.62
N PRO E 300 -5.36 -14.57 8.67
CA PRO E 300 -4.64 -14.52 7.42
C PRO E 300 -4.98 -13.21 6.70
N LYS E 301 -4.06 -12.76 5.83
CA LYS E 301 -4.27 -11.55 5.06
C LYS E 301 -5.26 -11.82 3.91
N TYR E 302 -6.16 -10.87 3.66
CA TYR E 302 -7.11 -11.01 2.57
C TYR E 302 -6.43 -10.84 1.19
N VAL E 303 -6.71 -11.77 0.29
CA VAL E 303 -6.24 -11.73 -1.08
C VAL E 303 -7.40 -12.07 -2.01
N LYS E 304 -7.26 -11.74 -3.30
CA LYS E 304 -8.29 -12.01 -4.29
C LYS E 304 -8.31 -13.44 -4.78
N GLN E 305 -7.20 -14.16 -4.73
CA GLN E 305 -7.14 -15.52 -5.25
C GLN E 305 -7.97 -16.44 -4.36
N ASN E 306 -8.71 -17.37 -4.95
CA ASN E 306 -9.36 -18.39 -4.12
C ASN E 306 -8.50 -19.63 -3.85
N THR E 307 -7.37 -19.77 -4.55
CA THR E 307 -6.43 -20.85 -4.27
C THR E 307 -5.01 -20.44 -4.64
N LEU E 308 -4.05 -20.83 -3.81
CA LEU E 308 -2.65 -20.71 -4.14
C LEU E 308 -1.92 -21.90 -3.55
N LYS E 309 -1.27 -22.67 -4.40
CA LYS E 309 -0.66 -23.92 -3.99
C LYS E 309 0.84 -23.75 -3.86
N LEU E 310 1.36 -24.05 -2.68
CA LEU E 310 2.80 -24.12 -2.43
C LEU E 310 3.25 -25.56 -2.63
N ALA E 311 4.12 -25.77 -3.61
CA ALA E 311 4.67 -27.09 -3.91
C ALA E 311 5.42 -27.60 -2.70
N THR E 312 5.15 -28.84 -2.32
CA THR E 312 5.81 -29.49 -1.20
C THR E 312 6.47 -30.79 -1.68
N GLY E 313 6.75 -30.85 -2.97
CA GLY E 313 7.41 -32.00 -3.55
C GLY E 313 8.00 -31.68 -4.91
N MET E 314 8.77 -32.64 -5.43
CA MET E 314 9.41 -32.49 -6.72
C MET E 314 8.43 -32.54 -7.87
N ARG E 315 8.96 -32.21 -9.03
CA ARG E 315 8.28 -32.36 -10.31
C ARG E 315 7.79 -33.81 -10.48
N ASN E 316 6.52 -33.99 -10.83
CA ASN E 316 5.94 -35.32 -11.00
C ASN E 316 6.00 -35.77 -12.45
N VAL E 317 6.79 -36.82 -12.70
CA VAL E 317 6.98 -37.38 -14.04
C VAL E 317 6.58 -38.85 -13.95
N PRO E 318 5.30 -39.17 -14.23
CA PRO E 318 4.85 -40.55 -14.02
C PRO E 318 5.36 -41.54 -15.09
N GLU E 319 5.14 -42.83 -14.83
CA GLU E 319 5.75 -43.95 -15.62
C GLU E 319 5.04 -44.22 -16.96
N GLY F 1 13.98 -28.59 -14.55
CA GLY F 1 14.78 -27.70 -13.66
C GLY F 1 16.18 -27.38 -14.19
N LEU F 2 16.91 -26.62 -13.38
CA LEU F 2 18.20 -26.10 -13.78
C LEU F 2 19.31 -27.14 -13.93
N PHE F 3 19.16 -28.30 -13.30
CA PHE F 3 20.20 -29.34 -13.33
C PHE F 3 19.96 -30.45 -14.34
N GLY F 4 18.72 -30.56 -14.82
CA GLY F 4 18.41 -31.45 -15.92
C GLY F 4 18.44 -32.91 -15.60
N ALA F 5 18.25 -33.27 -14.33
CA ALA F 5 18.11 -34.66 -13.94
C ALA F 5 16.64 -35.03 -14.00
N ILE F 6 15.84 -34.40 -13.14
CA ILE F 6 14.41 -34.70 -13.05
C ILE F 6 13.71 -34.08 -14.25
N ALA F 7 12.96 -34.91 -14.98
CA ALA F 7 12.38 -34.54 -16.28
C ALA F 7 13.46 -34.13 -17.28
N GLY F 8 14.62 -34.76 -17.18
CA GLY F 8 15.78 -34.44 -18.02
C GLY F 8 16.41 -35.73 -18.46
N PHE F 9 17.63 -36.01 -18.00
CA PHE F 9 18.33 -37.25 -18.40
C PHE F 9 17.75 -38.49 -17.71
N ILE F 10 17.02 -38.29 -16.62
CA ILE F 10 16.22 -39.35 -16.02
C ILE F 10 14.83 -39.24 -16.61
N GLU F 11 14.47 -40.24 -17.43
CA GLU F 11 13.23 -40.24 -18.22
C GLU F 11 11.98 -39.97 -17.39
N ASN F 12 11.89 -40.63 -16.25
CA ASN F 12 10.71 -40.53 -15.41
C ASN F 12 10.94 -41.00 -14.00
N GLY F 13 9.95 -40.76 -13.15
CA GLY F 13 9.97 -41.22 -11.77
C GLY F 13 9.48 -42.66 -11.60
N TRP F 14 9.61 -43.17 -10.38
CA TRP F 14 9.20 -44.51 -10.02
C TRP F 14 8.03 -44.47 -9.07
N GLU F 15 6.84 -44.83 -9.56
CA GLU F 15 5.67 -44.98 -8.70
C GLU F 15 5.85 -46.06 -7.63
N GLY F 16 6.66 -47.07 -7.94
CA GLY F 16 6.98 -48.15 -7.01
C GLY F 16 7.73 -47.75 -5.75
N MET F 17 8.48 -46.65 -5.80
CA MET F 17 9.25 -46.22 -4.64
C MET F 17 8.41 -45.39 -3.67
N ILE F 18 7.91 -46.08 -2.63
CA ILE F 18 7.04 -45.47 -1.61
C ILE F 18 7.75 -45.16 -0.29
N ASP F 19 8.99 -45.62 -0.13
CA ASP F 19 9.77 -45.44 1.11
C ASP F 19 10.84 -44.33 1.01
N GLY F 20 10.76 -43.49 -0.02
CA GLY F 20 11.78 -42.46 -0.23
C GLY F 20 11.54 -41.65 -1.48
N TRP F 21 12.22 -40.52 -1.59
CA TRP F 21 12.06 -39.60 -2.73
C TRP F 21 13.06 -39.87 -3.83
N TYR F 22 14.27 -40.29 -3.46
CA TYR F 22 15.34 -40.63 -4.38
C TYR F 22 15.85 -42.01 -4.01
N GLY F 23 16.47 -42.71 -4.96
CA GLY F 23 17.05 -44.02 -4.65
C GLY F 23 17.62 -44.80 -5.81
N PHE F 24 17.84 -46.09 -5.57
CA PHE F 24 18.59 -46.96 -6.46
C PHE F 24 17.77 -48.16 -6.95
N ARG F 25 17.95 -48.49 -8.22
CA ARG F 25 17.57 -49.79 -8.79
C ARG F 25 18.78 -50.46 -9.42
N HIS F 26 18.85 -51.78 -9.30
CA HIS F 26 20.00 -52.52 -9.85
C HIS F 26 19.58 -53.79 -10.56
N GLN F 27 20.42 -54.22 -11.50
CA GLN F 27 20.43 -55.58 -12.02
C GLN F 27 21.84 -56.15 -11.83
N ASN F 28 21.92 -57.34 -11.23
CA ASN F 28 23.16 -58.10 -11.13
C ASN F 28 22.88 -59.59 -11.35
N SER F 29 23.86 -60.47 -11.17
CA SER F 29 23.67 -61.91 -11.34
C SER F 29 22.55 -62.49 -10.44
N GLU F 30 22.42 -61.96 -9.22
CA GLU F 30 21.42 -62.43 -8.24
C GLU F 30 19.97 -61.94 -8.45
N GLY F 31 19.74 -61.00 -9.37
CA GLY F 31 18.39 -60.51 -9.68
C GLY F 31 18.30 -59.01 -9.66
N THR F 32 17.09 -58.48 -9.46
CA THR F 32 16.87 -57.04 -9.38
C THR F 32 16.32 -56.61 -8.04
N GLY F 33 16.41 -55.32 -7.75
CA GLY F 33 15.92 -54.76 -6.49
C GLY F 33 15.94 -53.25 -6.41
N GLN F 34 15.36 -52.73 -5.35
CA GLN F 34 15.15 -51.30 -5.16
C GLN F 34 15.42 -50.88 -3.71
N ALA F 35 16.04 -49.72 -3.54
CA ALA F 35 16.23 -49.14 -2.21
C ALA F 35 16.22 -47.61 -2.24
N ALA F 36 15.52 -47.02 -1.27
CA ALA F 36 15.53 -45.57 -1.06
C ALA F 36 16.88 -45.13 -0.55
N ASP F 37 17.29 -43.91 -0.93
CA ASP F 37 18.43 -43.22 -0.30
C ASP F 37 17.87 -42.22 0.70
N LEU F 38 18.13 -42.49 1.97
CA LEU F 38 17.56 -41.73 3.08
C LEU F 38 18.11 -40.30 3.13
N LYS F 39 19.39 -40.14 2.80
CA LYS F 39 20.12 -38.88 3.02
C LYS F 39 19.67 -37.74 2.09
N SER F 40 19.60 -38.05 0.79
CA SER F 40 19.12 -37.11 -0.22
C SER F 40 17.64 -36.80 -0.02
N THR F 41 16.85 -37.83 0.26
CA THR F 41 15.43 -37.69 0.57
C THR F 41 15.22 -36.72 1.72
N GLN F 42 16.01 -36.87 2.76
CA GLN F 42 15.89 -36.02 3.95
C GLN F 42 16.33 -34.58 3.68
N ALA F 43 17.42 -34.39 2.95
CA ALA F 43 17.89 -33.06 2.56
C ALA F 43 16.84 -32.23 1.82
N ALA F 44 16.07 -32.89 0.95
CA ALA F 44 14.99 -32.24 0.22
C ALA F 44 13.82 -31.90 1.15
N ILE F 45 13.39 -32.88 1.94
CA ILE F 45 12.28 -32.70 2.86
C ILE F 45 12.59 -31.61 3.88
N ASP F 46 13.81 -31.60 4.42
CA ASP F 46 14.20 -30.58 5.42
C ASP F 46 14.16 -29.17 4.85
N GLN F 47 14.62 -29.00 3.62
CA GLN F 47 14.55 -27.71 2.93
C GLN F 47 13.10 -27.29 2.65
N ILE F 48 12.27 -28.24 2.25
CA ILE F 48 10.88 -27.93 1.97
C ILE F 48 10.13 -27.59 3.25
N ASN F 49 10.38 -28.34 4.32
CA ASN F 49 9.80 -28.01 5.63
C ASN F 49 10.25 -26.64 6.10
N GLY F 50 11.52 -26.32 5.87
CA GLY F 50 12.06 -25.02 6.23
C GLY F 50 11.28 -23.89 5.57
N LYS F 51 11.10 -23.97 4.25
CA LYS F 51 10.37 -22.93 3.53
C LYS F 51 8.86 -22.87 3.87
N LEU F 52 8.26 -24.04 4.08
CA LEU F 52 6.87 -24.12 4.50
C LEU F 52 6.66 -23.39 5.84
N ASN F 53 7.51 -23.65 6.82
CA ASN F 53 7.42 -22.99 8.12
C ASN F 53 7.68 -21.48 8.07
N ARG F 54 8.58 -21.03 7.20
CA ARG F 54 8.79 -19.59 6.97
C ARG F 54 7.55 -18.92 6.38
N VAL F 55 6.89 -19.61 5.45
CA VAL F 55 5.69 -19.08 4.80
C VAL F 55 4.46 -19.01 5.72
N ILE F 56 4.24 -20.02 6.54
CA ILE F 56 3.06 -20.05 7.43
C ILE F 56 3.31 -19.42 8.82
N GLU F 57 4.36 -18.61 8.91
CA GLU F 57 4.75 -17.90 10.13
C GLU F 57 3.72 -16.78 10.33
N LYS F 58 2.93 -16.89 11.39
CA LYS F 58 1.85 -15.93 11.67
C LYS F 58 2.42 -14.55 11.95
N THR F 59 1.99 -13.54 11.21
CA THR F 59 2.55 -12.20 11.39
C THR F 59 1.57 -11.08 11.61
N ASN F 60 0.29 -11.23 11.28
CA ASN F 60 -0.61 -10.09 11.46
C ASN F 60 -1.75 -10.40 12.41
N GLU F 61 -1.98 -9.44 13.29
CA GLU F 61 -3.06 -9.44 14.22
C GLU F 61 -3.61 -8.02 14.26
N LYS F 62 -4.84 -7.84 13.80
CA LYS F 62 -5.47 -6.53 13.68
C LYS F 62 -6.79 -6.52 14.41
N PHE F 63 -7.12 -5.38 14.99
CA PHE F 63 -8.32 -5.20 15.79
C PHE F 63 -9.22 -4.15 15.13
N HIS F 64 -9.37 -2.97 15.72
CA HIS F 64 -10.18 -1.93 15.12
C HIS F 64 -9.48 -1.38 13.88
N GLN F 65 -10.19 -1.35 12.75
CA GLN F 65 -9.64 -0.92 11.46
C GLN F 65 -10.62 0.11 10.86
N ILE F 66 -10.66 0.25 9.56
CA ILE F 66 -11.64 1.13 8.89
C ILE F 66 -12.84 0.30 8.46
N GLU F 67 -13.97 0.97 8.25
CA GLU F 67 -15.10 0.35 7.60
C GLU F 67 -14.78 0.04 6.14
N LYS F 68 -15.30 -1.09 5.67
CA LYS F 68 -15.04 -1.56 4.32
C LYS F 68 -16.27 -1.85 3.49
N GLU F 69 -17.46 -1.76 4.08
CA GLU F 69 -18.74 -1.84 3.38
C GLU F 69 -19.58 -0.71 3.89
N PHE F 70 -20.47 -0.19 3.05
CA PHE F 70 -21.18 1.04 3.33
C PHE F 70 -22.59 0.90 2.79
N SER F 71 -23.57 1.32 3.58
CA SER F 71 -24.97 1.22 3.20
C SER F 71 -25.48 2.48 2.48
N GLU F 72 -24.75 3.58 2.59
CA GLU F 72 -25.10 4.88 1.98
C GLU F 72 -24.01 5.36 1.01
N VAL F 73 -24.43 6.11 0.01
CA VAL F 73 -23.53 6.88 -0.83
C VAL F 73 -23.14 8.14 -0.06
N GLU F 74 -21.85 8.40 0.02
CA GLU F 74 -21.33 9.58 0.73
C GLU F 74 -20.39 10.48 -0.05
N GLY F 75 -19.69 9.93 -1.02
CA GLY F 75 -18.75 10.72 -1.83
C GLY F 75 -17.30 10.56 -1.39
N ARG F 76 -16.63 11.70 -1.21
CA ARG F 76 -15.17 11.81 -1.11
C ARG F 76 -14.49 10.93 -0.04
N ILE F 77 -14.97 11.00 1.19
CA ILE F 77 -14.38 10.22 2.29
C ILE F 77 -14.48 8.71 2.01
N GLN F 78 -15.65 8.29 1.53
CA GLN F 78 -15.90 6.89 1.24
C GLN F 78 -15.08 6.43 0.03
N ASP F 79 -14.93 7.28 -0.98
CA ASP F 79 -14.07 6.95 -2.15
C ASP F 79 -12.65 6.65 -1.69
N LEU F 80 -12.15 7.46 -0.77
CA LEU F 80 -10.82 7.26 -0.21
C LEU F 80 -10.66 5.99 0.64
N GLU F 81 -11.63 5.74 1.54
CA GLU F 81 -11.69 4.49 2.32
C GLU F 81 -11.65 3.25 1.41
N LYS F 82 -12.46 3.25 0.37
CA LYS F 82 -12.49 2.12 -0.55
C LYS F 82 -11.21 1.96 -1.35
N TYR F 83 -10.68 3.09 -1.81
CA TYR F 83 -9.46 3.10 -2.59
C TYR F 83 -8.31 2.57 -1.76
N VAL F 84 -8.26 2.96 -0.47
CA VAL F 84 -7.21 2.49 0.43
C VAL F 84 -7.27 0.98 0.57
N GLU F 85 -8.47 0.44 0.79
CA GLU F 85 -8.62 -1.00 0.97
C GLU F 85 -8.32 -1.78 -0.31
N ASP F 86 -8.84 -1.31 -1.43
CA ASP F 86 -8.58 -1.92 -2.73
C ASP F 86 -7.05 -1.92 -3.10
N THR F 87 -6.37 -0.82 -2.82
CA THR F 87 -4.90 -0.72 -3.00
C THR F 87 -4.15 -1.77 -2.17
N LYS F 88 -4.54 -1.88 -0.90
CA LYS F 88 -3.96 -2.86 0.01
C LYS F 88 -4.15 -4.28 -0.52
N ILE F 89 -5.37 -4.61 -0.90
CA ILE F 89 -5.72 -5.95 -1.32
C ILE F 89 -4.96 -6.37 -2.56
N ASP F 90 -4.84 -5.44 -3.52
CA ASP F 90 -4.09 -5.71 -4.74
C ASP F 90 -2.61 -5.93 -4.47
N LEU F 91 -2.02 -5.13 -3.60
CA LEU F 91 -0.60 -5.29 -3.26
C LEU F 91 -0.36 -6.61 -2.54
N TRP F 92 -1.25 -6.96 -1.62
CA TRP F 92 -1.14 -8.24 -0.93
C TRP F 92 -1.37 -9.41 -1.88
N SER F 93 -2.34 -9.30 -2.78
CA SER F 93 -2.61 -10.36 -3.76
C SER F 93 -1.39 -10.58 -4.65
N TYR F 94 -0.76 -9.49 -5.05
CA TYR F 94 0.47 -9.55 -5.85
C TYR F 94 1.58 -10.25 -5.07
N ASN F 95 1.74 -9.90 -3.80
CA ASN F 95 2.77 -10.51 -2.99
C ASN F 95 2.56 -12.00 -2.88
N ALA F 96 1.31 -12.41 -2.68
CA ALA F 96 0.97 -13.82 -2.59
C ALA F 96 1.33 -14.57 -3.88
N GLU F 97 0.95 -14.00 -5.02
CA GLU F 97 1.22 -14.56 -6.34
C GLU F 97 2.72 -14.71 -6.60
N LEU F 98 3.48 -13.66 -6.34
CA LEU F 98 4.92 -13.71 -6.54
C LEU F 98 5.59 -14.72 -5.62
N LEU F 99 5.17 -14.71 -4.35
CA LEU F 99 5.78 -15.57 -3.34
C LEU F 99 5.70 -17.01 -3.80
N VAL F 100 4.53 -17.45 -4.22
CA VAL F 100 4.34 -18.84 -4.57
C VAL F 100 5.12 -19.20 -5.82
N ALA F 101 5.12 -18.30 -6.79
CA ALA F 101 5.84 -18.54 -8.03
C ALA F 101 7.33 -18.74 -7.77
N LEU F 102 7.94 -17.82 -7.01
CA LEU F 102 9.37 -17.93 -6.64
C LEU F 102 9.66 -19.17 -5.81
N GLU F 103 8.83 -19.39 -4.79
CA GLU F 103 8.97 -20.57 -3.94
C GLU F 103 8.92 -21.85 -4.77
N ASN F 104 7.95 -21.95 -5.67
CA ASN F 104 7.72 -23.18 -6.43
C ASN F 104 8.80 -23.43 -7.46
N GLN F 105 9.27 -22.37 -8.13
CA GLN F 105 10.39 -22.48 -9.04
C GLN F 105 11.60 -23.02 -8.30
N HIS F 106 11.85 -22.48 -7.11
CA HIS F 106 12.98 -22.89 -6.29
C HIS F 106 12.86 -24.33 -5.77
N THR F 107 11.66 -24.74 -5.37
CA THR F 107 11.39 -26.12 -4.91
C THR F 107 11.64 -27.15 -6.02
N ILE F 108 11.19 -26.84 -7.23
CA ILE F 108 11.47 -27.68 -8.39
C ILE F 108 12.99 -27.75 -8.64
N ASP F 109 13.68 -26.61 -8.57
CA ASP F 109 15.13 -26.58 -8.78
C ASP F 109 15.94 -27.29 -7.68
N LEU F 110 15.56 -27.15 -6.43
CA LEU F 110 16.31 -27.81 -5.34
C LEU F 110 16.10 -29.32 -5.32
N THR F 111 14.92 -29.80 -5.71
CA THR F 111 14.68 -31.23 -5.79
C THR F 111 15.45 -31.85 -6.95
N ASP F 112 15.49 -31.14 -8.07
CA ASP F 112 16.29 -31.52 -9.25
C ASP F 112 17.78 -31.55 -8.85
N SER F 113 18.19 -30.53 -8.09
CA SER F 113 19.54 -30.45 -7.55
C SER F 113 19.94 -31.64 -6.70
N GLU F 114 19.06 -32.07 -5.78
CA GLU F 114 19.37 -33.22 -4.94
C GLU F 114 19.53 -34.51 -5.73
N MET F 115 18.72 -34.68 -6.78
CA MET F 115 18.83 -35.86 -7.67
C MET F 115 20.22 -35.87 -8.30
N ASN F 116 20.59 -34.73 -8.85
CA ASN F 116 21.90 -34.55 -9.45
C ASN F 116 23.04 -34.76 -8.45
N LYS F 117 22.91 -34.24 -7.23
CA LYS F 117 23.92 -34.45 -6.20
C LYS F 117 24.14 -35.93 -5.93
N LEU F 118 23.06 -36.70 -5.87
CA LEU F 118 23.15 -38.13 -5.58
C LEU F 118 23.83 -38.85 -6.74
N PHE F 119 23.45 -38.48 -7.95
CA PHE F 119 24.05 -39.03 -9.14
C PHE F 119 25.56 -38.78 -9.22
N GLU F 120 26.01 -37.55 -8.95
CA GLU F 120 27.44 -37.22 -9.04
C GLU F 120 28.25 -37.86 -7.91
N LYS F 121 27.62 -38.00 -6.74
CA LYS F 121 28.23 -38.66 -5.59
C LYS F 121 28.48 -40.13 -5.88
N THR F 122 27.51 -40.78 -6.53
CA THR F 122 27.60 -42.19 -6.88
C THR F 122 28.72 -42.40 -7.92
N GLY F 123 28.74 -41.58 -8.97
CA GLY F 123 29.77 -41.63 -10.01
C GLY F 123 31.18 -41.50 -9.45
N ARG F 124 31.38 -40.53 -8.57
CA ARG F 124 32.64 -40.33 -7.85
C ARG F 124 33.05 -41.48 -6.94
N GLN F 125 32.06 -42.16 -6.38
CA GLN F 125 32.29 -43.34 -5.55
C GLN F 125 32.87 -44.49 -6.39
N LEU F 126 32.28 -44.71 -7.55
CA LEU F 126 32.66 -45.80 -8.45
C LEU F 126 34.01 -45.60 -9.17
N ARG F 127 34.55 -44.37 -9.16
CA ARG F 127 35.85 -44.07 -9.77
C ARG F 127 35.95 -44.61 -11.20
N GLU F 128 36.90 -45.50 -11.49
CA GLU F 128 37.11 -46.01 -12.85
C GLU F 128 36.45 -47.38 -13.07
N ASN F 129 35.62 -47.82 -12.13
CA ASN F 129 34.99 -49.15 -12.22
C ASN F 129 33.58 -49.13 -12.85
N ALA F 130 33.15 -47.96 -13.37
CA ALA F 130 31.83 -47.84 -13.99
C ALA F 130 31.80 -46.69 -14.99
N GLU F 131 30.78 -46.71 -15.85
CA GLU F 131 30.59 -45.63 -16.83
C GLU F 131 29.16 -45.12 -16.83
N ASP F 132 29.02 -43.82 -17.00
CA ASP F 132 27.71 -43.16 -17.12
C ASP F 132 27.07 -43.51 -18.47
N MET F 133 25.96 -44.26 -18.43
CA MET F 133 25.21 -44.59 -19.65
C MET F 133 24.52 -43.36 -20.27
N GLY F 134 24.11 -42.41 -19.42
CA GLY F 134 23.48 -41.16 -19.88
C GLY F 134 21.99 -41.03 -19.57
N ASN F 135 21.42 -42.05 -18.93
CA ASN F 135 19.99 -42.13 -18.60
C ASN F 135 19.78 -42.29 -17.09
N GLY F 136 20.78 -41.88 -16.31
CA GLY F 136 20.76 -42.08 -14.87
C GLY F 136 21.28 -43.41 -14.38
N CYS F 137 21.82 -44.24 -15.28
CA CYS F 137 22.34 -45.57 -14.90
C CYS F 137 23.84 -45.66 -15.14
N PHE F 138 24.53 -46.31 -14.19
CA PHE F 138 25.92 -46.69 -14.39
C PHE F 138 25.99 -48.15 -14.79
N LYS F 139 26.78 -48.44 -15.81
CA LYS F 139 27.19 -49.80 -16.12
C LYS F 139 28.44 -50.09 -15.30
N ILE F 140 28.33 -51.04 -14.38
CA ILE F 140 29.44 -51.42 -13.52
C ILE F 140 30.15 -52.60 -14.19
N TYR F 141 31.48 -52.49 -14.35
CA TYR F 141 32.25 -53.46 -15.13
C TYR F 141 32.92 -54.53 -14.27
N HIS F 142 32.20 -55.04 -13.28
CA HIS F 142 32.69 -56.15 -12.47
C HIS F 142 31.52 -56.87 -11.79
N LYS F 143 31.80 -58.03 -11.23
CA LYS F 143 30.77 -58.80 -10.53
C LYS F 143 30.44 -58.08 -9.22
N CYS F 144 29.21 -57.57 -9.13
CA CYS F 144 28.74 -56.85 -7.97
C CYS F 144 27.53 -57.59 -7.40
N ASP F 145 27.81 -58.50 -6.47
CA ASP F 145 26.79 -59.22 -5.71
C ASP F 145 26.02 -58.31 -4.75
N ASN F 146 24.90 -58.79 -4.22
CA ASN F 146 24.01 -57.97 -3.39
C ASN F 146 24.72 -57.23 -2.24
N ALA F 147 25.74 -57.86 -1.66
CA ALA F 147 26.57 -57.23 -0.62
C ALA F 147 27.34 -56.01 -1.14
N CYS F 148 27.83 -56.10 -2.38
CA CYS F 148 28.58 -55.03 -3.06
C CYS F 148 27.65 -53.85 -3.38
N ILE F 149 26.45 -54.15 -3.88
CA ILE F 149 25.46 -53.11 -4.19
C ILE F 149 25.11 -52.33 -2.92
N GLU F 150 24.77 -53.06 -1.84
CA GLU F 150 24.49 -52.41 -0.55
C GLU F 150 25.68 -51.56 -0.06
N SER F 151 26.90 -51.98 -0.39
CA SER F 151 28.11 -51.19 -0.06
C SER F 151 28.15 -49.85 -0.81
N ILE F 152 27.66 -49.85 -2.06
CA ILE F 152 27.55 -48.62 -2.84
C ILE F 152 26.50 -47.72 -2.21
N ARG F 153 25.36 -48.30 -1.86
CA ARG F 153 24.24 -47.54 -1.33
C ARG F 153 24.47 -46.95 0.07
N ASN F 154 25.20 -47.67 0.93
CA ASN F 154 25.51 -47.15 2.29
C ASN F 154 26.93 -46.56 2.45
N GLY F 155 27.57 -46.23 1.33
CA GLY F 155 28.81 -45.45 1.33
C GLY F 155 30.12 -46.15 1.71
N THR F 156 30.18 -47.47 1.58
CA THR F 156 31.36 -48.27 2.02
C THR F 156 32.03 -49.06 0.90
N TYR F 157 31.73 -48.72 -0.36
CA TYR F 157 32.30 -49.39 -1.53
C TYR F 157 33.75 -48.94 -1.71
N ASP F 158 34.69 -49.87 -1.52
CA ASP F 158 36.10 -49.64 -1.79
C ASP F 158 36.33 -49.94 -3.26
N HIS F 159 36.67 -48.90 -4.04
CA HIS F 159 36.89 -49.06 -5.47
C HIS F 159 38.19 -49.81 -5.81
N ASP F 160 39.20 -49.74 -4.93
CA ASP F 160 40.50 -50.42 -5.19
C ASP F 160 40.38 -51.94 -5.28
N VAL F 161 39.47 -52.52 -4.50
CA VAL F 161 39.21 -53.96 -4.47
C VAL F 161 38.92 -54.50 -5.88
N TYR F 162 38.00 -53.83 -6.57
CA TYR F 162 37.49 -54.28 -7.87
C TYR F 162 38.13 -53.60 -9.10
N ARG F 163 39.11 -52.73 -8.90
CA ARG F 163 39.64 -51.86 -9.98
C ARG F 163 40.27 -52.64 -11.16
N ASP F 164 41.20 -53.56 -10.86
CA ASP F 164 41.87 -54.37 -11.89
C ASP F 164 40.88 -55.21 -12.71
N GLU F 165 39.96 -55.88 -12.02
CA GLU F 165 38.88 -56.62 -12.67
C GLU F 165 38.13 -55.71 -13.64
N ALA F 166 37.77 -54.52 -13.18
CA ALA F 166 36.94 -53.60 -13.95
C ALA F 166 37.70 -52.90 -15.08
N LEU F 167 38.90 -52.43 -14.80
CA LEU F 167 39.76 -51.79 -15.80
C LEU F 167 39.99 -52.69 -17.02
N ASN F 168 40.22 -53.98 -16.76
CA ASN F 168 40.40 -54.97 -17.82
C ASN F 168 39.14 -55.15 -18.68
N ASN F 169 37.99 -55.32 -18.02
CA ASN F 169 36.69 -55.40 -18.70
C ASN F 169 36.31 -54.16 -19.52
N ARG F 170 36.76 -52.97 -19.08
CA ARG F 170 36.50 -51.71 -19.81
C ARG F 170 37.43 -51.51 -21.01
N PHE F 171 38.73 -51.75 -20.78
CA PHE F 171 39.80 -51.53 -21.77
C PHE F 171 40.46 -52.86 -22.14
#